data_6YVD
#
_entry.id   6YVD
#
_cell.length_a   1.00
_cell.length_b   1.00
_cell.length_c   1.00
_cell.angle_alpha   90.00
_cell.angle_beta   90.00
_cell.angle_gamma   90.00
#
_symmetry.space_group_name_H-M   'P 1'
#
loop_
_entity.id
_entity.type
_entity.pdbx_description
1 polymer 'Condensin complex subunit 2'
2 polymer 'Condensin complex subunit 3'
3 polymer 'Structural maintenance of chromosomes protein 2'
4 polymer 'Structural maintenance of chromosomes protein 4'
#
loop_
_entity_poly.entity_id
_entity_poly.type
_entity_poly.pdbx_seq_one_letter_code
_entity_poly.pdbx_strand_id
1 'polypeptide(L)'
;MTTQLRYENNDDDERVEYNLFTNRSTMMANFEEWIKMATDNKINSRNSWNFALIDYFYDLDVLKDGENNINFQKASATLD
GCIKIYSSRVDSVTTETGKLLSGLAQRKTNGASNGDDSNGGNGEGLGGDSDEANIEIDPLTGMPISNDPDVNNTRRRVYN
RVLETTLVEFETIKMKELDQELIIDPLFKKALVDFDEGGAKSLLLNTLNIDNTARVIFDASIKDTQNVGQGKLQRKEEEL
IERDSLVDDENEPSQSLISTRNDSTVNDSVISAPSMEDEILSLGMDFIKFDQIAVCEISGSIEQLRNVVEDINQAKDFIE
NVNNRFDNFLTEEELQAAVPDNAEDDSDGFDMGMQQELCYPDENHDNTSHDEQDDDNVNSTTGSIFEKDLMAYFDENLNR
NWRGREHWKVRNFKKANLVNKESDLLEETRTTIGDTTDKNTTDDKSMDTKKKHKQKKVLEIDFFKTDDSFEDKVFASKGR
TKIDMPIKNRKNDTHYLLPDDFHFSTDRITRLFIKPGQKMSLFSHRKHTRGDVSSGLFEKSTVSANHSNNDIPTIADEHF
WADNYERKEQEEKEKEQSKEVGDVVGGALDNPFEDDMDGVDFNQAFEGTDDNEEASVKLDLQDDEDHKFPIRENKVTYSR
VSKKVDVRRLKKNVWRSINNLIQEHDSRKNREQSSNDSETHTEDESTKELKFSDIIQGISKMYSDDTLKDISTSFCFICL
LHLANEHGLQITHTENYNDLIVNYEDLATTQAASLVGGGHHHHHHGGHHHHHHGGRIFYPYDVPDYAGYPYDVPDYAGSY
PYDVPDYAAGH
;
B
2 'polypeptide(L)'
;MQDPDGIDINTKIFNSVAEVFQKAQGSYAGHRKHIAVLKKIQSKAVEQGYEDAFNFWFDKLVTKILPLKKNEIIGDRIVK
LVAAFIASLERELILAKKQNYKLTNDEEGIFSRFVDQFIRHVLRGVESPDKNVRFRVLQLLAVIMDNIGEIDESLFNLLI
LSLNKRIYDREPTVRIQAVFCLTKFQDEEQTEHLTELSDNEENFEATRTLVASIQNDPSAEVRRAAMLNLINDNNTRPYI
LERARDVNIVNRRLVYSRILKSMGRKCFDDIEPHIFDQLIEWGLEDRELSVRNACKRLIAHDWLNALDGDLIELLEKLDV
SRSSVCVKAIEALFQSRPDILSKIKFPESIWKDFTVEIAFLFRAIYLYCLDNNITEMLEENFPEASKLSEHLNHYILLRY
HHNDISNDSQSHFDYNTLEFIIEQLSIAAERYDYSDEVGRRSMLTVVRNMLALTTLSEPLIKIGIRVMKSLSINEKDFVT
MAIEIINDIRDDDIEKQEQEEKIKSKKINRRNETSVDEEDENGTHNDEVNEDEEDDNISSFHSAVENLVQGNGNVSESDI
INNLPPEKEASSATIVLCLTRSSYMLELVNTPLTENILIASLMDTLITPAVRNTAPNIRELGVKNLGLCCLLDVKLAIDN
MYILGMCVSKGNASLKYIALQVIVDIFSVHGNTVVDGEGKVDSISLHKIFYKVLKNNGLPECQVIAAEGLCKLFLADVFT
DDDLFETLVLSYFSPINSSNEALVQAFAFCIPVYCFSHPAHQQRMSRTAADILLRLCVLWDDLQSSVIPEVDREAMLKPN
IIFQQLLFWTDPRNLVNQTGSTKKDTVQLTFLIDVLKIYAQIEKKEIKKMIITNINAIFLSSEQDYSTLKELLEYSDDIA
ENDNLDNVSKNALDKLRNNLNSLIEEINERSETQTKDENNTANDQYSSILGNSFNKSSNDTIEHAADITDGNNTELTKTT
VNISAVDNTTEQSNSRKRTRSEAEQIDTSKNLENMSIQDTSTVAKNVSFVLPDEKSDAMSIDEEDKDSESFSEVC
;
A
3 'polypeptide(L)'
;MKVEELIIDGFKSYATRTVITDWDPQFNAITGLNGSGKSNILDAICFVLGIASMSTVRASSLQDLIYKRGQAGVTKASVT
IVFDNTDKSNSPIGFTNSPQISVTRQVVLGGTSKYLINGHRAPQQSVLQLFQSVQLNINNPNFLIMQGKITKVLNMKPSE
ILSLIEEAAGTKMFEDRREKAERTMSKKETKLQENRTLLTEEIEPKLEKLRNEKRMFLEFQSTQTDLEKTERIVVSYEYY
NIKHKHTSIRETLENGETRMKMLNEFVKKTSEEIDSLNEDVEEIKLQKEKELHKEGTISKLENKENGLLNEISRLKTSLS
IKVENLNDTTEKSKALESEIASSSAKLIEKKSAYANTEKDYKMVQEQLSKQRDLYKRKEELVSTLTTGISSTGAADGGYN
AQLAKAKTELNEVSLAIKKSSMKMELLKKELLTIEPKLKEATKDNELNVKHVKQCQETCDKLRARLVEYGFDPSRIKDLK
QREDKLKSHYYQTCKNSEYLKRRVTNLEFNYTKPYPNFEASFVHGVVGQLFQIDNDNIRYATALQTCAGGRLFNVVVQDS
QTATQLLERGRLRKRVTIIPLDKIYTRPISSQVLDLAKKIAPGKVELAINLIRFDESITKAMEFIFGNSLICEDPETAKK
ITFHPKIRARSITLQGDVYDPEGTLSGGSRNTSESLLVDIQKYNQIQKQIETIQADLNHVTEELQTQYATSQKTKTIQSD
LNLSLHKLDLAKRNLDANPSSQIIARNEEILRDIGECENEIKTKQMSLKKCQEEVSTIEKDMKEYDSDKGSKLNELKKEL
KLLAKELEEQESESERKYDLFQNLELETEQLSSELDSNKTLLHNHLKSIESLKLENSDLEGKIRGVEDDLVTVQTELNEE
KKRLMDIDDELNELETLIKKKQDEKKSSELELQKLVHDLNKYKSNTNNMEKIIEDLRQKHEFLEDFDLVRNIVKQNEGID
LDTYRERSKQLNEKFQELRKKVNPNIMNMIENVEKKEAALKTMIKTIEKDKMKIQETISKLNEYKRETLVKTWEKVTLDF
GNIFADLLPNSFAKLVPCEGKDVTQGLEVKVKLGNIWKESLIELSGGQRSLIALSLIMALLQFRPAPMYILDEVDAALDL
SHTQNIGHLIKTRFKGSQFIVVSLKEGMFANANRVFRTRFQDGTSVVSIM
;
C
4 'polypeptide(L)'
;MSDSPLSKRQKRKAAQEPELSLDQGDAEEESQVENRVNLSENTPEPDLPALEASYSKSYTPRKLVLSSGENRYAFSQPTN
STTTSLHVPNLQPPKTSSRGRDHKSYSQSPPRSPGRSPTRRLELLQLSPVKNSRVELQKIYDSHQSSSKQQSRLFINELV
LENFKSYAGKQVVGPFHTSFSAVVGPNGSGKSNVIDSMLFVFGFRANKMRQDRLSDLIHKSEAFPSLQSCSVAVHFQYVI
DESSGTSRIDEEKPGLIITRKAFKNNSSKYYINEKESSYTEVTKLLKNEGIDLDHKRFLILQGEVENIAQMKPKAEKESD
DGLLEYLEDIIGTANYKPLIEERMGQIENLNEVCLEKENRFEIVDREKNSLESGKETALEFLEKEKQLTLLRSKLFQFKL
LQSNSKLASTLEKISSSNKDLEDERMKFQESLKKVDEIKAQRKEIKDRISSCSSKEKTLVLERRELEGTRVSLEERTKNL
VSKMEKAEKTLKSTKHSISEAENMLEELRGQQTEHETEIKDLTQLLEKERSILDDIKLSLKDKTKDISAEIIRHEKELEP
WDLQLQEKESQIQLAESELSLLEETQAKLKKNVETLEEKILAKKTHKQELQDLILDLKKKLNSLKDERSQGEKNFTSAHL
KLKEMQKVLNAHRQRAMEARSSLSKAQNKSKVLTALSRLQKSGRINGFHGRLGDLGAIDDSFDIAISTACPRLDDVVVDT
VECAQHCIDYLRKNKLGYARFILLDRLRQFNLQPISTPENVPRLFDLVKPKNPKFSNAFYSVLRDTLVAQNLKQANNVAY
GKKRFRVVTVDGKLIDISGTMSGGGNHVAKGLMKLGTNQSDKVDDYTPEEVDKIERELSERENNFRVASDTVHEMEEELK
KLRDHEPDLESQISKAEMEADSLASELTLAEQQVKEAEMAYVKAVSDKAQLNVVMKNLERLRGEYNDLQSETKTKKEKIK
GLQDEIMKIGGIKLQMQNSKVESVCQKLDILVAKLKKVKSASKKSGGDVVKFQKLLQNSERDVELSSNELKVIEEQLKHT
KLALAENDTNMTETLNLKVELKEQSEQLKEQMEDMEESINEFKSIEIEMKNKLEKLNSLLTYIKSEITQQEKGLNELSIR
DVTHTLGMLDDNKMDSVKEDVKNNQELDQEYRSCETQDESEIKDDETSCDNYHPMNVDETSDEVSRGIPRLSEDELRELD
VELIESKINELSYYVEETNVDIGVLEEYARRLAEFKRRKLDLNNAVQKRDEVKEQLGILKKKRFDEFMAGFNIISMTLKE
MYQMITMGGNAELELVDSLDPFSEGVTFSVMPPKKSWRNITNLSGGEKTLSSLALVFALHKYKPTPLYVMDEIDAALDFR
NVSIVANYIKERTKNAQFIVISLRNNMFELAQQLVGVYKRDNRTKSTTIKNIDILNRTRIPGLINGATGWSHPQFEKAGG
GSGGGSGGGSWSHPQFEKGGGSGGGSGGGSWSHPQFEK
;
D
#
# COMPACT_ATOMS: atom_id res chain seq x y z
N HIS A 495 23.57 -17.38 51.45
CA HIS A 495 24.93 -16.76 51.32
C HIS A 495 24.91 -15.22 51.23
N TYR A 496 23.94 -14.59 51.88
CA TYR A 496 23.76 -13.13 51.86
C TYR A 496 23.61 -12.56 50.45
N LEU A 497 22.77 -13.20 49.64
CA LEU A 497 22.55 -12.83 48.24
C LEU A 497 21.07 -12.57 47.97
N LEU A 498 20.80 -11.60 47.10
CA LEU A 498 19.42 -11.26 46.71
C LEU A 498 18.87 -12.29 45.72
N PRO A 499 17.55 -12.52 45.76
CA PRO A 499 16.85 -13.46 44.89
C PRO A 499 16.68 -12.97 43.46
N ASP A 500 16.04 -13.79 42.62
CA ASP A 500 15.81 -13.46 41.21
C ASP A 500 14.74 -12.38 41.06
N ASP A 501 15.18 -11.18 40.66
CA ASP A 501 14.30 -10.02 40.58
C ASP A 501 13.49 -10.00 39.28
N PHE A 502 12.17 -10.01 39.40
CA PHE A 502 11.25 -9.92 38.26
C PHE A 502 10.93 -8.47 37.88
N HIS A 503 10.99 -7.56 38.85
CA HIS A 503 10.73 -6.13 38.64
C HIS A 503 9.25 -5.84 38.34
N PHE A 504 8.41 -6.10 39.35
CA PHE A 504 6.97 -5.87 39.24
C PHE A 504 6.64 -4.42 39.59
N SER A 505 6.47 -3.59 38.56
CA SER A 505 6.17 -2.17 38.70
C SER A 505 4.71 -1.86 38.39
N THR A 506 4.33 -0.59 38.58
CA THR A 506 2.98 -0.11 38.25
C THR A 506 2.73 -0.08 36.73
N ASP A 507 3.77 0.22 35.96
CA ASP A 507 3.71 0.19 34.50
C ASP A 507 3.47 -1.22 33.94
N ARG A 508 4.05 -2.23 34.61
CA ARG A 508 3.87 -3.64 34.22
C ARG A 508 2.46 -4.15 34.50
N ILE A 509 1.95 -3.84 35.69
CA ILE A 509 0.61 -4.28 36.11
C ILE A 509 -0.53 -3.56 35.37
N THR A 510 -0.35 -2.28 35.08
CA THR A 510 -1.37 -1.46 34.40
C THR A 510 -1.64 -1.91 32.96
N ARG A 511 -0.58 -2.30 32.24
CA ARG A 511 -0.69 -2.76 30.85
C ARG A 511 -1.34 -4.14 30.75
N LEU A 512 -2.01 -4.40 29.63
CA LEU A 512 -2.66 -5.69 29.38
C LEU A 512 -1.65 -6.76 28.98
N PHE A 513 -2.09 -8.02 29.05
CA PHE A 513 -1.24 -9.17 28.74
C PHE A 513 -1.02 -9.33 27.24
N ILE A 514 -2.13 -9.41 26.50
CA ILE A 514 -2.10 -9.57 25.05
C ILE A 514 -1.64 -8.29 24.35
N LYS A 515 -2.27 -7.17 24.73
CA LYS A 515 -1.94 -5.84 24.19
C LYS A 515 -1.24 -4.99 25.25
N PRO A 516 0.10 -5.07 25.31
CA PRO A 516 1.00 -4.36 26.21
C PRO A 516 1.00 -2.83 26.04
N GLY A 517 0.69 -2.35 24.83
CA GLY A 517 0.62 -0.92 24.56
C GLY A 517 -0.51 -0.20 25.29
N GLN A 518 -1.70 -0.81 25.25
CA GLN A 518 -2.87 -0.26 25.94
C GLN A 518 -2.78 -0.49 27.46
N LYS A 519 -3.29 0.48 28.21
CA LYS A 519 -3.27 0.44 29.68
C LYS A 519 -4.70 0.42 30.24
N MET A 520 -4.80 0.01 31.51
CA MET A 520 -6.08 -0.07 32.23
C MET A 520 -6.02 0.71 33.54
N SER A 521 -7.16 1.25 33.97
CA SER A 521 -7.25 2.04 35.20
C SER A 521 -7.23 1.14 36.43
N LYS A 644 -22.86 31.59 -8.31
CA LYS A 644 -23.52 32.70 -8.99
C LYS A 644 -23.03 32.81 -10.44
N VAL A 645 -23.22 31.72 -11.19
CA VAL A 645 -22.89 31.69 -12.62
C VAL A 645 -23.66 30.58 -13.38
N ASP A 646 -24.95 30.44 -13.06
CA ASP A 646 -25.82 29.46 -13.70
C ASP A 646 -26.56 30.11 -14.86
N VAL A 647 -26.99 29.29 -15.82
CA VAL A 647 -27.75 29.74 -16.99
C VAL A 647 -29.25 29.41 -16.92
N ARG A 648 -29.76 29.15 -15.72
CA ARG A 648 -31.17 28.83 -15.49
C ARG A 648 -31.87 29.96 -14.75
N ARG A 649 -31.34 30.30 -13.58
CA ARG A 649 -31.81 31.45 -12.80
C ARG A 649 -31.49 32.77 -13.48
N LEU A 650 -30.28 32.87 -14.06
CA LEU A 650 -29.87 34.04 -14.84
C LEU A 650 -30.64 34.15 -16.17
N LYS A 651 -31.05 33.02 -16.73
CA LYS A 651 -31.92 33.00 -17.92
C LYS A 651 -33.29 33.59 -17.62
N LYS A 652 -33.88 33.18 -16.50
CA LYS A 652 -35.15 33.75 -16.01
C LYS A 652 -34.99 35.20 -15.56
N ASN A 653 -33.84 35.53 -14.99
CA ASN A 653 -33.51 36.91 -14.64
C ASN A 653 -33.35 37.82 -15.87
N VAL A 654 -32.69 37.30 -16.90
CA VAL A 654 -32.53 38.00 -18.17
C VAL A 654 -33.84 38.07 -18.97
N TRP A 655 -34.65 37.01 -18.89
CA TRP A 655 -35.95 36.95 -19.55
C TRP A 655 -36.96 37.92 -18.90
N ARG A 656 -36.96 37.97 -17.57
CA ARG A 656 -37.75 38.94 -16.81
C ARG A 656 -37.24 40.38 -17.01
N SER A 657 -35.92 40.52 -17.17
CA SER A 657 -35.30 41.81 -17.51
C SER A 657 -35.72 42.31 -18.89
N ILE A 658 -35.87 41.38 -19.84
CA ILE A 658 -36.38 41.70 -21.18
C ILE A 658 -37.85 42.12 -21.13
N ASN A 659 -38.65 41.45 -20.30
CA ASN A 659 -40.04 41.83 -20.06
C ASN A 659 -40.19 43.15 -19.31
N ASN A 660 -39.31 43.38 -18.33
CA ASN A 660 -39.31 44.61 -17.54
C ASN A 660 -38.76 45.80 -18.34
N PHE A 692 -29.68 44.45 -26.89
CA PHE A 692 -29.37 43.69 -25.67
C PHE A 692 -28.47 44.44 -24.69
N SER A 693 -28.46 45.77 -24.78
CA SER A 693 -27.60 46.62 -23.94
C SER A 693 -28.25 46.86 -22.58
N ASP A 694 -29.47 47.41 -22.61
CA ASP A 694 -30.23 47.71 -21.39
C ASP A 694 -30.77 46.45 -20.69
N ILE A 695 -30.90 45.34 -21.42
CA ILE A 695 -31.27 44.05 -20.83
C ILE A 695 -30.19 43.53 -19.87
N ILE A 696 -28.92 43.75 -20.22
CA ILE A 696 -27.79 43.44 -19.34
C ILE A 696 -27.76 44.36 -18.12
N GLN A 697 -28.09 45.65 -18.33
CA GLN A 697 -28.23 46.62 -17.24
C GLN A 697 -29.42 46.29 -16.33
N GLY A 698 -30.49 45.77 -16.92
CA GLY A 698 -31.65 45.28 -16.17
C GLY A 698 -31.35 44.04 -15.34
N ILE A 699 -30.56 43.13 -15.91
CA ILE A 699 -30.05 41.96 -15.17
C ILE A 699 -29.06 42.35 -14.06
N SER A 700 -28.33 43.45 -14.27
CA SER A 700 -27.44 44.02 -13.26
C SER A 700 -28.15 44.57 -12.00
N LYS A 701 -29.46 44.77 -12.07
CA LYS A 701 -30.28 45.05 -10.89
C LYS A 701 -30.28 43.88 -9.90
N MET A 702 -30.37 42.65 -10.43
CA MET A 702 -30.34 41.44 -9.62
C MET A 702 -28.90 41.06 -9.24
N TYR A 703 -28.06 40.84 -10.25
CA TYR A 703 -26.68 40.38 -10.05
C TYR A 703 -25.77 41.51 -9.56
N SER A 704 -24.79 41.15 -8.72
CA SER A 704 -23.88 42.12 -8.12
C SER A 704 -22.75 42.54 -9.06
N ASP A 705 -22.10 43.66 -8.74
CA ASP A 705 -20.98 44.18 -9.51
C ASP A 705 -19.69 43.37 -9.33
N ASP A 706 -19.59 42.62 -8.22
CA ASP A 706 -18.44 41.73 -7.97
C ASP A 706 -18.34 40.58 -8.97
N THR A 707 -19.49 40.15 -9.52
CA THR A 707 -19.54 39.12 -10.57
C THR A 707 -18.92 39.57 -11.90
N LEU A 708 -18.82 40.88 -12.13
CA LEU A 708 -18.10 41.44 -13.29
C LEU A 708 -16.65 40.97 -13.34
N LYS A 709 -16.00 40.90 -12.18
CA LYS A 709 -14.71 40.23 -12.04
C LYS A 709 -14.93 38.72 -12.16
N ASP A 710 -14.21 38.09 -13.09
CA ASP A 710 -14.33 36.66 -13.42
C ASP A 710 -15.58 36.27 -14.25
N ILE A 711 -16.29 37.27 -14.78
CA ILE A 711 -17.45 37.02 -15.66
C ILE A 711 -17.87 38.31 -16.38
N SER A 712 -17.30 38.52 -17.56
CA SER A 712 -17.53 39.75 -18.34
C SER A 712 -18.83 39.68 -19.16
N THR A 713 -19.13 40.77 -19.87
CA THR A 713 -20.31 40.87 -20.74
C THR A 713 -20.21 40.03 -22.02
N SER A 714 -19.01 39.60 -22.39
CA SER A 714 -18.80 38.71 -23.54
C SER A 714 -19.45 37.33 -23.39
N PHE A 715 -19.62 36.87 -22.15
CA PHE A 715 -20.27 35.58 -21.86
C PHE A 715 -21.81 35.66 -21.71
N CYS A 716 -22.40 36.82 -22.01
CA CYS A 716 -23.86 37.00 -21.89
C CYS A 716 -24.67 36.33 -23.01
N PHE A 717 -24.08 36.25 -24.20
CA PHE A 717 -24.77 35.71 -25.39
C PHE A 717 -25.03 34.20 -25.36
N ILE A 718 -24.37 33.48 -24.46
CA ILE A 718 -24.63 32.04 -24.26
C ILE A 718 -26.07 31.76 -23.79
N CYS A 719 -26.59 32.65 -22.94
CA CYS A 719 -27.99 32.58 -22.50
C CYS A 719 -28.96 32.93 -23.64
N LEU A 720 -28.60 33.92 -24.45
CA LEU A 720 -29.39 34.31 -25.62
C LEU A 720 -29.41 33.26 -26.74
N LEU A 721 -28.36 32.45 -26.81
CA LEU A 721 -28.26 31.38 -27.83
C LEU A 721 -29.28 30.26 -27.60
N HIS A 722 -29.48 29.88 -26.33
CA HIS A 722 -30.44 28.83 -25.96
C HIS A 722 -31.87 29.34 -25.69
N LEU A 723 -32.15 30.60 -26.01
CA LEU A 723 -33.48 31.18 -25.80
C LEU A 723 -34.49 30.65 -26.81
N ALA A 724 -34.15 30.76 -28.10
CA ALA A 724 -35.07 30.42 -29.19
C ALA A 724 -35.34 28.91 -29.39
N ASN A 725 -34.50 28.06 -28.80
CA ASN A 725 -34.70 26.60 -28.86
C ASN A 725 -35.87 26.15 -27.99
N GLU A 726 -35.78 26.43 -26.70
CA GLU A 726 -36.79 26.04 -25.71
C GLU A 726 -37.93 27.06 -25.63
N HIS A 727 -37.57 28.33 -25.56
CA HIS A 727 -38.51 29.46 -25.60
C HIS A 727 -38.54 30.04 -27.03
N GLY A 728 -38.88 31.33 -27.17
CA GLY A 728 -38.83 32.01 -28.46
C GLY A 728 -37.98 33.28 -28.41
N LEU A 729 -37.22 33.52 -29.46
CA LEU A 729 -36.35 34.70 -29.56
C LEU A 729 -35.85 34.93 -30.99
N GLN A 730 -36.28 36.03 -31.60
CA GLN A 730 -35.89 36.41 -32.96
C GLN A 730 -34.89 37.56 -32.94
N ILE A 731 -33.60 37.23 -33.07
CA ILE A 731 -32.52 38.19 -33.00
C ILE A 731 -31.93 38.48 -34.38
N THR A 732 -31.89 39.76 -34.77
CA THR A 732 -31.25 40.22 -36.01
C THR A 732 -29.84 40.72 -35.72
N HIS A 733 -29.04 40.84 -36.78
CA HIS A 733 -27.62 41.20 -36.67
C HIS A 733 -27.25 42.31 -37.65
N THR A 734 -26.44 43.25 -37.18
CA THR A 734 -25.86 44.30 -38.03
C THR A 734 -24.57 43.78 -38.64
N GLU A 735 -24.45 43.89 -39.97
CA GLU A 735 -23.26 43.43 -40.69
C GLU A 735 -22.00 44.25 -40.37
N ASN A 736 -22.18 45.51 -40.00
CA ASN A 736 -21.08 46.36 -39.53
C ASN A 736 -20.47 45.90 -38.20
N TYR A 737 -21.27 45.20 -37.39
CA TYR A 737 -20.82 44.59 -36.13
C TYR A 737 -20.65 45.58 -34.96
N ASN A 738 -21.19 46.79 -35.10
CA ASN A 738 -21.18 47.78 -34.01
C ASN A 738 -22.32 47.53 -33.02
N ASP A 739 -23.45 47.03 -33.52
CA ASP A 739 -24.62 46.71 -32.70
C ASP A 739 -25.24 45.37 -33.11
N LEU A 740 -26.24 44.93 -32.35
CA LEU A 740 -26.97 43.69 -32.61
C LEU A 740 -28.44 43.85 -32.23
N ILE A 741 -29.33 43.59 -33.19
CA ILE A 741 -30.77 43.79 -32.98
C ILE A 741 -31.42 42.66 -32.17
N VAL A 742 -32.67 42.88 -31.78
CA VAL A 742 -33.46 41.90 -31.04
C VAL A 742 -34.96 42.10 -31.29
N ASN A 743 -35.72 41.01 -31.20
CA ASN A 743 -37.18 41.04 -31.40
C ASN A 743 -37.88 39.90 -30.67
N TYR A 744 -39.11 40.17 -30.23
CA TYR A 744 -39.89 39.22 -29.44
C TYR A 744 -40.52 38.15 -30.33
N GLU A 745 -39.89 36.97 -30.37
CA GLU A 745 -40.42 35.82 -31.11
C GLU A 745 -41.36 35.02 -30.22
N ASP A 746 -42.62 34.88 -30.65
CA ASP A 746 -43.61 34.06 -29.95
C ASP A 746 -43.45 32.61 -30.39
N LEU A 747 -42.61 31.86 -29.67
CA LEU A 747 -42.30 30.46 -30.03
C LEU A 747 -41.82 29.66 -28.82
N ALA A 748 -41.59 28.36 -29.04
CA ALA A 748 -41.10 27.45 -28.01
C ALA A 748 -40.34 26.28 -28.62
N ASP B 8 72.89 2.76 85.46
CA ASP B 8 73.24 1.44 84.83
C ASP B 8 72.87 1.39 83.35
N ILE B 9 73.33 0.34 82.67
CA ILE B 9 73.07 0.13 81.24
C ILE B 9 71.62 -0.28 80.94
N ASN B 10 70.99 -1.01 81.86
CA ASN B 10 69.60 -1.47 81.69
C ASN B 10 68.59 -0.32 81.68
N THR B 11 68.77 0.63 82.60
CA THR B 11 67.93 1.84 82.65
C THR B 11 68.17 2.77 81.45
N LYS B 12 69.41 2.81 80.95
CA LYS B 12 69.76 3.59 79.77
C LYS B 12 69.10 3.07 78.49
N ILE B 13 68.96 1.75 78.38
CA ILE B 13 68.28 1.11 77.25
C ILE B 13 66.78 1.41 77.23
N PHE B 14 66.16 1.46 78.41
CA PHE B 14 64.75 1.81 78.56
C PHE B 14 64.49 3.28 78.23
N ASN B 15 65.38 4.16 78.69
CA ASN B 15 65.28 5.60 78.41
C ASN B 15 65.50 5.95 76.93
N SER B 16 66.39 5.20 76.26
CA SER B 16 66.66 5.40 74.83
C SER B 16 65.47 4.96 73.95
N VAL B 17 64.88 3.81 74.29
CA VAL B 17 63.74 3.26 73.57
C VAL B 17 62.45 4.07 73.81
N ALA B 18 62.23 4.48 75.06
CA ALA B 18 61.06 5.29 75.43
C ALA B 18 61.09 6.70 74.84
N GLU B 19 62.29 7.26 74.66
CA GLU B 19 62.47 8.56 74.02
C GLU B 19 62.06 8.55 72.55
N VAL B 20 62.33 7.45 71.86
CA VAL B 20 61.92 7.26 70.47
C VAL B 20 60.39 7.07 70.35
N PHE B 21 59.82 6.28 71.25
CA PHE B 21 58.37 6.04 71.28
C PHE B 21 57.55 7.28 71.65
N GLN B 22 58.13 8.15 72.48
CA GLN B 22 57.47 9.41 72.87
C GLN B 22 57.36 10.39 71.69
N LYS B 23 58.45 10.54 70.94
CA LYS B 23 58.49 11.43 69.78
C LYS B 23 57.74 10.87 68.57
N ALA B 24 57.82 9.57 68.36
CA ALA B 24 57.18 8.90 67.20
C ALA B 24 55.66 8.93 67.23
N GLN B 25 55.06 8.94 68.43
CA GLN B 25 53.60 8.99 68.58
C GLN B 25 52.99 10.33 68.14
N GLY B 26 53.75 11.42 68.26
CA GLY B 26 53.29 12.75 67.89
C GLY B 26 53.09 12.96 66.40
N SER B 27 54.05 12.49 65.60
CA SER B 27 53.99 12.64 64.14
C SER B 27 54.89 11.64 63.41
N TYR B 28 54.71 11.58 62.09
CA TYR B 28 55.51 10.69 61.22
C TYR B 28 56.59 11.44 60.42
N ALA B 29 57.03 12.59 60.93
CA ALA B 29 58.07 13.39 60.27
C ALA B 29 59.45 12.75 60.47
N GLY B 30 59.77 12.40 61.72
CA GLY B 30 61.02 11.73 62.08
C GLY B 30 60.85 10.25 62.36
N HIS B 31 60.11 9.56 61.49
CA HIS B 31 59.89 8.11 61.61
C HIS B 31 61.10 7.32 61.11
N ARG B 32 61.68 7.77 60.00
CA ARG B 32 62.89 7.17 59.44
C ARG B 32 64.11 7.35 60.35
N LYS B 33 64.23 8.54 60.95
CA LYS B 33 65.27 8.83 61.93
C LYS B 33 65.09 8.04 63.23
N HIS B 34 63.84 7.82 63.63
CA HIS B 34 63.51 7.01 64.81
C HIS B 34 63.85 5.54 64.62
N ILE B 35 63.62 5.02 63.41
CA ILE B 35 63.99 3.65 63.06
C ILE B 35 65.50 3.43 63.01
N ALA B 36 66.24 4.47 62.59
CA ALA B 36 67.71 4.44 62.57
C ALA B 36 68.31 4.39 63.98
N VAL B 37 67.75 5.18 64.90
CA VAL B 37 68.17 5.19 66.31
C VAL B 37 67.80 3.90 67.05
N LEU B 38 66.65 3.33 66.72
CA LEU B 38 66.19 2.07 67.31
C LEU B 38 67.10 0.88 66.94
N LYS B 39 67.60 0.87 65.70
CA LYS B 39 68.55 -0.14 65.24
C LYS B 39 69.90 -0.05 65.95
N LYS B 40 70.36 1.18 66.18
CA LYS B 40 71.61 1.43 66.91
C LYS B 40 71.51 1.04 68.39
N ILE B 41 70.36 1.30 69.00
CA ILE B 41 70.09 0.90 70.39
C ILE B 41 70.01 -0.62 70.55
N GLN B 42 69.38 -1.29 69.58
CA GLN B 42 69.29 -2.76 69.57
C GLN B 42 70.63 -3.44 69.32
N SER B 43 71.43 -2.87 68.41
CA SER B 43 72.76 -3.40 68.08
C SER B 43 73.75 -3.24 69.24
N LYS B 44 73.73 -2.08 69.89
CA LYS B 44 74.58 -1.81 71.05
C LYS B 44 74.17 -2.63 72.28
N ALA B 45 72.87 -2.86 72.45
CA ALA B 45 72.35 -3.69 73.55
C ALA B 45 72.75 -5.16 73.40
N VAL B 46 72.69 -5.68 72.17
CA VAL B 46 73.13 -7.04 71.86
C VAL B 46 74.63 -7.24 72.02
N GLU B 47 75.42 -6.19 71.76
CA GLU B 47 76.87 -6.21 71.94
C GLU B 47 77.30 -6.37 73.40
N GLN B 48 76.57 -5.72 74.31
CA GLN B 48 76.84 -5.77 75.76
C GLN B 48 76.17 -6.94 76.50
N GLY B 49 75.49 -7.82 75.78
CA GLY B 49 74.78 -8.96 76.38
C GLY B 49 73.51 -8.53 77.09
N TYR B 50 72.72 -7.69 76.43
CA TYR B 50 71.45 -7.20 76.96
C TYR B 50 70.37 -7.15 75.87
N GLU B 51 70.29 -8.21 75.08
CA GLU B 51 69.30 -8.33 74.00
C GLU B 51 67.89 -8.53 74.56
N ASP B 52 67.78 -9.27 75.66
CA ASP B 52 66.51 -9.47 76.37
C ASP B 52 65.97 -8.18 77.00
N ALA B 53 66.87 -7.30 77.44
CA ALA B 53 66.50 -6.00 78.01
C ALA B 53 65.86 -5.07 76.98
N PHE B 54 66.42 -5.05 75.76
CA PHE B 54 65.87 -4.28 74.64
C PHE B 54 64.53 -4.85 74.15
N ASN B 55 64.45 -6.18 74.09
CA ASN B 55 63.22 -6.87 73.70
C ASN B 55 62.08 -6.72 74.72
N PHE B 56 62.44 -6.74 76.02
CA PHE B 56 61.46 -6.55 77.09
C PHE B 56 60.94 -5.11 77.16
N TRP B 57 61.85 -4.14 77.01
CA TRP B 57 61.49 -2.72 77.02
C TRP B 57 60.66 -2.30 75.80
N PHE B 58 60.99 -2.87 74.64
CA PHE B 58 60.24 -2.62 73.40
C PHE B 58 58.82 -3.18 73.45
N ASP B 59 58.67 -4.37 74.03
CA ASP B 59 57.36 -5.01 74.23
C ASP B 59 56.50 -4.28 75.27
N LYS B 60 57.15 -3.72 76.30
CA LYS B 60 56.45 -2.95 77.34
C LYS B 60 55.84 -1.65 76.82
N LEU B 61 56.58 -0.95 75.96
CA LEU B 61 56.10 0.29 75.32
C LEU B 61 54.95 0.04 74.34
N VAL B 62 55.03 -1.07 73.60
CA VAL B 62 53.98 -1.48 72.66
C VAL B 62 52.66 -1.88 73.35
N THR B 63 52.77 -2.41 74.58
CA THR B 63 51.59 -2.80 75.37
C THR B 63 50.70 -1.62 75.80
N LYS B 64 51.29 -0.43 75.91
CA LYS B 64 50.55 0.79 76.26
C LYS B 64 49.53 1.21 75.19
N ILE B 65 49.88 0.98 73.92
CA ILE B 65 49.02 1.33 72.78
C ILE B 65 48.05 0.23 72.34
N LEU B 66 47.98 -0.88 73.08
CA LEU B 66 47.08 -2.00 72.75
C LEU B 66 45.62 -1.67 73.04
N PRO B 67 45.34 -1.16 74.25
CA PRO B 67 44.03 -0.79 74.79
C PRO B 67 43.33 0.38 74.07
N LEU B 68 44.07 1.19 73.33
CA LEU B 68 43.48 2.30 72.56
C LEU B 68 42.57 1.80 71.43
N LYS B 69 41.56 2.60 71.10
CA LYS B 69 40.56 2.25 70.08
C LYS B 69 41.12 2.34 68.66
N LYS B 70 40.32 1.90 67.69
CA LYS B 70 40.71 1.90 66.27
C LYS B 70 40.92 3.30 65.70
N ASN B 71 40.05 4.24 66.09
CA ASN B 71 40.11 5.62 65.60
C ASN B 71 41.24 6.49 66.17
N GLU B 72 41.88 6.04 67.25
CA GLU B 72 42.96 6.80 67.89
C GLU B 72 44.20 6.88 67.02
N ILE B 73 44.64 8.11 66.72
CA ILE B 73 45.80 8.36 65.87
C ILE B 73 47.14 8.03 66.54
N ILE B 74 47.19 8.16 67.87
CA ILE B 74 48.40 7.82 68.65
C ILE B 74 48.76 6.34 68.57
N GLY B 75 47.74 5.48 68.63
CA GLY B 75 47.91 4.04 68.46
C GLY B 75 48.29 3.64 67.04
N ASP B 76 47.73 4.35 66.05
CA ASP B 76 48.05 4.12 64.63
C ASP B 76 49.49 4.52 64.28
N ARG B 77 49.98 5.60 64.89
CA ARG B 77 51.35 6.06 64.68
C ARG B 77 52.40 5.10 65.26
N ILE B 78 52.10 4.56 66.45
CA ILE B 78 52.97 3.57 67.11
C ILE B 78 53.00 2.23 66.36
N VAL B 79 51.87 1.83 65.79
CA VAL B 79 51.77 0.60 64.98
C VAL B 79 52.58 0.70 63.69
N LYS B 80 52.59 1.87 63.08
CA LYS B 80 53.41 2.15 61.89
C LYS B 80 54.91 2.14 62.20
N LEU B 81 55.27 2.66 63.38
CA LEU B 81 56.66 2.66 63.84
C LEU B 81 57.19 1.26 64.12
N VAL B 82 56.36 0.40 64.70
CA VAL B 82 56.70 -1.00 64.95
C VAL B 82 56.84 -1.81 63.66
N ALA B 83 55.95 -1.55 62.70
CA ALA B 83 56.01 -2.18 61.37
C ALA B 83 57.21 -1.70 60.56
N ALA B 84 57.52 -0.40 60.66
CA ALA B 84 58.69 0.18 59.99
C ALA B 84 60.02 -0.33 60.55
N PHE B 85 60.07 -0.58 61.85
CA PHE B 85 61.26 -1.14 62.52
C PHE B 85 61.55 -2.58 62.09
N ILE B 86 60.49 -3.39 62.01
CA ILE B 86 60.61 -4.78 61.54
C ILE B 86 60.94 -4.86 60.05
N ALA B 87 60.34 -3.98 59.25
CA ALA B 87 60.61 -3.89 57.82
C ALA B 87 62.04 -3.39 57.51
N SER B 88 62.54 -2.49 58.36
CA SER B 88 63.91 -1.97 58.22
C SER B 88 64.97 -3.03 58.51
N LEU B 89 64.74 -3.85 59.53
CA LEU B 89 65.64 -4.95 59.89
C LEU B 89 65.63 -6.07 58.85
N GLU B 90 64.44 -6.38 58.33
CA GLU B 90 64.28 -7.40 57.27
C GLU B 90 64.87 -6.97 55.93
N ARG B 91 64.85 -5.66 55.65
CA ARG B 91 65.44 -5.11 54.42
C ARG B 91 66.96 -5.26 54.35
N GLU B 92 67.62 -5.14 55.50
CA GLU B 92 69.07 -5.37 55.60
C GLU B 92 69.45 -6.84 55.35
N LEU B 93 68.62 -7.76 55.86
CA LEU B 93 68.80 -9.20 55.61
C LEU B 93 68.53 -9.58 54.16
N ILE B 94 67.50 -8.99 53.57
CA ILE B 94 67.15 -9.21 52.16
C ILE B 94 68.18 -8.62 51.20
N LEU B 95 68.75 -7.46 51.55
CA LEU B 95 69.79 -6.81 50.77
C LEU B 95 71.10 -7.61 50.76
N ALA B 96 71.46 -8.16 51.93
CA ALA B 96 72.64 -9.03 52.06
C ALA B 96 72.53 -10.31 51.24
N LYS B 97 71.33 -10.89 51.22
CA LYS B 97 71.05 -12.09 50.42
C LYS B 97 71.00 -11.80 48.91
N LYS B 98 70.38 -10.68 48.54
CA LYS B 98 70.23 -10.28 47.14
C LYS B 98 71.56 -9.83 46.53
N GLN B 99 72.23 -8.89 47.20
CA GLN B 99 73.53 -8.39 46.76
C GLN B 99 74.68 -9.38 46.98
N ASN B 100 74.48 -10.36 47.88
CA ASN B 100 75.47 -11.40 48.17
C ASN B 100 76.68 -10.86 48.94
N TYR B 101 76.44 -10.49 50.19
CA TYR B 101 77.48 -10.02 51.11
C TYR B 101 77.23 -10.57 52.51
N LYS B 102 78.31 -10.81 53.25
CA LYS B 102 78.23 -11.45 54.57
C LYS B 102 77.87 -10.46 55.67
N LEU B 103 76.98 -10.88 56.57
CA LEU B 103 76.61 -10.10 57.76
C LEU B 103 77.33 -10.68 58.98
N THR B 104 78.17 -9.87 59.62
CA THR B 104 79.07 -10.33 60.69
C THR B 104 78.59 -10.05 62.12
N ASN B 105 77.48 -9.33 62.28
CA ASN B 105 76.98 -8.92 63.60
C ASN B 105 75.77 -9.72 64.12
N ASP B 106 75.56 -10.93 63.58
CA ASP B 106 74.42 -11.79 63.95
C ASP B 106 73.07 -11.10 63.73
N GLU B 107 72.89 -10.53 62.54
CA GLU B 107 71.66 -9.81 62.18
C GLU B 107 70.48 -10.76 61.94
N GLU B 108 70.75 -11.91 61.34
CA GLU B 108 69.73 -12.93 61.08
C GLU B 108 69.21 -13.58 62.37
N GLY B 109 70.13 -13.88 63.29
CA GLY B 109 69.78 -14.47 64.59
C GLY B 109 69.01 -13.52 65.50
N ILE B 110 69.40 -12.25 65.50
CA ILE B 110 68.73 -11.21 66.29
C ILE B 110 67.34 -10.88 65.74
N PHE B 111 67.21 -10.82 64.42
CA PHE B 111 65.93 -10.53 63.76
C PHE B 111 64.91 -11.66 63.92
N SER B 112 65.37 -12.91 63.81
CA SER B 112 64.51 -14.08 63.99
C SER B 112 64.03 -14.24 65.44
N ARG B 113 64.92 -13.98 66.39
CA ARG B 113 64.58 -14.02 67.82
C ARG B 113 63.66 -12.88 68.25
N PHE B 114 63.89 -11.68 67.72
CA PHE B 114 63.08 -10.50 68.03
C PHE B 114 61.67 -10.59 67.46
N VAL B 115 61.55 -11.07 66.21
CA VAL B 115 60.25 -11.24 65.55
C VAL B 115 59.40 -12.33 66.19
N ASP B 116 60.05 -13.44 66.58
CA ASP B 116 59.37 -14.55 67.27
C ASP B 116 58.92 -14.16 68.68
N GLN B 117 59.77 -13.43 69.40
CA GLN B 117 59.45 -12.96 70.75
C GLN B 117 58.36 -11.87 70.77
N PHE B 118 58.41 -10.96 69.79
CA PHE B 118 57.43 -9.89 69.67
C PHE B 118 56.04 -10.39 69.29
N ILE B 119 55.98 -11.37 68.39
CA ILE B 119 54.71 -11.98 67.97
C ILE B 119 54.04 -12.76 69.11
N ARG B 120 54.83 -13.47 69.90
CA ARG B 120 54.34 -14.20 71.07
C ARG B 120 53.84 -13.27 72.18
N HIS B 121 54.53 -12.14 72.37
CA HIS B 121 54.13 -11.13 73.34
C HIS B 121 52.83 -10.42 72.95
N VAL B 122 52.72 -10.08 71.67
CA VAL B 122 51.49 -9.49 71.11
C VAL B 122 50.31 -10.46 71.07
N LEU B 123 50.61 -11.75 70.91
CA LEU B 123 49.58 -12.80 70.89
C LEU B 123 48.96 -13.10 72.26
N ARG B 124 49.60 -12.64 73.35
CA ARG B 124 49.05 -12.80 74.71
C ARG B 124 47.69 -12.13 74.90
N GLY B 125 47.48 -10.99 74.24
CA GLY B 125 46.17 -10.30 74.24
C GLY B 125 45.39 -10.49 72.94
N VAL B 126 45.46 -11.69 72.37
CA VAL B 126 44.73 -12.02 71.14
C VAL B 126 43.26 -12.30 71.44
N GLU B 127 43.02 -13.14 72.44
CA GLU B 127 41.67 -13.48 72.89
C GLU B 127 41.34 -12.81 74.25
N SER B 128 41.69 -11.53 74.37
CA SER B 128 41.40 -10.76 75.58
C SER B 128 39.95 -10.28 75.58
N PRO B 129 39.44 -9.92 76.77
CA PRO B 129 38.09 -9.40 77.02
C PRO B 129 37.82 -8.08 76.30
N ASP B 130 38.79 -7.16 76.36
CA ASP B 130 38.68 -5.87 75.68
C ASP B 130 38.84 -6.04 74.16
N LYS B 131 37.86 -5.54 73.41
CA LYS B 131 37.87 -5.65 71.94
C LYS B 131 38.92 -4.75 71.27
N ASN B 132 39.30 -3.65 71.94
CA ASN B 132 40.35 -2.76 71.45
C ASN B 132 41.73 -3.41 71.41
N VAL B 133 42.03 -4.24 72.41
CA VAL B 133 43.28 -5.01 72.45
C VAL B 133 43.33 -6.10 71.39
N ARG B 134 42.18 -6.75 71.14
CA ARG B 134 42.07 -7.77 70.09
C ARG B 134 42.22 -7.17 68.68
N PHE B 135 41.67 -5.98 68.47
CA PHE B 135 41.80 -5.25 67.20
C PHE B 135 43.23 -4.75 66.99
N ARG B 136 43.84 -4.21 68.04
CA ARG B 136 45.22 -3.70 67.99
C ARG B 136 46.25 -4.82 67.81
N VAL B 137 46.00 -5.98 68.41
CA VAL B 137 46.86 -7.16 68.27
C VAL B 137 46.84 -7.72 66.85
N LEU B 138 45.64 -7.81 66.27
CA LEU B 138 45.47 -8.24 64.88
C LEU B 138 46.00 -7.21 63.88
N GLN B 139 45.87 -5.92 64.21
CA GLN B 139 46.38 -4.83 63.38
C GLN B 139 47.92 -4.82 63.32
N LEU B 140 48.55 -5.08 64.45
CA LEU B 140 50.02 -5.20 64.52
C LEU B 140 50.55 -6.43 63.78
N LEU B 141 49.82 -7.54 63.88
CA LEU B 141 50.17 -8.79 63.17
C LEU B 141 49.95 -8.68 61.66
N ALA B 142 48.89 -8.00 61.25
CA ALA B 142 48.57 -7.79 59.83
C ALA B 142 49.58 -6.88 59.12
N VAL B 143 50.03 -5.84 59.82
CA VAL B 143 51.00 -4.89 59.28
C VAL B 143 52.40 -5.49 59.12
N ILE B 144 52.83 -6.28 60.10
CA ILE B 144 54.16 -6.91 60.10
C ILE B 144 54.18 -8.36 59.59
N MET B 145 53.19 -8.73 58.76
CA MET B 145 53.11 -10.09 58.20
C MET B 145 54.11 -10.30 57.06
N ASP B 146 54.24 -9.30 56.19
CA ASP B 146 55.14 -9.37 55.03
C ASP B 146 56.62 -9.35 55.42
N ASN B 147 56.98 -8.53 56.41
CA ASN B 147 58.37 -8.36 56.85
C ASN B 147 58.83 -9.29 57.98
N ILE B 148 58.04 -10.32 58.30
CA ILE B 148 58.39 -11.29 59.34
C ILE B 148 59.51 -12.24 58.90
N GLY B 149 59.45 -12.68 57.64
CA GLY B 149 60.45 -13.60 57.07
C GLY B 149 60.17 -15.05 57.45
N GLU B 150 61.23 -15.85 57.48
CA GLU B 150 61.12 -17.28 57.81
C GLU B 150 61.00 -17.48 59.32
N ILE B 151 59.91 -18.13 59.75
CA ILE B 151 59.67 -18.44 61.16
C ILE B 151 59.53 -19.95 61.37
N ASP B 152 59.60 -20.37 62.62
CA ASP B 152 59.51 -21.79 62.99
C ASP B 152 58.07 -22.31 62.89
N GLU B 153 57.93 -23.64 62.94
CA GLU B 153 56.63 -24.30 62.82
C GLU B 153 55.71 -24.08 64.01
N SER B 154 56.29 -23.93 65.21
CA SER B 154 55.53 -23.65 66.43
C SER B 154 54.86 -22.27 66.41
N LEU B 155 55.60 -21.26 65.96
CA LEU B 155 55.08 -19.90 65.81
C LEU B 155 54.07 -19.78 64.67
N PHE B 156 54.31 -20.50 63.57
CA PHE B 156 53.40 -20.52 62.42
C PHE B 156 52.07 -21.20 62.73
N ASN B 157 52.13 -22.31 63.48
CA ASN B 157 50.93 -23.02 63.95
C ASN B 157 50.10 -22.21 64.94
N LEU B 158 50.78 -21.47 65.83
CA LEU B 158 50.12 -20.59 66.79
C LEU B 158 49.45 -19.38 66.12
N LEU B 159 50.08 -18.84 65.09
CA LEU B 159 49.54 -17.70 64.33
C LEU B 159 48.30 -18.07 63.52
N ILE B 160 48.34 -19.23 62.87
CA ILE B 160 47.20 -19.73 62.08
C ILE B 160 46.00 -20.13 62.95
N LEU B 161 46.28 -20.76 64.10
CA LEU B 161 45.24 -21.15 65.06
C LEU B 161 44.57 -19.94 65.72
N SER B 162 45.38 -18.93 66.05
CA SER B 162 44.87 -17.68 66.63
C SER B 162 44.05 -16.85 65.65
N LEU B 163 44.53 -16.78 64.39
CA LEU B 163 43.83 -16.07 63.32
C LEU B 163 42.52 -16.75 62.89
N ASN B 164 42.52 -18.08 62.91
CA ASN B 164 41.32 -18.88 62.60
C ASN B 164 40.18 -18.67 63.61
N LYS B 165 40.54 -18.55 64.89
CA LYS B 165 39.58 -18.24 65.94
C LYS B 165 39.09 -16.79 65.85
N ARG B 166 39.98 -15.87 65.49
CA ARG B 166 39.64 -14.45 65.30
C ARG B 166 38.73 -14.17 64.09
N ILE B 167 38.71 -15.10 63.12
CA ILE B 167 37.81 -15.00 61.96
C ILE B 167 36.33 -15.01 62.36
N TYR B 168 36.00 -15.78 63.39
CA TYR B 168 34.65 -15.83 63.96
C TYR B 168 34.57 -15.07 65.29
N ASP B 169 35.08 -13.83 65.30
CA ASP B 169 35.05 -12.97 66.48
C ASP B 169 33.68 -12.32 66.65
N ARG B 170 33.45 -11.72 67.81
CA ARG B 170 32.19 -11.06 68.13
C ARG B 170 32.03 -9.76 67.33
N GLU B 171 33.05 -8.90 67.42
CA GLU B 171 33.06 -7.61 66.72
C GLU B 171 33.52 -7.79 65.27
N PRO B 172 32.85 -7.11 64.33
CA PRO B 172 33.13 -7.06 62.90
C PRO B 172 34.47 -6.41 62.56
N THR B 173 34.89 -5.41 63.36
CA THR B 173 36.18 -4.76 63.19
C THR B 173 37.36 -5.71 63.45
N VAL B 174 37.21 -6.58 64.44
CA VAL B 174 38.20 -7.63 64.72
C VAL B 174 38.24 -8.69 63.64
N ARG B 175 37.08 -9.03 63.08
CA ARG B 175 36.97 -9.97 61.96
C ARG B 175 37.60 -9.44 60.67
N ILE B 176 37.47 -8.13 60.44
CA ILE B 176 38.11 -7.46 59.30
C ILE B 176 39.62 -7.45 59.42
N GLN B 177 40.13 -7.25 60.64
CA GLN B 177 41.56 -7.34 60.93
C GLN B 177 42.08 -8.78 60.79
N ALA B 178 41.27 -9.76 61.18
CA ALA B 178 41.57 -11.18 61.00
C ALA B 178 41.62 -11.58 59.51
N VAL B 179 40.73 -10.99 58.71
CA VAL B 179 40.70 -11.20 57.26
C VAL B 179 41.94 -10.60 56.56
N PHE B 180 42.41 -9.46 57.05
CA PHE B 180 43.64 -8.82 56.54
C PHE B 180 44.89 -9.65 56.81
N CYS B 181 44.96 -10.28 57.98
CA CYS B 181 46.06 -11.17 58.35
C CYS B 181 46.05 -12.47 57.53
N LEU B 182 44.86 -13.02 57.33
CA LEU B 182 44.68 -14.25 56.53
C LEU B 182 44.97 -14.06 55.03
N THR B 183 44.77 -12.85 54.53
CA THR B 183 45.05 -12.52 53.13
C THR B 183 46.53 -12.61 52.76
N LYS B 184 47.41 -12.33 53.73
CA LYS B 184 48.86 -12.42 53.53
C LYS B 184 49.37 -13.86 53.34
N PHE B 185 48.64 -14.84 53.88
CA PHE B 185 49.01 -16.26 53.79
C PHE B 185 48.27 -17.02 52.67
N GLN B 186 47.96 -16.32 51.57
CA GLN B 186 47.28 -16.94 50.42
C GLN B 186 48.27 -17.67 49.53
N ASP B 187 47.75 -18.39 48.54
CA ASP B 187 48.57 -19.14 47.58
C ASP B 187 47.80 -19.44 46.30
N GLU B 205 44.29 -23.17 51.99
CA GLU B 205 43.78 -23.16 53.35
C GLU B 205 43.22 -21.78 53.71
N ALA B 206 44.08 -20.76 53.58
CA ALA B 206 43.70 -19.37 53.87
C ALA B 206 42.74 -18.79 52.81
N THR B 207 42.93 -19.20 51.56
CA THR B 207 42.04 -18.80 50.46
C THR B 207 40.62 -19.36 50.62
N ARG B 208 40.53 -20.62 51.06
CA ARG B 208 39.24 -21.25 51.36
C ARG B 208 38.55 -20.64 52.58
N THR B 209 39.33 -20.22 53.57
CA THR B 209 38.81 -19.53 54.76
C THR B 209 38.25 -18.14 54.41
N LEU B 210 38.92 -17.43 53.51
CA LEU B 210 38.44 -16.14 53.01
C LEU B 210 37.17 -16.28 52.15
N VAL B 211 37.12 -17.35 51.34
CA VAL B 211 35.94 -17.67 50.53
C VAL B 211 34.74 -18.06 51.39
N ALA B 212 34.99 -18.73 52.52
CA ALA B 212 33.95 -19.06 53.50
C ALA B 212 33.40 -17.80 54.17
N SER B 213 34.28 -16.87 54.52
CA SER B 213 33.88 -15.59 55.12
C SER B 213 33.16 -14.65 54.15
N ILE B 214 33.45 -14.78 52.86
CA ILE B 214 32.80 -13.95 51.82
C ILE B 214 31.31 -14.23 51.69
N GLN B 215 30.93 -15.51 51.75
CA GLN B 215 29.53 -15.94 51.61
C GLN B 215 28.79 -16.00 52.94
N ASN B 216 29.40 -16.67 53.93
CA ASN B 216 28.72 -17.02 55.19
C ASN B 216 28.60 -15.89 56.22
N ASP B 217 29.58 -14.99 56.27
CA ASP B 217 29.63 -13.95 57.30
C ASP B 217 28.51 -12.91 57.16
N PRO B 218 27.83 -12.61 58.27
CA PRO B 218 26.71 -11.69 58.45
C PRO B 218 27.07 -10.22 58.19
N SER B 219 28.23 -9.79 58.67
CA SER B 219 28.69 -8.41 58.51
C SER B 219 29.06 -8.11 57.06
N ALA B 220 28.55 -6.99 56.54
CA ALA B 220 28.79 -6.59 55.15
C ALA B 220 30.22 -6.08 54.91
N GLU B 221 30.78 -5.39 55.90
CA GLU B 221 32.15 -4.87 55.84
C GLU B 221 33.21 -5.99 55.80
N VAL B 222 32.96 -7.07 56.52
CA VAL B 222 33.84 -8.25 56.52
C VAL B 222 33.84 -8.97 55.16
N ARG B 223 32.66 -9.09 54.55
CA ARG B 223 32.53 -9.65 53.21
C ARG B 223 33.15 -8.76 52.15
N ARG B 224 33.03 -7.44 52.32
CA ARG B 224 33.69 -6.46 51.45
C ARG B 224 35.21 -6.48 51.58
N ALA B 225 35.70 -6.67 52.80
CA ALA B 225 37.14 -6.80 53.08
C ALA B 225 37.73 -8.08 52.48
N ALA B 226 36.98 -9.18 52.59
CA ALA B 226 37.38 -10.47 52.01
C ALA B 226 37.33 -10.46 50.48
N MET B 227 36.30 -9.84 49.92
CA MET B 227 36.11 -9.77 48.46
C MET B 227 37.18 -8.90 47.78
N LEU B 228 37.50 -7.75 48.38
CA LEU B 228 38.51 -6.84 47.85
C LEU B 228 39.93 -7.41 47.96
N ASN B 229 40.24 -7.98 49.12
CA ASN B 229 41.58 -8.53 49.41
C ASN B 229 41.84 -9.95 48.87
N LEU B 230 40.82 -10.61 48.34
CA LEU B 230 40.97 -11.97 47.79
C LEU B 230 41.78 -11.97 46.50
N ILE B 231 42.51 -13.06 46.27
CA ILE B 231 43.34 -13.21 45.07
C ILE B 231 42.46 -13.54 43.86
N ASN B 232 42.47 -12.66 42.86
CA ASN B 232 41.65 -12.82 41.66
C ASN B 232 42.21 -13.89 40.73
N ASP B 233 41.92 -15.16 41.06
CA ASP B 233 42.35 -16.32 40.27
C ASP B 233 41.13 -16.95 39.58
N ASN B 234 41.39 -17.98 38.78
CA ASN B 234 40.33 -18.71 38.07
C ASN B 234 39.37 -19.44 39.02
N ASN B 235 39.92 -19.98 40.12
CA ASN B 235 39.12 -20.62 41.16
C ASN B 235 38.31 -19.61 41.99
N THR B 236 38.95 -18.51 42.38
CA THR B 236 38.35 -17.50 43.26
C THR B 236 37.56 -16.38 42.56
N ARG B 237 37.57 -16.35 41.23
CA ARG B 237 36.87 -15.30 40.47
C ARG B 237 35.35 -15.41 40.56
N PRO B 238 34.83 -16.65 40.57
CA PRO B 238 33.42 -17.00 40.71
C PRO B 238 32.81 -16.56 42.04
N TYR B 239 33.55 -16.77 43.14
CA TYR B 239 33.13 -16.32 44.47
C TYR B 239 33.16 -14.80 44.62
N ILE B 240 34.16 -14.16 44.02
CA ILE B 240 34.28 -12.69 44.04
C ILE B 240 33.19 -12.02 43.19
N LEU B 241 32.97 -12.55 41.99
CA LEU B 241 31.91 -12.06 41.10
C LEU B 241 30.50 -12.37 41.59
N GLU B 242 30.36 -13.40 42.43
CA GLU B 242 29.09 -13.74 43.08
C GLU B 242 28.55 -12.65 44.03
N ARG B 243 29.44 -11.80 44.55
CA ARG B 243 29.05 -10.66 45.39
C ARG B 243 28.35 -9.50 44.64
N ALA B 244 28.27 -9.58 43.31
CA ALA B 244 27.52 -8.62 42.50
C ALA B 244 26.03 -8.51 42.88
N ARG B 245 25.45 -9.63 43.31
CA ARG B 245 24.06 -9.68 43.79
C ARG B 245 23.99 -9.83 45.32
N ASP B 246 24.87 -9.13 46.03
CA ASP B 246 24.88 -9.17 47.50
C ASP B 246 23.75 -8.34 48.09
N VAL B 247 23.48 -8.55 49.38
CA VAL B 247 22.42 -7.83 50.09
C VAL B 247 22.73 -6.33 50.23
N ASN B 248 23.97 -6.03 50.60
CA ASN B 248 24.44 -4.64 50.71
C ASN B 248 24.66 -4.01 49.33
N ILE B 249 24.32 -2.73 49.22
CA ILE B 249 24.46 -1.98 47.97
C ILE B 249 25.91 -1.65 47.63
N VAL B 250 26.72 -1.37 48.66
CA VAL B 250 28.14 -1.05 48.49
C VAL B 250 28.96 -2.22 47.95
N ASN B 251 28.65 -3.44 48.40
CA ASN B 251 29.31 -4.65 47.90
C ASN B 251 29.00 -4.94 46.43
N ARG B 252 27.75 -4.71 46.04
CA ARG B 252 27.33 -4.82 44.64
C ARG B 252 27.94 -3.73 43.76
N ARG B 253 27.97 -2.50 44.28
CA ARG B 253 28.57 -1.35 43.59
C ARG B 253 30.10 -1.47 43.48
N LEU B 254 30.74 -2.07 44.48
CA LEU B 254 32.19 -2.28 44.48
C LEU B 254 32.67 -3.28 43.42
N VAL B 255 31.79 -4.18 42.98
CA VAL B 255 32.09 -5.12 41.89
C VAL B 255 32.35 -4.39 40.57
N TYR B 256 31.47 -3.43 40.24
CA TYR B 256 31.63 -2.60 39.04
C TYR B 256 32.68 -1.50 39.22
N SER B 257 32.68 -0.86 40.40
CA SER B 257 33.58 0.26 40.68
C SER B 257 35.06 -0.13 40.83
N ARG B 258 35.31 -1.26 41.49
CA ARG B 258 36.67 -1.69 41.83
C ARG B 258 37.10 -2.99 41.14
N ILE B 259 36.35 -4.07 41.39
CA ILE B 259 36.72 -5.42 40.93
C ILE B 259 36.77 -5.56 39.40
N LEU B 260 35.71 -5.11 38.73
CA LEU B 260 35.64 -5.14 37.26
C LEU B 260 36.58 -4.12 36.61
N LYS B 261 36.72 -2.95 37.25
CA LYS B 261 37.64 -1.91 36.78
C LYS B 261 39.12 -2.29 36.92
N SER B 262 39.44 -3.05 37.96
CA SER B 262 40.82 -3.52 38.19
C SER B 262 41.29 -4.52 37.13
N MET B 263 40.39 -5.36 36.64
CA MET B 263 40.70 -6.31 35.57
C MET B 263 40.91 -5.61 34.23
N GLY B 264 39.95 -4.77 33.85
CA GLY B 264 40.04 -3.98 32.63
C GLY B 264 39.79 -4.80 31.38
N ARG B 265 40.86 -5.08 30.63
CA ARG B 265 40.77 -5.89 29.41
C ARG B 265 40.54 -7.38 29.68
N LYS B 266 40.90 -7.85 30.87
CA LYS B 266 40.70 -9.24 31.28
C LYS B 266 39.24 -9.65 31.50
N CYS B 267 38.34 -8.67 31.64
CA CYS B 267 36.90 -8.94 31.77
C CYS B 267 36.29 -9.61 30.53
N PHE B 268 36.84 -9.32 29.35
CA PHE B 268 36.38 -9.91 28.09
C PHE B 268 37.24 -11.08 27.59
N ASP B 269 38.00 -11.72 28.49
CA ASP B 269 38.88 -12.85 28.14
C ASP B 269 38.87 -13.93 29.21
N ASP B 270 39.38 -13.62 30.39
CA ASP B 270 39.45 -14.57 31.51
C ASP B 270 38.08 -14.86 32.14
N ILE B 271 37.18 -13.88 32.10
CA ILE B 271 35.82 -14.04 32.61
C ILE B 271 34.95 -14.83 31.63
N GLU B 272 34.01 -15.61 32.16
CA GLU B 272 33.09 -16.40 31.34
C GLU B 272 32.02 -15.51 30.72
N PRO B 273 31.73 -15.73 29.42
CA PRO B 273 30.78 -15.01 28.57
C PRO B 273 29.34 -14.99 29.10
N HIS B 274 28.89 -16.11 29.65
CA HIS B 274 27.54 -16.21 30.25
C HIS B 274 27.42 -15.38 31.53
N ILE B 275 28.42 -15.52 32.41
CA ILE B 275 28.49 -14.73 33.65
C ILE B 275 28.77 -13.24 33.41
N PHE B 276 29.50 -12.93 32.33
CA PHE B 276 29.82 -11.55 31.96
C PHE B 276 28.58 -10.77 31.53
N ASP B 277 27.71 -11.41 30.74
CA ASP B 277 26.44 -10.81 30.30
C ASP B 277 25.45 -10.62 31.46
N GLN B 278 25.46 -11.56 32.41
CA GLN B 278 24.62 -11.46 33.61
C GLN B 278 25.03 -10.33 34.55
N LEU B 279 26.34 -10.03 34.60
CA LEU B 279 26.87 -8.94 35.43
C LEU B 279 26.43 -7.56 34.94
N ILE B 280 26.46 -7.36 33.62
CA ILE B 280 26.01 -6.10 33.00
C ILE B 280 24.50 -5.91 33.12
N GLU B 281 23.74 -7.00 32.95
CA GLU B 281 22.27 -6.97 33.09
C GLU B 281 21.83 -6.73 34.54
N TRP B 282 22.55 -7.32 35.49
CA TRP B 282 22.26 -7.15 36.93
C TRP B 282 22.57 -5.73 37.40
N GLY B 283 23.70 -5.17 36.94
CA GLY B 283 24.10 -3.81 37.28
C GLY B 283 23.20 -2.75 36.67
N LEU B 284 22.93 -2.89 35.37
CA LEU B 284 22.08 -1.94 34.63
C LEU B 284 20.62 -1.94 35.10
N GLU B 285 20.10 -3.12 35.43
CA GLU B 285 18.72 -3.28 35.91
C GLU B 285 18.60 -3.41 37.44
N ASP B 286 19.57 -2.86 38.18
CA ASP B 286 19.53 -2.87 39.65
C ASP B 286 18.53 -1.84 40.16
N ARG B 287 18.02 -2.08 41.37
CA ARG B 287 17.04 -1.18 42.00
C ARG B 287 17.66 0.14 42.46
N GLU B 288 18.84 0.05 43.08
CA GLU B 288 19.54 1.23 43.59
C GLU B 288 20.18 2.04 42.46
N LEU B 289 20.24 3.36 42.64
CA LEU B 289 20.82 4.28 41.65
C LEU B 289 22.35 4.23 41.64
N SER B 290 22.96 4.03 42.82
CA SER B 290 24.41 3.95 42.96
C SER B 290 25.01 2.74 42.23
N VAL B 291 24.32 1.61 42.29
CA VAL B 291 24.71 0.40 41.55
C VAL B 291 24.55 0.57 40.04
N ARG B 292 23.50 1.27 39.63
CA ARG B 292 23.25 1.55 38.21
C ARG B 292 24.27 2.52 37.61
N ASN B 293 24.58 3.58 38.35
CA ASN B 293 25.58 4.57 37.94
C ASN B 293 27.01 4.01 37.92
N ALA B 294 27.31 3.10 38.85
CA ALA B 294 28.62 2.43 38.92
C ALA B 294 28.83 1.49 37.73
N CYS B 295 27.80 0.72 37.39
CA CYS B 295 27.84 -0.17 36.22
C CYS B 295 27.85 0.60 34.89
N LYS B 296 27.10 1.70 34.84
CA LYS B 296 27.08 2.57 33.65
C LYS B 296 28.41 3.29 33.43
N ARG B 297 29.03 3.77 34.52
CA ARG B 297 30.34 4.42 34.46
C ARG B 297 31.47 3.45 34.08
N LEU B 298 31.34 2.18 34.47
CA LEU B 298 32.30 1.13 34.11
C LEU B 298 32.29 0.83 32.62
N ILE B 299 31.09 0.75 32.03
CA ILE B 299 30.92 0.48 30.60
C ILE B 299 31.26 1.70 29.74
N ALA B 300 30.73 2.87 30.12
CA ALA B 300 30.87 4.10 29.34
C ALA B 300 32.27 4.71 29.43
N HIS B 301 32.77 4.88 30.66
CA HIS B 301 34.04 5.57 30.91
C HIS B 301 35.23 4.62 30.98
N ASP B 302 35.14 3.62 31.84
CA ASP B 302 36.27 2.72 32.14
C ASP B 302 36.58 1.74 31.01
N TRP B 303 35.55 1.05 30.53
CA TRP B 303 35.70 0.02 29.49
C TRP B 303 36.04 0.61 28.12
N LEU B 304 35.41 1.73 27.77
CA LEU B 304 35.67 2.42 26.49
C LEU B 304 37.08 3.02 26.44
N ASN B 305 37.55 3.56 27.57
CA ASN B 305 38.92 4.07 27.68
C ASN B 305 39.98 2.96 27.61
N ALA B 306 39.63 1.78 28.13
CA ALA B 306 40.51 0.60 28.05
C ALA B 306 40.68 0.09 26.61
N LEU B 307 39.65 0.25 25.78
CA LEU B 307 39.68 -0.14 24.37
C LEU B 307 40.16 0.96 23.40
N ASP B 308 40.72 2.06 23.93
CA ASP B 308 41.29 3.15 23.13
C ASP B 308 40.25 3.92 22.30
N GLY B 309 39.08 4.16 22.89
CA GLY B 309 38.00 4.88 22.23
C GLY B 309 37.32 4.16 21.08
N ASP B 310 37.44 2.84 21.04
CA ASP B 310 36.83 2.02 19.98
C ASP B 310 35.42 1.61 20.38
N LEU B 311 34.43 2.32 19.84
CA LEU B 311 33.02 2.06 20.12
C LEU B 311 32.52 0.75 19.50
N ILE B 312 33.02 0.42 18.31
CA ILE B 312 32.67 -0.82 17.62
C ILE B 312 33.23 -2.06 18.34
N GLU B 313 34.46 -1.95 18.85
CA GLU B 313 35.08 -3.03 19.62
C GLU B 313 34.39 -3.25 20.98
N LEU B 314 33.92 -2.16 21.60
CA LEU B 314 33.16 -2.24 22.84
C LEU B 314 31.79 -2.91 22.65
N LEU B 315 31.14 -2.64 21.51
CA LEU B 315 29.90 -3.28 21.12
C LEU B 315 30.07 -4.78 20.84
N GLU B 316 31.23 -5.15 20.27
CA GLU B 316 31.58 -6.55 20.04
C GLU B 316 31.75 -7.35 21.33
N LYS B 317 32.28 -6.70 22.37
CA LYS B 317 32.42 -7.31 23.70
C LYS B 317 31.07 -7.54 24.36
N LEU B 318 30.17 -6.56 24.25
CA LEU B 318 28.80 -6.67 24.77
C LEU B 318 27.95 -7.71 24.02
N ASP B 319 28.22 -7.88 22.73
CA ASP B 319 27.50 -8.84 21.87
C ASP B 319 26.05 -8.43 21.66
N VAL B 320 25.83 -7.55 20.69
CA VAL B 320 24.50 -7.03 20.37
C VAL B 320 23.57 -8.06 19.70
N SER B 321 24.16 -9.07 19.05
CA SER B 321 23.39 -10.12 18.38
C SER B 321 22.61 -11.02 19.35
N ARG B 322 23.26 -11.40 20.46
CA ARG B 322 22.66 -12.30 21.46
C ARG B 322 22.55 -11.65 22.84
N SER B 323 22.07 -10.40 22.88
CA SER B 323 21.87 -9.67 24.14
C SER B 323 21.06 -8.38 23.94
N SER B 324 20.17 -8.10 24.89
CA SER B 324 19.36 -6.87 24.90
C SER B 324 19.88 -5.80 25.86
N VAL B 325 20.96 -6.11 26.59
CA VAL B 325 21.57 -5.17 27.55
C VAL B 325 22.33 -4.01 26.87
N CYS B 326 22.71 -4.19 25.60
CA CYS B 326 23.42 -3.16 24.84
C CYS B 326 22.59 -1.88 24.59
N VAL B 327 21.27 -2.00 24.59
CA VAL B 327 20.37 -0.85 24.46
C VAL B 327 20.50 0.12 25.64
N LYS B 328 20.53 -0.42 26.85
CA LYS B 328 20.75 0.37 28.07
C LYS B 328 22.20 0.85 28.19
N ALA B 329 23.16 0.01 27.79
CA ALA B 329 24.59 0.34 27.85
C ALA B 329 24.98 1.46 26.87
N ILE B 330 24.46 1.39 25.65
CA ILE B 330 24.70 2.41 24.63
C ILE B 330 24.04 3.74 24.97
N GLU B 331 22.84 3.69 25.53
CA GLU B 331 22.12 4.87 26.02
C GLU B 331 22.82 5.51 27.22
N ALA B 332 23.41 4.68 28.09
CA ALA B 332 24.23 5.15 29.21
C ALA B 332 25.52 5.82 28.73
N LEU B 333 26.13 5.26 27.68
CA LEU B 333 27.33 5.84 27.07
C LEU B 333 27.06 7.16 26.34
N PHE B 334 25.87 7.28 25.74
CA PHE B 334 25.46 8.51 25.04
C PHE B 334 25.27 9.70 25.99
N GLN B 335 24.70 9.43 27.17
CA GLN B 335 24.51 10.45 28.20
C GLN B 335 25.83 10.91 28.81
N SER B 336 26.73 9.96 29.06
CA SER B 336 28.06 10.26 29.62
C SER B 336 28.97 10.96 28.61
N ARG B 337 29.01 10.44 27.38
CA ARG B 337 29.83 10.99 26.30
C ARG B 337 28.96 11.45 25.13
N PRO B 338 28.67 12.76 25.07
CA PRO B 338 27.91 13.44 24.02
C PRO B 338 28.75 13.88 22.82
N ASP B 339 30.07 14.02 23.00
CA ASP B 339 30.99 14.38 21.92
C ASP B 339 31.12 13.28 20.86
N ILE B 340 31.16 12.02 21.32
CA ILE B 340 31.26 10.87 20.41
C ILE B 340 29.98 10.59 19.61
N LEU B 341 28.84 11.08 20.09
CA LEU B 341 27.55 10.88 19.41
C LEU B 341 27.46 11.60 18.06
N SER B 342 27.97 12.84 18.01
CA SER B 342 27.94 13.65 16.79
C SER B 342 28.88 13.14 15.68
N LYS B 343 29.94 12.43 16.06
CA LYS B 343 30.93 11.92 15.11
C LYS B 343 30.41 10.79 14.21
N ILE B 344 29.52 9.95 14.76
CA ILE B 344 28.99 8.79 14.03
C ILE B 344 28.01 9.19 12.92
N LYS B 345 28.56 9.38 11.72
CA LYS B 345 27.77 9.68 10.51
C LYS B 345 27.39 8.38 9.80
N PHE B 346 26.48 8.51 8.83
CA PHE B 346 25.99 7.37 8.05
C PHE B 346 25.82 7.73 6.57
N PRO B 347 26.93 7.73 5.82
CA PRO B 347 26.98 7.98 4.38
C PRO B 347 26.68 6.73 3.55
N GLU B 348 26.75 6.86 2.24
CA GLU B 348 26.53 5.75 1.32
C GLU B 348 27.65 4.69 1.36
N SER B 349 28.88 5.14 1.66
CA SER B 349 30.04 4.25 1.77
C SER B 349 30.00 3.32 3.00
N ILE B 350 29.25 3.71 4.04
CA ILE B 350 29.11 2.90 5.26
C ILE B 350 28.36 1.58 5.04
N TRP B 351 27.46 1.54 4.05
CA TRP B 351 26.70 0.35 3.72
C TRP B 351 27.53 -0.80 3.10
N LYS B 352 28.69 -0.46 2.53
CA LYS B 352 29.61 -1.45 1.95
C LYS B 352 30.16 -2.43 3.00
N ASP B 353 30.52 -1.90 4.17
CA ASP B 353 31.02 -2.70 5.29
C ASP B 353 30.03 -2.65 6.47
N PHE B 354 28.79 -3.04 6.20
CA PHE B 354 27.72 -3.05 7.20
C PHE B 354 27.81 -4.33 8.04
N THR B 355 27.78 -4.18 9.37
CA THR B 355 27.87 -5.29 10.31
C THR B 355 26.74 -5.23 11.34
N VAL B 356 26.69 -6.23 12.22
CA VAL B 356 25.69 -6.29 13.31
C VAL B 356 25.90 -5.18 14.35
N GLU B 357 27.15 -4.85 14.63
CA GLU B 357 27.49 -3.76 15.56
C GLU B 357 27.13 -2.39 14.98
N ILE B 358 27.42 -2.18 13.69
CA ILE B 358 27.07 -0.95 12.98
C ILE B 358 25.56 -0.79 12.77
N ALA B 359 24.88 -1.90 12.49
CA ALA B 359 23.42 -1.91 12.34
C ALA B 359 22.69 -1.60 13.65
N PHE B 360 23.20 -2.11 14.76
CA PHE B 360 22.68 -1.80 16.09
C PHE B 360 22.89 -0.34 16.47
N LEU B 361 24.03 0.22 16.08
CA LEU B 361 24.35 1.64 16.32
C LEU B 361 23.45 2.60 15.51
N PHE B 362 23.00 2.16 14.33
CA PHE B 362 22.10 2.96 13.49
C PHE B 362 20.72 3.13 14.13
N ARG B 363 20.18 2.02 14.66
CA ARG B 363 18.89 2.05 15.37
C ARG B 363 19.00 2.72 16.74
N ALA B 364 20.11 2.50 17.44
CA ALA B 364 20.34 3.09 18.77
C ALA B 364 20.52 4.60 18.72
N ILE B 365 21.30 5.10 17.76
CA ILE B 365 21.56 6.53 17.60
C ILE B 365 20.34 7.31 17.11
N TYR B 366 19.59 6.72 16.17
CA TYR B 366 18.39 7.34 15.61
C TYR B 366 17.24 7.42 16.63
N LEU B 367 17.05 6.34 17.39
CA LEU B 367 16.02 6.28 18.44
C LEU B 367 16.32 7.18 19.64
N TYR B 368 17.60 7.25 20.02
CA TYR B 368 18.05 8.11 21.13
C TYR B 368 17.92 9.60 20.81
N CYS B 369 18.21 9.98 19.57
CA CYS B 369 18.08 11.36 19.11
C CYS B 369 16.62 11.82 19.05
N LEU B 370 15.72 10.92 18.65
CA LEU B 370 14.28 11.19 18.60
C LEU B 370 13.67 11.37 19.99
N ASP B 371 14.13 10.59 20.96
CA ASP B 371 13.66 10.68 22.35
C ASP B 371 14.15 11.97 23.03
N ASN B 372 15.44 12.23 22.91
CA ASN B 372 16.06 13.43 23.49
C ASN B 372 15.90 14.72 22.67
N ASN B 373 15.35 14.60 21.46
CA ASN B 373 15.08 15.74 20.57
C ASN B 373 16.35 16.39 20.00
N ILE B 374 17.32 15.55 19.62
CA ILE B 374 18.56 16.00 18.98
C ILE B 374 18.38 16.00 17.46
N THR B 375 17.61 16.97 16.98
CA THR B 375 17.27 17.08 15.54
C THR B 375 18.41 17.64 14.68
N GLU B 376 19.41 18.26 15.31
CA GLU B 376 20.57 18.83 14.60
C GLU B 376 21.39 17.78 13.85
N MET B 377 21.56 16.61 14.44
CA MET B 377 22.32 15.50 13.84
C MET B 377 21.43 14.42 13.19
N LEU B 378 20.22 14.79 12.78
CA LEU B 378 19.29 13.88 12.09
C LEU B 378 19.32 14.10 10.57
N GLU B 379 19.24 15.36 10.15
CA GLU B 379 19.25 15.72 8.72
C GLU B 379 20.59 15.46 8.04
N GLU B 380 21.69 15.77 8.74
CA GLU B 380 23.03 15.66 8.17
C GLU B 380 23.60 14.23 8.26
N ASN B 381 23.50 13.62 9.44
CA ASN B 381 24.10 12.31 9.69
C ASN B 381 23.40 11.16 8.96
N PHE B 382 22.13 10.92 9.32
CA PHE B 382 21.35 9.82 8.75
C PHE B 382 20.82 10.19 7.36
N PRO B 383 20.62 9.17 6.50
CA PRO B 383 20.07 9.30 5.16
C PRO B 383 18.56 9.51 5.17
N GLU B 384 18.00 9.85 3.99
CA GLU B 384 16.56 10.05 3.85
C GLU B 384 15.80 8.72 3.86
N ALA B 385 14.47 8.82 3.91
CA ALA B 385 13.59 7.63 3.92
C ALA B 385 13.64 6.83 2.61
N SER B 386 13.86 7.52 1.49
CA SER B 386 14.03 6.87 0.19
C SER B 386 15.34 6.09 0.09
N LYS B 387 16.43 6.69 0.61
CA LYS B 387 17.75 6.04 0.63
C LYS B 387 17.81 4.86 1.60
N LEU B 388 17.18 5.02 2.77
CA LEU B 388 17.10 3.95 3.77
C LEU B 388 16.27 2.75 3.32
N SER B 389 15.25 3.00 2.49
CA SER B 389 14.42 1.94 1.91
C SER B 389 15.19 1.04 0.94
N GLU B 390 16.13 1.62 0.20
CA GLU B 390 16.99 0.86 -0.73
C GLU B 390 17.96 -0.06 0.00
N HIS B 391 18.57 0.45 1.08
CA HIS B 391 19.49 -0.33 1.91
C HIS B 391 18.79 -1.47 2.67
N LEU B 392 17.59 -1.17 3.18
CA LEU B 392 16.76 -2.17 3.87
C LEU B 392 16.26 -3.26 2.93
N ASN B 393 15.87 -2.87 1.71
CA ASN B 393 15.42 -3.81 0.67
C ASN B 393 16.56 -4.69 0.13
N HIS B 394 17.78 -4.17 0.10
CA HIS B 394 18.96 -4.91 -0.36
C HIS B 394 19.32 -6.07 0.57
N TYR B 395 19.21 -5.84 1.88
CA TYR B 395 19.44 -6.88 2.88
C TYR B 395 18.37 -7.98 2.85
N ILE B 396 17.13 -7.58 2.58
CA ILE B 396 16.02 -8.53 2.42
C ILE B 396 16.16 -9.41 1.18
N LEU B 397 16.71 -8.84 0.10
CA LEU B 397 16.99 -9.58 -1.13
C LEU B 397 18.09 -10.63 -0.97
N LEU B 398 19.11 -10.32 -0.17
CA LEU B 398 20.20 -11.26 0.13
C LEU B 398 19.73 -12.44 0.98
N ARG B 399 18.84 -12.19 1.93
CA ARG B 399 18.33 -13.22 2.84
C ARG B 399 17.31 -14.15 2.17
N TYR B 400 16.23 -13.56 1.65
CA TYR B 400 15.09 -14.31 1.14
C TYR B 400 14.97 -14.27 -0.40
N HIS B 401 16.09 -14.48 -1.09
CA HIS B 401 16.11 -14.55 -2.55
C HIS B 401 17.44 -15.09 -3.07
N ASP B 414 26.08 -14.81 6.24
CA ASP B 414 25.31 -15.60 7.20
C ASP B 414 23.84 -15.19 7.20
N TYR B 415 22.96 -16.18 7.44
CA TYR B 415 21.51 -15.95 7.47
C TYR B 415 21.06 -15.22 8.73
N ASN B 416 21.68 -15.54 9.87
CA ASN B 416 21.37 -14.90 11.15
C ASN B 416 21.75 -13.43 11.21
N THR B 417 22.91 -13.09 10.63
CA THR B 417 23.39 -11.70 10.56
C THR B 417 22.53 -10.83 9.64
N LEU B 418 22.06 -11.40 8.53
CA LEU B 418 21.18 -10.71 7.59
C LEU B 418 19.80 -10.43 8.18
N GLU B 419 19.27 -11.39 8.94
CA GLU B 419 17.99 -11.22 9.66
C GLU B 419 18.10 -10.20 10.80
N PHE B 420 19.24 -10.19 11.48
CA PHE B 420 19.50 -9.20 12.55
C PHE B 420 19.66 -7.79 12.02
N ILE B 421 20.34 -7.65 10.88
CA ILE B 421 20.53 -6.36 10.22
C ILE B 421 19.22 -5.77 9.68
N ILE B 422 18.36 -6.64 9.15
CA ILE B 422 17.03 -6.24 8.67
C ILE B 422 16.12 -5.78 9.82
N GLU B 423 16.24 -6.45 10.98
CA GLU B 423 15.46 -6.09 12.17
C GLU B 423 15.89 -4.74 12.78
N GLN B 424 17.19 -4.47 12.75
CA GLN B 424 17.74 -3.20 13.25
C GLN B 424 17.31 -2.00 12.39
N LEU B 425 17.37 -2.17 11.07
CA LEU B 425 16.92 -1.14 10.12
C LEU B 425 15.41 -0.93 10.15
N SER B 426 14.66 -2.02 10.32
CA SER B 426 13.20 -1.95 10.43
C SER B 426 12.71 -1.25 11.70
N ILE B 427 13.48 -1.36 12.78
CA ILE B 427 13.19 -0.65 14.04
C ILE B 427 13.34 0.86 13.88
N ALA B 428 14.41 1.29 13.21
CA ALA B 428 14.63 2.70 12.88
C ALA B 428 13.64 3.20 11.81
N ALA B 429 13.27 2.32 10.88
CA ALA B 429 12.29 2.65 9.83
C ALA B 429 10.87 2.91 10.37
N GLU B 430 10.54 2.31 11.51
CA GLU B 430 9.25 2.54 12.17
C GLU B 430 9.11 3.98 12.70
N ARG B 431 10.18 4.50 13.28
CA ARG B 431 10.23 5.88 13.80
C ARG B 431 10.97 6.87 12.88
N TYR B 432 11.11 6.53 11.60
CA TYR B 432 11.81 7.37 10.63
C TYR B 432 10.90 8.48 10.10
N ASP B 433 11.50 9.57 9.65
CA ASP B 433 10.77 10.73 9.13
C ASP B 433 10.28 10.47 7.70
N TYR B 434 8.96 10.38 7.54
CA TYR B 434 8.33 10.19 6.23
C TYR B 434 7.52 11.44 5.84
N SER B 435 8.15 12.61 5.98
CA SER B 435 7.52 13.88 5.60
C SER B 435 7.52 14.05 4.09
N ASP B 436 8.64 13.70 3.45
CA ASP B 436 8.73 13.64 1.99
C ASP B 436 7.90 12.45 1.47
N GLU B 437 6.98 12.73 0.56
CA GLU B 437 6.05 11.71 0.04
C GLU B 437 6.73 10.63 -0.79
N VAL B 438 7.86 10.95 -1.42
CA VAL B 438 8.64 9.98 -2.20
C VAL B 438 9.26 8.90 -1.31
N GLY B 439 9.78 9.30 -0.15
CA GLY B 439 10.36 8.38 0.82
C GLY B 439 9.36 7.44 1.49
N ARG B 440 8.13 7.93 1.70
CA ARG B 440 7.06 7.13 2.32
C ARG B 440 6.59 5.99 1.41
N ARG B 441 6.40 6.29 0.12
CA ARG B 441 5.97 5.30 -0.86
C ARG B 441 7.06 4.24 -1.16
N SER B 442 8.32 4.68 -1.18
CA SER B 442 9.46 3.77 -1.39
C SER B 442 9.64 2.79 -0.23
N MET B 443 9.52 3.29 1.00
CA MET B 443 9.60 2.46 2.21
C MET B 443 8.39 1.54 2.36
N LEU B 444 7.21 2.02 1.96
CA LEU B 444 5.98 1.23 2.03
C LEU B 444 5.97 0.06 1.05
N THR B 445 6.47 0.29 -0.16
CA THR B 445 6.58 -0.76 -1.18
C THR B 445 7.59 -1.85 -0.80
N VAL B 446 8.67 -1.46 -0.13
CA VAL B 446 9.68 -2.41 0.36
C VAL B 446 9.16 -3.28 1.50
N VAL B 447 8.44 -2.66 2.44
CA VAL B 447 7.85 -3.37 3.59
C VAL B 447 6.72 -4.32 3.19
N ARG B 448 5.92 -3.91 2.19
CA ARG B 448 4.84 -4.75 1.66
C ARG B 448 5.38 -6.00 0.95
N ASN B 449 6.46 -5.84 0.19
CA ASN B 449 7.15 -6.97 -0.45
C ASN B 449 7.82 -7.91 0.56
N MET B 450 8.35 -7.34 1.64
CA MET B 450 8.95 -8.13 2.73
C MET B 450 7.91 -8.93 3.51
N LEU B 451 6.77 -8.30 3.79
CA LEU B 451 5.64 -8.95 4.45
C LEU B 451 4.98 -10.04 3.58
N ALA B 452 5.03 -9.84 2.27
CA ALA B 452 4.50 -10.82 1.31
C ALA B 452 5.29 -12.13 1.24
N LEU B 453 6.56 -12.10 1.64
CA LEU B 453 7.42 -13.29 1.67
C LEU B 453 6.92 -14.31 2.72
N THR B 454 6.65 -15.53 2.26
CA THR B 454 6.17 -16.61 3.12
C THR B 454 7.24 -17.15 4.08
N THR B 455 8.51 -17.05 3.68
CA THR B 455 9.64 -17.52 4.48
C THR B 455 10.22 -16.48 5.46
N LEU B 456 9.53 -15.36 5.66
CA LEU B 456 9.97 -14.33 6.61
C LEU B 456 9.80 -14.81 8.05
N SER B 457 10.71 -14.37 8.92
CA SER B 457 10.72 -14.79 10.32
C SER B 457 9.62 -14.10 11.13
N GLU B 458 9.40 -14.59 12.35
CA GLU B 458 8.37 -14.06 13.25
C GLU B 458 8.73 -12.67 13.77
N PRO B 459 10.03 -12.43 14.03
CA PRO B 459 10.60 -11.16 14.46
C PRO B 459 10.51 -10.08 13.37
N LEU B 460 10.83 -10.45 12.13
CA LEU B 460 10.71 -9.55 10.98
C LEU B 460 9.24 -9.22 10.64
N ILE B 461 8.34 -10.19 10.84
CA ILE B 461 6.91 -9.99 10.62
C ILE B 461 6.28 -9.01 11.61
N LYS B 462 6.73 -9.06 12.86
CA LYS B 462 6.26 -8.14 13.91
C LYS B 462 6.75 -6.72 13.68
N ILE B 463 8.04 -6.57 13.38
CA ILE B 463 8.65 -5.26 13.09
C ILE B 463 8.18 -4.67 11.76
N GLY B 464 8.00 -5.54 10.76
CA GLY B 464 7.52 -5.12 9.44
C GLY B 464 6.09 -4.61 9.43
N ILE B 465 5.23 -5.23 10.23
CA ILE B 465 3.83 -4.79 10.39
C ILE B 465 3.73 -3.46 11.15
N ARG B 466 4.59 -3.26 12.14
CA ARG B 466 4.67 -2.01 12.89
C ARG B 466 5.15 -0.83 12.03
N VAL B 467 6.09 -1.10 11.13
CA VAL B 467 6.57 -0.10 10.17
C VAL B 467 5.50 0.31 9.16
N MET B 468 4.68 -0.64 8.74
CA MET B 468 3.54 -0.39 7.85
C MET B 468 2.45 0.47 8.51
N LYS B 469 2.27 0.30 9.82
CA LYS B 469 1.33 1.12 10.60
C LYS B 469 1.75 2.59 10.66
N SER B 470 3.05 2.84 10.82
CA SER B 470 3.61 4.19 10.79
C SER B 470 3.52 4.82 9.39
N LEU B 471 3.78 4.01 8.37
CA LEU B 471 3.69 4.46 6.96
C LEU B 471 2.25 4.74 6.52
N SER B 472 1.29 3.98 7.06
CA SER B 472 -0.13 4.16 6.72
C SER B 472 -0.69 5.47 7.29
N ILE B 473 -1.65 6.05 6.58
CA ILE B 473 -2.29 7.31 6.97
C ILE B 473 -3.24 7.13 8.15
N ASN B 474 -4.03 6.05 8.11
CA ASN B 474 -5.00 5.74 9.17
C ASN B 474 -5.12 4.24 9.41
N GLU B 475 -6.01 3.86 10.33
CA GLU B 475 -6.26 2.45 10.66
C GLU B 475 -6.90 1.66 9.52
N LYS B 476 -7.75 2.31 8.74
CA LYS B 476 -8.38 1.70 7.56
C LYS B 476 -7.37 1.38 6.45
N ASP B 477 -6.42 2.29 6.24
CA ASP B 477 -5.33 2.09 5.28
C ASP B 477 -4.36 1.00 5.72
N PHE B 478 -4.10 0.93 7.03
CA PHE B 478 -3.22 -0.10 7.60
C PHE B 478 -3.85 -1.49 7.56
N VAL B 479 -5.12 -1.58 7.92
CA VAL B 479 -5.86 -2.85 7.93
C VAL B 479 -6.11 -3.40 6.53
N THR B 480 -6.41 -2.51 5.57
CA THR B 480 -6.63 -2.90 4.17
C THR B 480 -5.35 -3.43 3.51
N MET B 481 -4.22 -2.79 3.77
CA MET B 481 -2.92 -3.24 3.27
C MET B 481 -2.46 -4.54 3.92
N ALA B 482 -2.71 -4.68 5.23
CA ALA B 482 -2.36 -5.89 5.98
C ALA B 482 -3.22 -7.10 5.58
N ILE B 483 -4.54 -6.86 5.43
CA ILE B 483 -5.48 -7.91 5.01
C ILE B 483 -5.26 -8.37 3.57
N GLU B 484 -4.86 -7.44 2.70
CA GLU B 484 -4.54 -7.75 1.30
C GLU B 484 -3.31 -8.65 1.18
N ILE B 485 -2.30 -8.40 2.01
CA ILE B 485 -1.09 -9.22 2.06
C ILE B 485 -1.35 -10.62 2.64
N ILE B 486 -2.18 -10.69 3.68
CA ILE B 486 -2.55 -11.95 4.32
C ILE B 486 -3.43 -12.83 3.42
N ASN B 487 -4.38 -12.19 2.72
CA ASN B 487 -5.25 -12.89 1.77
C ASN B 487 -4.50 -13.44 0.55
N ASP B 488 -3.47 -12.72 0.12
CA ASP B 488 -2.62 -13.17 -1.00
C ASP B 488 -1.81 -14.43 -0.67
N ILE B 489 -1.38 -14.56 0.59
CA ILE B 489 -0.66 -15.74 1.05
C ILE B 489 -1.53 -17.00 1.07
N ARG B 490 -2.76 -16.85 1.57
CA ARG B 490 -3.73 -17.94 1.60
C ARG B 490 -4.24 -18.31 0.20
N ASP B 491 -4.47 -17.30 -0.63
CA ASP B 491 -4.91 -17.51 -2.02
C ASP B 491 -3.83 -18.15 -2.90
N ASP B 492 -2.58 -17.75 -2.69
CA ASP B 492 -1.43 -18.33 -3.40
C ASP B 492 -1.19 -19.80 -3.03
N ASP B 493 -1.48 -20.16 -1.78
CA ASP B 493 -1.45 -21.56 -1.33
C ASP B 493 -2.55 -22.38 -2.01
N ILE B 494 -3.72 -21.78 -2.20
CA ILE B 494 -4.84 -22.41 -2.90
C ILE B 494 -4.57 -22.63 -4.40
N GLU B 495 -3.70 -21.80 -5.00
CA GLU B 495 -3.28 -21.99 -6.40
C GLU B 495 -2.38 -23.21 -6.57
N LYS B 496 -1.42 -23.37 -5.66
CA LYS B 496 -0.57 -24.56 -5.61
C LYS B 496 -1.38 -25.80 -5.21
N GLN B 497 -2.28 -25.62 -4.24
CA GLN B 497 -3.23 -26.67 -3.83
C GLN B 497 -4.23 -27.03 -4.92
N GLU B 498 -4.59 -26.06 -5.77
CA GLU B 498 -5.45 -26.29 -6.94
C GLU B 498 -4.74 -27.17 -7.95
N GLN B 499 -3.48 -26.83 -8.26
CA GLN B 499 -2.64 -27.64 -9.14
C GLN B 499 -2.28 -29.00 -8.54
N GLU B 500 -2.12 -29.04 -7.22
CA GLU B 500 -1.85 -30.30 -6.50
C GLU B 500 -3.07 -31.21 -6.49
N GLU B 501 -4.24 -30.65 -6.17
CA GLU B 501 -5.51 -31.37 -6.20
C GLU B 501 -5.94 -31.74 -7.63
N LYS B 502 -5.63 -30.87 -8.59
CA LYS B 502 -5.86 -31.15 -10.01
C LYS B 502 -4.95 -32.27 -10.52
N ILE B 503 -3.68 -32.26 -10.08
CA ILE B 503 -2.73 -33.32 -10.39
C ILE B 503 -3.11 -34.64 -9.70
N LYS B 504 -3.61 -34.54 -8.47
CA LYS B 504 -4.11 -35.70 -7.72
C LYS B 504 -5.38 -36.29 -8.34
N SER B 505 -6.29 -35.40 -8.74
CA SER B 505 -7.52 -35.80 -9.44
C SER B 505 -7.25 -36.32 -10.86
N LYS B 506 -6.22 -35.79 -11.51
CA LYS B 506 -5.81 -36.25 -12.85
C LYS B 506 -5.14 -37.62 -12.77
N LYS B 568 -10.02 -27.78 -1.05
CA LYS B 568 -10.29 -26.36 -1.26
C LYS B 568 -9.83 -25.46 -0.08
N GLU B 569 -9.18 -26.05 0.92
CA GLU B 569 -8.70 -25.31 2.10
C GLU B 569 -7.19 -25.07 2.01
N ALA B 570 -6.73 -24.03 2.72
CA ALA B 570 -5.30 -23.70 2.78
C ALA B 570 -4.55 -24.67 3.69
N SER B 571 -3.23 -24.70 3.54
CA SER B 571 -2.37 -25.60 4.32
C SER B 571 -2.23 -25.15 5.77
N SER B 572 -1.78 -26.07 6.62
CA SER B 572 -1.58 -25.81 8.05
C SER B 572 -0.44 -24.82 8.31
N ALA B 573 0.65 -24.95 7.54
CA ALA B 573 1.78 -24.02 7.61
C ALA B 573 1.41 -22.63 7.08
N THR B 574 0.58 -22.57 6.05
CA THR B 574 0.09 -21.30 5.49
C THR B 574 -0.82 -20.55 6.46
N ILE B 575 -1.61 -21.27 7.24
CA ILE B 575 -2.47 -20.69 8.27
C ILE B 575 -1.69 -20.04 9.42
N VAL B 576 -0.53 -20.62 9.75
CA VAL B 576 0.36 -20.08 10.79
C VAL B 576 0.97 -18.73 10.39
N LEU B 577 1.29 -18.57 9.10
CA LEU B 577 1.83 -17.32 8.57
C LEU B 577 0.79 -16.20 8.56
N CYS B 578 -0.45 -16.52 8.18
CA CYS B 578 -1.55 -15.57 8.16
C CYS B 578 -1.99 -15.15 9.57
N LEU B 579 -2.05 -16.11 10.49
CA LEU B 579 -2.43 -15.85 11.88
C LEU B 579 -1.37 -15.04 12.64
N THR B 580 -0.08 -15.28 12.33
CA THR B 580 1.02 -14.53 12.93
C THR B 580 1.03 -13.06 12.48
N ARG B 581 0.78 -12.83 11.19
CA ARG B 581 0.67 -11.49 10.64
C ARG B 581 -0.58 -10.75 11.12
N SER B 582 -1.70 -11.48 11.19
CA SER B 582 -2.97 -10.93 11.68
C SER B 582 -2.96 -10.59 13.18
N SER B 583 -2.22 -11.38 13.96
CA SER B 583 -2.07 -11.15 15.40
C SER B 583 -1.32 -9.85 15.71
N TYR B 584 -0.26 -9.58 14.96
CA TYR B 584 0.49 -8.32 15.07
C TYR B 584 -0.32 -7.12 14.57
N MET B 585 -1.10 -7.32 13.51
CA MET B 585 -1.99 -6.28 12.97
C MET B 585 -3.15 -5.96 13.89
N LEU B 586 -3.73 -7.00 14.51
CA LEU B 586 -4.84 -6.84 15.46
C LEU B 586 -4.46 -6.12 16.75
N GLU B 587 -3.18 -6.23 17.15
CA GLU B 587 -2.66 -5.52 18.33
C GLU B 587 -2.67 -4.00 18.14
N LEU B 588 -2.32 -3.55 16.93
CA LEU B 588 -2.31 -2.12 16.59
C LEU B 588 -3.71 -1.50 16.45
N VAL B 589 -4.69 -2.31 16.04
CA VAL B 589 -6.06 -1.82 15.79
C VAL B 589 -6.79 -1.47 17.08
N ASN B 590 -7.14 -0.19 17.23
CA ASN B 590 -7.85 0.33 18.42
C ASN B 590 -9.36 0.56 18.22
N THR B 591 -9.82 0.61 16.97
CA THR B 591 -11.23 0.85 16.67
C THR B 591 -12.08 -0.40 16.88
N PRO B 592 -13.41 -0.22 16.91
CA PRO B 592 -14.40 -1.29 17.09
C PRO B 592 -14.50 -2.21 15.87
N LEU B 593 -14.96 -3.44 16.10
CA LEU B 593 -15.11 -4.45 15.05
C LEU B 593 -16.24 -4.15 14.06
N THR B 594 -17.23 -3.35 14.48
CA THR B 594 -18.32 -2.91 13.61
C THR B 594 -17.85 -2.01 12.45
N GLU B 595 -16.83 -1.18 12.72
CA GLU B 595 -16.25 -0.31 11.70
C GLU B 595 -15.47 -1.10 10.64
N ASN B 596 -14.55 -1.95 11.10
CA ASN B 596 -13.72 -2.77 10.22
C ASN B 596 -14.47 -3.99 9.70
N ILE B 597 -14.92 -3.92 8.44
CA ILE B 597 -15.65 -5.02 7.79
C ILE B 597 -14.74 -6.19 7.44
N LEU B 598 -13.50 -5.91 7.03
CA LEU B 598 -12.52 -6.94 6.69
C LEU B 598 -12.08 -7.80 7.88
N ILE B 599 -12.07 -7.21 9.08
CA ILE B 599 -11.77 -7.93 10.32
C ILE B 599 -12.82 -8.99 10.66
N ALA B 600 -14.08 -8.68 10.37
CA ALA B 600 -15.19 -9.63 10.54
C ALA B 600 -15.07 -10.82 9.58
N SER B 601 -14.60 -10.56 8.36
CA SER B 601 -14.34 -11.61 7.36
C SER B 601 -13.18 -12.52 7.76
N LEU B 602 -12.14 -11.93 8.35
CA LEU B 602 -10.98 -12.69 8.85
C LEU B 602 -11.32 -13.59 10.05
N MET B 603 -12.32 -13.20 10.84
CA MET B 603 -12.79 -14.00 11.97
C MET B 603 -13.46 -15.31 11.52
N ASP B 604 -14.35 -15.21 10.54
CA ASP B 604 -15.07 -16.37 10.00
C ASP B 604 -14.18 -17.28 9.16
N THR B 605 -13.36 -16.67 8.29
CA THR B 605 -12.51 -17.42 7.36
C THR B 605 -11.31 -18.09 8.05
N LEU B 606 -10.55 -17.30 8.82
CA LEU B 606 -9.27 -17.74 9.38
C LEU B 606 -9.29 -18.02 10.89
N ILE B 607 -9.74 -17.03 11.66
CA ILE B 607 -9.59 -17.04 13.12
C ILE B 607 -10.43 -18.10 13.85
N THR B 608 -11.69 -18.24 13.44
CA THR B 608 -12.62 -19.21 14.05
C THR B 608 -12.20 -20.66 13.76
N PRO B 609 -11.77 -20.92 12.52
CA PRO B 609 -11.24 -22.20 12.04
C PRO B 609 -9.93 -22.62 12.72
N ALA B 610 -9.08 -21.64 13.03
CA ALA B 610 -7.83 -21.88 13.76
C ALA B 610 -8.05 -22.39 15.19
N VAL B 611 -9.09 -21.87 15.85
CA VAL B 611 -9.48 -22.32 17.19
C VAL B 611 -10.05 -23.74 17.21
N ARG B 612 -10.74 -24.14 16.14
CA ARG B 612 -11.37 -25.46 16.05
C ARG B 612 -10.35 -26.58 15.85
N ASN B 613 -9.62 -26.54 14.73
CA ASN B 613 -8.53 -27.49 14.46
C ASN B 613 -7.34 -27.20 15.38
N THR B 614 -6.43 -28.15 15.54
CA THR B 614 -5.37 -27.99 16.55
C THR B 614 -4.11 -28.84 16.42
N ALA B 615 -3.06 -28.19 15.91
CA ALA B 615 -1.71 -28.38 16.41
C ALA B 615 -1.54 -27.22 17.40
N PRO B 616 -0.61 -27.34 18.36
CA PRO B 616 -0.42 -26.32 19.40
C PRO B 616 -0.11 -24.91 18.89
N ASN B 617 0.61 -24.81 17.77
CA ASN B 617 0.95 -23.53 17.14
C ASN B 617 -0.24 -22.85 16.46
N ILE B 618 -1.04 -23.64 15.74
CA ILE B 618 -2.22 -23.12 15.02
C ILE B 618 -3.34 -22.70 15.97
N ARG B 619 -3.58 -23.49 17.02
CA ARG B 619 -4.63 -23.21 18.01
C ARG B 619 -4.32 -21.99 18.88
N GLU B 620 -3.05 -21.86 19.29
CA GLU B 620 -2.61 -20.73 20.11
C GLU B 620 -2.70 -19.38 19.37
N LEU B 621 -2.41 -19.39 18.08
CA LEU B 621 -2.55 -18.20 17.23
C LEU B 621 -4.00 -17.77 17.05
N GLY B 622 -4.91 -18.74 16.97
CA GLY B 622 -6.35 -18.48 16.86
C GLY B 622 -6.94 -17.88 18.13
N VAL B 623 -6.49 -18.36 19.29
CA VAL B 623 -6.93 -17.84 20.60
C VAL B 623 -6.43 -16.42 20.85
N LYS B 624 -5.18 -16.15 20.48
CA LYS B 624 -4.59 -14.81 20.60
C LYS B 624 -5.25 -13.80 19.65
N ASN B 625 -5.53 -14.24 18.43
CA ASN B 625 -6.25 -13.43 17.44
C ASN B 625 -7.71 -13.17 17.84
N LEU B 626 -8.36 -14.17 18.43
CA LEU B 626 -9.73 -14.04 18.94
C LEU B 626 -9.79 -13.15 20.18
N GLY B 627 -8.79 -13.27 21.06
CA GLY B 627 -8.68 -12.42 22.25
C GLY B 627 -8.46 -10.95 21.95
N LEU B 628 -7.70 -10.66 20.89
CA LEU B 628 -7.49 -9.29 20.41
C LEU B 628 -8.78 -8.70 19.82
N CYS B 629 -9.52 -9.51 19.07
CA CYS B 629 -10.82 -9.12 18.54
C CYS B 629 -11.88 -8.94 19.62
N CYS B 630 -11.78 -9.73 20.69
CA CYS B 630 -12.68 -9.62 21.85
C CYS B 630 -12.50 -8.30 22.64
N LEU B 631 -11.32 -7.70 22.56
CA LEU B 631 -11.06 -6.39 23.17
C LEU B 631 -11.83 -5.26 22.47
N LEU B 632 -11.98 -5.37 21.15
CA LEU B 632 -12.70 -4.37 20.36
C LEU B 632 -14.22 -4.44 20.56
N ASP B 633 -14.78 -5.64 20.44
CA ASP B 633 -16.24 -5.87 20.54
C ASP B 633 -16.61 -6.55 21.85
N VAL B 634 -17.51 -5.92 22.60
CA VAL B 634 -17.99 -6.47 23.89
C VAL B 634 -18.86 -7.71 23.71
N LYS B 635 -19.70 -7.73 22.68
CA LYS B 635 -20.56 -8.87 22.35
C LYS B 635 -19.76 -10.11 21.93
N LEU B 636 -18.66 -9.89 21.21
CA LEU B 636 -17.75 -10.97 20.81
C LEU B 636 -17.04 -11.62 22.00
N ALA B 637 -16.69 -10.80 23.01
CA ALA B 637 -16.09 -11.29 24.26
C ALA B 637 -17.09 -12.12 25.08
N ILE B 638 -18.35 -11.69 25.11
CA ILE B 638 -19.41 -12.42 25.80
C ILE B 638 -19.73 -13.76 25.13
N ASP B 639 -19.75 -13.77 23.81
CA ASP B 639 -19.99 -14.99 23.03
C ASP B 639 -18.85 -16.00 23.13
N ASN B 640 -17.61 -15.51 23.23
CA ASN B 640 -16.41 -16.35 23.32
C ASN B 640 -15.88 -16.60 24.74
N MET B 641 -16.74 -16.39 25.76
CA MET B 641 -16.37 -16.64 27.16
C MET B 641 -16.31 -18.14 27.46
N TYR B 642 -17.28 -18.89 26.94
CA TYR B 642 -17.32 -20.35 27.11
C TYR B 642 -16.19 -21.06 26.38
N ILE B 643 -15.80 -20.56 25.21
CA ILE B 643 -14.69 -21.11 24.44
C ILE B 643 -13.33 -20.91 25.12
N LEU B 644 -13.14 -19.75 25.76
CA LEU B 644 -11.91 -19.44 26.50
C LEU B 644 -11.75 -20.32 27.75
N GLY B 645 -12.86 -20.60 28.43
CA GLY B 645 -12.85 -21.50 29.58
C GLY B 645 -12.50 -22.94 29.25
N MET B 646 -13.00 -23.42 28.10
CA MET B 646 -12.68 -24.76 27.60
C MET B 646 -11.23 -24.89 27.12
N CYS B 647 -10.66 -23.79 26.62
CA CYS B 647 -9.26 -23.77 26.16
C CYS B 647 -8.27 -23.94 27.30
N VAL B 648 -8.53 -23.28 28.43
CA VAL B 648 -7.69 -23.41 29.63
C VAL B 648 -7.81 -24.77 30.30
N SER B 649 -9.03 -25.33 30.33
CA SER B 649 -9.29 -26.61 30.98
C SER B 649 -8.74 -27.80 30.19
N LYS B 650 -9.10 -27.87 28.91
CA LYS B 650 -8.76 -29.01 28.04
C LYS B 650 -7.51 -28.81 27.16
N GLY B 651 -6.74 -27.75 27.40
CA GLY B 651 -5.54 -27.45 26.61
C GLY B 651 -4.25 -27.70 27.37
N ASN B 652 -3.12 -27.54 26.67
CA ASN B 652 -1.79 -27.68 27.26
C ASN B 652 -1.39 -26.46 28.08
N ALA B 653 -0.18 -26.50 28.64
CA ALA B 653 0.36 -25.39 29.45
C ALA B 653 0.54 -24.10 28.64
N SER B 654 0.92 -24.24 27.36
CA SER B 654 1.04 -23.09 26.45
C SER B 654 -0.32 -22.51 26.07
N LEU B 655 -1.29 -23.38 25.80
CA LEU B 655 -2.66 -22.96 25.46
C LEU B 655 -3.38 -22.31 26.64
N LYS B 656 -3.17 -22.84 27.84
CA LYS B 656 -3.73 -22.28 29.08
C LYS B 656 -3.13 -20.91 29.42
N TYR B 657 -1.87 -20.69 29.06
CA TYR B 657 -1.19 -19.40 29.30
C TYR B 657 -1.76 -18.28 28.44
N ILE B 658 -2.03 -18.57 27.17
CA ILE B 658 -2.60 -17.59 26.23
C ILE B 658 -4.07 -17.29 26.52
N ALA B 659 -4.85 -18.35 26.80
CA ALA B 659 -6.29 -18.22 27.07
C ALA B 659 -6.59 -17.50 28.39
N LEU B 660 -5.76 -17.74 29.41
CA LEU B 660 -5.89 -17.06 30.71
C LEU B 660 -5.60 -15.56 30.63
N GLN B 661 -4.60 -15.20 29.82
CA GLN B 661 -4.28 -13.79 29.56
C GLN B 661 -5.38 -13.06 28.79
N VAL B 662 -6.01 -13.76 27.84
CA VAL B 662 -7.15 -13.24 27.09
C VAL B 662 -8.39 -13.05 27.97
N ILE B 663 -8.61 -13.97 28.91
CA ILE B 663 -9.72 -13.88 29.86
C ILE B 663 -9.56 -12.71 30.83
N VAL B 664 -8.33 -12.52 31.34
CA VAL B 664 -8.01 -11.40 32.23
C VAL B 664 -8.05 -10.05 31.50
N ASP B 665 -7.58 -10.02 30.25
CA ASP B 665 -7.60 -8.81 29.41
C ASP B 665 -9.03 -8.40 29.03
N ILE B 666 -9.88 -9.38 28.75
CA ILE B 666 -11.30 -9.14 28.46
C ILE B 666 -12.05 -8.60 29.68
N PHE B 667 -11.70 -9.11 30.87
CA PHE B 667 -12.26 -8.61 32.14
C PHE B 667 -11.79 -7.20 32.47
N SER B 668 -10.56 -6.86 32.10
CA SER B 668 -10.00 -5.53 32.32
C SER B 668 -10.67 -4.46 31.43
N VAL B 669 -10.85 -4.78 30.16
CA VAL B 669 -11.45 -3.86 29.19
C VAL B 669 -12.96 -3.73 29.37
N HIS B 670 -13.66 -4.87 29.30
CA HIS B 670 -15.12 -4.89 29.34
C HIS B 670 -15.69 -4.69 30.76
N GLY B 671 -15.11 -5.38 31.73
CA GLY B 671 -15.57 -5.34 33.12
C GLY B 671 -16.36 -6.60 33.48
N ASN B 672 -17.43 -6.43 34.26
CA ASN B 672 -18.31 -7.52 34.65
C ASN B 672 -19.54 -7.72 33.75
N THR B 673 -19.57 -7.02 32.60
CA THR B 673 -20.68 -7.13 31.65
C THR B 673 -20.75 -8.47 30.92
N VAL B 674 -19.59 -9.13 30.76
CA VAL B 674 -19.50 -10.45 30.11
C VAL B 674 -19.48 -11.57 31.15
N VAL B 675 -20.44 -11.54 32.09
CA VAL B 675 -20.53 -12.54 33.15
C VAL B 675 -21.80 -12.35 33.98
N ASP B 676 -22.41 -13.46 34.39
CA ASP B 676 -23.62 -13.48 35.23
C ASP B 676 -24.82 -12.83 34.54
N GLY B 677 -25.51 -13.62 33.71
CA GLY B 677 -26.69 -13.14 32.99
C GLY B 677 -27.21 -14.13 31.95
N GLU B 678 -28.18 -13.68 31.16
CA GLU B 678 -28.78 -14.50 30.10
C GLU B 678 -27.84 -14.61 28.90
N GLY B 679 -27.41 -15.83 28.59
CA GLY B 679 -26.44 -16.07 27.52
C GLY B 679 -25.04 -15.61 27.89
N LYS B 680 -24.62 -15.92 29.12
CA LYS B 680 -23.30 -15.54 29.63
C LYS B 680 -22.82 -16.54 30.68
N VAL B 681 -21.50 -16.72 30.77
CA VAL B 681 -20.90 -17.66 31.71
C VAL B 681 -20.96 -17.14 33.14
N ASP B 682 -20.95 -18.06 34.10
CA ASP B 682 -21.02 -17.72 35.52
C ASP B 682 -19.69 -17.16 36.03
N SER B 683 -19.77 -16.23 36.98
CA SER B 683 -18.59 -15.63 37.61
C SER B 683 -17.88 -16.63 38.53
N ILE B 684 -18.65 -17.44 39.24
CA ILE B 684 -18.12 -18.50 40.09
C ILE B 684 -17.44 -19.62 39.28
N SER B 685 -17.95 -19.88 38.07
CA SER B 685 -17.32 -20.84 37.15
C SER B 685 -15.94 -20.38 36.68
N LEU B 686 -15.82 -19.09 36.37
CA LEU B 686 -14.54 -18.48 36.00
C LEU B 686 -13.57 -18.41 37.18
N HIS B 687 -14.10 -18.20 38.38
CA HIS B 687 -13.30 -18.21 39.62
C HIS B 687 -12.71 -19.58 39.93
N LYS B 688 -13.46 -20.64 39.64
CA LYS B 688 -12.98 -22.03 39.80
C LYS B 688 -11.86 -22.38 38.81
N ILE B 689 -11.92 -21.83 37.60
CA ILE B 689 -10.88 -22.01 36.59
C ILE B 689 -9.56 -21.36 37.00
N PHE B 690 -9.64 -20.16 37.58
CA PHE B 690 -8.45 -19.44 38.08
C PHE B 690 -7.87 -20.11 39.34
N TYR B 691 -8.75 -20.60 40.22
CA TYR B 691 -8.32 -21.26 41.46
C TYR B 691 -7.63 -22.60 41.20
N LYS B 692 -8.10 -23.35 40.21
CA LYS B 692 -7.48 -24.63 39.83
C LYS B 692 -6.09 -24.43 39.21
N VAL B 693 -5.96 -23.42 38.34
CA VAL B 693 -4.69 -23.09 37.70
C VAL B 693 -3.67 -22.47 38.67
N LEU B 694 -4.16 -21.67 39.62
CA LEU B 694 -3.30 -21.00 40.61
C LEU B 694 -2.65 -21.98 41.59
N LYS B 695 -3.46 -22.89 42.14
CA LYS B 695 -2.98 -23.90 43.09
C LYS B 695 -2.08 -24.97 42.46
N ASN B 696 -2.24 -25.20 41.14
CA ASN B 696 -1.44 -26.19 40.43
C ASN B 696 0.04 -25.77 40.28
N ASN B 697 0.89 -26.33 41.14
CA ASN B 697 2.32 -26.06 41.14
C ASN B 697 3.13 -26.82 40.07
N GLY B 698 2.49 -27.78 39.39
CA GLY B 698 3.12 -28.51 38.28
C GLY B 698 3.55 -27.62 37.13
N LEU B 699 2.71 -26.62 36.81
CA LEU B 699 3.03 -25.60 35.81
C LEU B 699 2.99 -24.23 36.47
N PRO B 700 4.13 -23.80 37.04
CA PRO B 700 4.37 -22.54 37.76
C PRO B 700 4.24 -21.27 36.91
N GLU B 701 4.43 -21.38 35.60
CA GLU B 701 4.31 -20.24 34.68
C GLU B 701 2.88 -19.71 34.59
N CYS B 702 1.91 -20.63 34.51
CA CYS B 702 0.48 -20.27 34.50
C CYS B 702 -0.01 -19.71 35.84
N GLN B 703 0.61 -20.13 36.94
CA GLN B 703 0.29 -19.63 38.28
C GLN B 703 0.58 -18.13 38.45
N VAL B 704 1.65 -17.66 37.80
CA VAL B 704 1.99 -16.23 37.80
C VAL B 704 0.95 -15.38 37.05
N ILE B 705 0.45 -15.92 35.94
CA ILE B 705 -0.62 -15.27 35.17
C ILE B 705 -1.94 -15.22 35.94
N ALA B 706 -2.25 -16.30 36.67
CA ALA B 706 -3.44 -16.37 37.53
C ALA B 706 -3.31 -15.46 38.76
N ALA B 707 -2.12 -15.42 39.35
CA ALA B 707 -1.85 -14.60 40.55
C ALA B 707 -1.84 -13.10 40.22
N GLU B 708 -1.10 -12.73 39.18
CA GLU B 708 -1.01 -11.33 38.73
C GLU B 708 -2.30 -10.85 38.06
N GLY B 709 -2.96 -11.74 37.31
CA GLY B 709 -4.23 -11.43 36.65
C GLY B 709 -5.38 -11.20 37.62
N LEU B 710 -5.43 -11.99 38.70
CA LEU B 710 -6.40 -11.81 39.77
C LEU B 710 -6.17 -10.51 40.56
N CYS B 711 -4.89 -10.18 40.77
CA CYS B 711 -4.52 -8.92 41.42
C CYS B 711 -4.87 -7.69 40.58
N LYS B 712 -4.74 -7.81 39.25
CA LYS B 712 -5.13 -6.75 38.32
C LYS B 712 -6.63 -6.49 38.30
N LEU B 713 -7.42 -7.57 38.36
CA LEU B 713 -8.88 -7.47 38.42
C LEU B 713 -9.37 -6.90 39.75
N PHE B 714 -8.75 -7.33 40.85
CA PHE B 714 -9.08 -6.84 42.19
C PHE B 714 -8.69 -5.36 42.39
N LEU B 715 -7.59 -4.95 41.77
CA LEU B 715 -7.13 -3.55 41.82
C LEU B 715 -8.06 -2.59 41.05
N ALA B 716 -8.57 -3.06 39.90
CA ALA B 716 -9.48 -2.26 39.06
C ALA B 716 -10.95 -2.27 39.53
N ASP B 717 -11.26 -3.04 40.58
CA ASP B 717 -12.62 -3.16 41.13
C ASP B 717 -13.58 -3.92 40.19
N VAL B 718 -13.03 -4.83 39.38
CA VAL B 718 -13.84 -5.73 38.55
C VAL B 718 -14.29 -6.91 39.43
N PHE B 719 -13.31 -7.57 40.06
CA PHE B 719 -13.57 -8.61 41.05
C PHE B 719 -13.54 -8.01 42.45
N THR B 720 -14.49 -8.44 43.28
CA THR B 720 -14.60 -7.96 44.67
C THR B 720 -15.19 -9.02 45.60
N ASP B 721 -14.69 -10.25 45.46
CA ASP B 721 -15.11 -11.38 46.30
C ASP B 721 -14.18 -11.48 47.52
N ASP B 722 -14.76 -11.64 48.70
CA ASP B 722 -14.00 -11.76 49.95
C ASP B 722 -13.30 -13.11 50.05
N ASP B 723 -13.99 -14.18 49.65
CA ASP B 723 -13.43 -15.54 49.66
C ASP B 723 -12.31 -15.73 48.63
N LEU B 724 -12.50 -15.15 47.44
CA LEU B 724 -11.50 -15.22 46.36
C LEU B 724 -10.22 -14.43 46.69
N PHE B 725 -10.39 -13.26 47.30
CA PHE B 725 -9.27 -12.43 47.74
C PHE B 725 -8.45 -13.08 48.87
N GLU B 726 -9.13 -13.82 49.74
CA GLU B 726 -8.48 -14.57 50.82
C GLU B 726 -7.60 -15.71 50.29
N THR B 727 -8.01 -16.33 49.19
CA THR B 727 -7.22 -17.38 48.52
C THR B 727 -5.91 -16.85 47.92
N LEU B 728 -5.93 -15.61 47.44
CA LEU B 728 -4.74 -14.96 46.88
C LEU B 728 -3.70 -14.64 47.96
N VAL B 729 -4.17 -14.14 49.11
CA VAL B 729 -3.30 -13.86 50.25
C VAL B 729 -2.69 -15.11 50.87
N LEU B 730 -3.49 -16.18 50.94
CA LEU B 730 -3.02 -17.49 51.42
C LEU B 730 -2.01 -18.13 50.47
N SER B 731 -2.21 -17.95 49.17
CA SER B 731 -1.29 -18.45 48.14
C SER B 731 0.07 -17.76 48.17
N TYR B 732 0.10 -16.48 48.57
CA TYR B 732 1.34 -15.73 48.73
C TYR B 732 2.16 -16.22 49.92
N PHE B 733 1.50 -16.46 51.05
CA PHE B 733 2.13 -16.95 52.27
C PHE B 733 2.25 -18.48 52.38
N SER B 734 1.75 -19.21 51.38
CA SER B 734 1.79 -20.68 51.39
C SER B 734 3.20 -21.22 51.14
N PRO B 735 3.51 -22.38 51.75
CA PRO B 735 4.75 -23.12 51.67
C PRO B 735 5.04 -23.70 50.27
N ILE B 736 3.99 -24.16 49.59
CA ILE B 736 4.12 -24.72 48.23
C ILE B 736 4.56 -23.69 47.18
N ASN B 737 4.13 -22.44 47.35
CA ASN B 737 4.47 -21.34 46.43
C ASN B 737 5.80 -20.63 46.74
N SER B 738 6.59 -21.14 47.69
CA SER B 738 7.90 -20.57 48.00
C SER B 738 8.93 -20.76 46.88
N SER B 739 8.80 -21.84 46.11
CA SER B 739 9.66 -22.10 44.96
C SER B 739 9.45 -21.08 43.84
N ASN B 740 8.19 -20.73 43.58
CA ASN B 740 7.85 -19.71 42.58
C ASN B 740 8.19 -18.30 43.05
N GLU B 741 9.32 -17.78 42.58
CA GLU B 741 9.78 -16.43 42.93
C GLU B 741 8.94 -15.33 42.28
N ALA B 742 8.54 -15.55 41.03
CA ALA B 742 7.69 -14.61 40.29
C ALA B 742 6.29 -14.48 40.90
N LEU B 743 5.73 -15.59 41.37
CA LEU B 743 4.42 -15.60 42.03
C LEU B 743 4.44 -14.88 43.38
N VAL B 744 5.51 -15.08 44.14
CA VAL B 744 5.69 -14.41 45.43
C VAL B 744 5.95 -12.91 45.27
N GLN B 745 6.76 -12.55 44.27
CA GLN B 745 7.05 -11.14 43.96
C GLN B 745 5.83 -10.40 43.40
N ALA B 746 4.99 -11.09 42.63
CA ALA B 746 3.75 -10.52 42.10
C ALA B 746 2.73 -10.22 43.21
N PHE B 747 2.57 -11.18 44.12
CA PHE B 747 1.68 -11.01 45.29
C PHE B 747 2.20 -9.98 46.30
N ALA B 748 3.53 -9.85 46.39
CA ALA B 748 4.15 -8.87 47.29
C ALA B 748 3.88 -7.43 46.86
N PHE B 749 4.02 -7.15 45.58
CA PHE B 749 3.80 -5.81 45.03
C PHE B 749 2.32 -5.43 44.94
N CYS B 750 1.49 -6.37 44.49
CA CYS B 750 0.07 -6.11 44.21
C CYS B 750 -0.81 -5.95 45.45
N ILE B 751 -0.58 -6.79 46.46
CA ILE B 751 -1.42 -6.83 47.67
C ILE B 751 -1.32 -5.56 48.52
N PRO B 752 -0.10 -5.02 48.66
CA PRO B 752 0.22 -3.80 49.40
C PRO B 752 -0.39 -2.54 48.78
N VAL B 753 -0.23 -2.40 47.46
CA VAL B 753 -0.78 -1.25 46.73
C VAL B 753 -2.31 -1.26 46.62
N TYR B 754 -2.93 -2.44 46.71
CA TYR B 754 -4.39 -2.59 46.64
C TYR B 754 -5.08 -1.96 47.84
N CYS B 755 -4.61 -2.28 49.04
CA CYS B 755 -5.15 -1.73 50.28
C CYS B 755 -4.85 -0.23 50.44
N PHE B 756 -3.64 0.18 50.07
CA PHE B 756 -3.22 1.58 50.15
C PHE B 756 -3.87 2.49 49.09
N SER B 757 -4.39 1.91 48.01
CA SER B 757 -5.03 2.68 46.94
C SER B 757 -6.36 3.30 47.38
N HIS B 758 -7.19 2.50 48.05
CA HIS B 758 -8.50 2.95 48.54
C HIS B 758 -8.92 2.20 49.81
N PRO B 759 -9.72 2.86 50.66
CA PRO B 759 -10.29 2.40 51.93
C PRO B 759 -11.20 1.18 51.79
N ALA B 760 -11.95 1.11 50.70
CA ALA B 760 -12.84 -0.04 50.43
C ALA B 760 -12.07 -1.34 50.19
N HIS B 761 -10.95 -1.24 49.49
CA HIS B 761 -10.06 -2.39 49.26
C HIS B 761 -9.35 -2.82 50.55
N GLN B 762 -8.92 -1.84 51.35
CA GLN B 762 -8.33 -2.10 52.67
C GLN B 762 -9.35 -2.66 53.67
N GLN B 763 -10.62 -2.24 53.53
CA GLN B 763 -11.72 -2.77 54.34
C GLN B 763 -11.99 -4.26 54.06
N ARG B 764 -11.80 -4.68 52.81
CA ARG B 764 -11.90 -6.10 52.43
C ARG B 764 -10.82 -6.96 53.07
N MET B 765 -9.62 -6.39 53.21
CA MET B 765 -8.50 -7.06 53.88
C MET B 765 -8.73 -7.24 55.38
N SER B 766 -9.29 -6.21 56.03
CA SER B 766 -9.56 -6.21 57.47
C SER B 766 -10.49 -7.33 57.93
N ARG B 767 -11.48 -7.66 57.10
CA ARG B 767 -12.41 -8.76 57.38
C ARG B 767 -11.73 -10.13 57.25
N THR B 768 -10.96 -10.31 56.18
CA THR B 768 -10.30 -11.60 55.87
C THR B 768 -8.98 -11.86 56.60
N ALA B 769 -8.32 -10.80 57.10
CA ALA B 769 -7.00 -10.93 57.74
C ALA B 769 -6.99 -11.79 59.01
N ALA B 770 -8.08 -11.72 59.78
CA ALA B 770 -8.22 -12.54 61.01
C ALA B 770 -8.35 -14.02 60.68
N ASP B 771 -9.16 -14.34 59.67
CA ASP B 771 -9.31 -15.72 59.19
C ASP B 771 -8.05 -16.22 58.48
N ILE B 772 -7.37 -15.33 57.74
CA ILE B 772 -6.13 -15.66 57.05
C ILE B 772 -4.98 -15.94 58.02
N LEU B 773 -4.89 -15.15 59.09
CA LEU B 773 -3.88 -15.35 60.15
C LEU B 773 -4.10 -16.64 60.95
N LEU B 774 -5.37 -17.01 61.15
CA LEU B 774 -5.73 -18.25 61.85
C LEU B 774 -5.37 -19.50 61.05
N ARG B 775 -5.60 -19.46 59.74
CA ARG B 775 -5.26 -20.57 58.84
C ARG B 775 -3.75 -20.78 58.70
N LEU B 776 -2.98 -19.68 58.70
CA LEU B 776 -1.52 -19.74 58.60
C LEU B 776 -0.86 -20.30 59.87
N CYS B 777 -1.38 -19.91 61.03
CA CYS B 777 -0.86 -20.38 62.32
C CYS B 777 -1.10 -21.88 62.54
N VAL B 778 -2.29 -22.35 62.15
CA VAL B 778 -2.62 -23.78 62.20
C VAL B 778 -1.78 -24.60 61.20
N LEU B 779 -1.50 -24.01 60.04
CA LEU B 779 -0.65 -24.64 59.02
C LEU B 779 0.82 -24.74 59.46
N TRP B 780 1.32 -23.68 60.12
CA TRP B 780 2.69 -23.65 60.63
C TRP B 780 2.91 -24.66 61.76
N ASP B 781 1.92 -24.80 62.65
CA ASP B 781 1.94 -25.82 63.70
C ASP B 781 1.79 -27.23 63.13
N ASP B 782 0.98 -27.38 62.07
CA ASP B 782 0.80 -28.65 61.38
C ASP B 782 2.06 -29.13 60.63
N LEU B 783 2.94 -28.19 60.26
CA LEU B 783 4.24 -28.52 59.66
C LEU B 783 5.17 -29.30 60.60
N GLN B 784 5.02 -29.09 61.90
CA GLN B 784 5.78 -29.83 62.92
C GLN B 784 5.42 -31.33 63.00
N SER B 785 4.20 -31.67 62.58
CA SER B 785 3.74 -33.08 62.55
C SER B 785 4.45 -33.91 61.47
N SER B 786 4.16 -35.21 61.45
CA SER B 786 4.84 -36.17 60.57
C SER B 786 4.18 -36.29 59.18
N VAL B 787 4.15 -35.17 58.46
CA VAL B 787 3.67 -35.15 57.07
C VAL B 787 4.18 -33.88 56.38
N ILE B 788 5.49 -33.87 56.10
CA ILE B 788 6.20 -32.67 55.67
C ILE B 788 6.65 -32.74 54.21
N PRO B 789 6.45 -31.64 53.47
CA PRO B 789 6.83 -31.38 52.08
C PRO B 789 6.60 -29.92 51.69
N ARG B 793 7.97 -25.14 60.37
CA ARG B 793 8.96 -25.30 59.30
C ARG B 793 9.47 -23.94 58.81
N GLU B 794 10.67 -23.95 58.22
CA GLU B 794 11.33 -22.74 57.71
C GLU B 794 10.97 -22.41 56.24
N ALA B 795 10.16 -23.24 55.60
CA ALA B 795 9.72 -22.99 54.22
C ALA B 795 8.83 -21.75 54.08
N MET B 796 8.00 -21.51 55.10
CA MET B 796 7.14 -20.31 55.17
C MET B 796 7.54 -19.43 56.35
N LEU B 797 7.02 -18.20 56.36
CA LEU B 797 7.31 -17.23 57.41
C LEU B 797 6.54 -17.56 58.69
N LYS B 798 7.11 -17.18 59.83
CA LYS B 798 6.49 -17.39 61.14
C LYS B 798 5.31 -16.45 61.36
N PRO B 799 4.38 -16.84 62.25
CA PRO B 799 3.13 -16.18 62.65
C PRO B 799 3.31 -14.71 63.06
N ASN B 800 4.39 -14.40 63.78
CA ASN B 800 4.71 -13.02 64.18
C ASN B 800 5.04 -12.12 62.99
N ILE B 801 5.77 -12.67 62.01
CA ILE B 801 6.08 -11.96 60.77
C ILE B 801 4.84 -11.75 59.90
N ILE B 802 3.99 -12.77 59.82
CA ILE B 802 2.74 -12.70 59.07
C ILE B 802 1.70 -11.77 59.72
N PHE B 803 1.68 -11.73 61.05
CA PHE B 803 0.76 -10.87 61.80
C PHE B 803 1.11 -9.38 61.64
N GLN B 804 2.39 -9.05 61.75
CA GLN B 804 2.88 -7.69 61.55
C GLN B 804 2.74 -7.23 60.09
N GLN B 805 2.94 -8.16 59.16
CA GLN B 805 2.73 -7.91 57.73
C GLN B 805 1.26 -7.68 57.39
N LEU B 806 0.37 -8.47 58.00
CA LEU B 806 -1.08 -8.31 57.84
C LEU B 806 -1.59 -7.02 58.49
N LEU B 807 -1.06 -6.70 59.68
CA LEU B 807 -1.39 -5.46 60.40
C LEU B 807 -0.86 -4.21 59.69
N PHE B 808 0.26 -4.34 58.99
CA PHE B 808 0.86 -3.23 58.23
C PHE B 808 -0.01 -2.80 57.05
N TRP B 809 -0.58 -3.78 56.33
CA TRP B 809 -1.50 -3.51 55.22
C TRP B 809 -2.83 -2.91 55.68
N THR B 810 -3.31 -3.33 56.86
CA THR B 810 -4.56 -2.83 57.42
C THR B 810 -4.50 -1.39 57.99
N ASP B 811 -3.29 -0.86 58.19
CA ASP B 811 -3.11 0.50 58.76
C ASP B 811 -3.72 1.60 57.88
N PRO B 812 -4.48 2.51 58.51
CA PRO B 812 -5.23 3.63 57.94
C PRO B 812 -4.34 4.73 57.33
N ARG B 813 -3.29 5.12 58.04
CA ARG B 813 -2.36 6.17 57.60
C ARG B 813 -1.54 5.79 56.36
N ASN B 814 -1.34 4.49 56.14
CA ASN B 814 -0.65 3.99 54.94
C ASN B 814 -1.37 4.29 53.62
N LEU B 815 -2.68 4.46 53.68
CA LEU B 815 -3.48 4.84 52.50
C LEU B 815 -3.16 6.26 52.03
N VAL B 816 -3.38 6.52 50.74
CA VAL B 816 -3.07 7.81 50.12
C VAL B 816 -4.07 8.89 50.54
N THR B 822 -7.73 10.44 54.83
CA THR B 822 -8.28 11.74 55.22
C THR B 822 -8.70 11.76 56.70
N LYS B 823 -9.28 10.67 57.17
CA LYS B 823 -9.76 10.54 58.55
C LYS B 823 -9.14 9.33 59.26
N LYS B 824 -9.53 9.13 60.51
CA LYS B 824 -9.06 7.99 61.32
C LYS B 824 -9.61 6.66 60.78
N ASP B 825 -10.91 6.63 60.47
CA ASP B 825 -11.57 5.50 59.82
C ASP B 825 -11.83 4.29 60.74
N THR B 826 -10.76 3.75 61.33
CA THR B 826 -10.83 2.58 62.22
C THR B 826 -11.04 1.28 61.43
N VAL B 827 -10.36 1.17 60.29
CA VAL B 827 -10.34 -0.06 59.49
C VAL B 827 -9.44 -1.11 60.14
N GLN B 828 -8.30 -0.65 60.65
CA GLN B 828 -7.37 -1.50 61.41
C GLN B 828 -7.96 -1.98 62.75
N LEU B 829 -8.80 -1.15 63.36
CA LEU B 829 -9.47 -1.50 64.63
C LEU B 829 -10.43 -2.68 64.49
N THR B 830 -11.13 -2.76 63.36
CA THR B 830 -12.03 -3.89 63.07
C THR B 830 -11.27 -5.21 62.86
N PHE B 831 -10.10 -5.12 62.23
CA PHE B 831 -9.23 -6.29 62.00
C PHE B 831 -8.62 -6.84 63.30
N LEU B 832 -8.26 -5.95 64.23
CA LEU B 832 -7.68 -6.33 65.52
C LEU B 832 -8.67 -7.05 66.43
N ILE B 833 -9.93 -6.59 66.43
CA ILE B 833 -11.00 -7.22 67.21
C ILE B 833 -11.35 -8.62 66.71
N ASP B 834 -11.30 -8.80 65.39
CA ASP B 834 -11.51 -10.12 64.77
C ASP B 834 -10.37 -11.11 65.10
N VAL B 835 -9.15 -10.60 65.19
CA VAL B 835 -7.99 -11.39 65.61
C VAL B 835 -8.08 -11.85 67.08
N LEU B 836 -8.65 -10.99 67.93
CA LEU B 836 -8.87 -11.33 69.35
C LEU B 836 -9.92 -12.42 69.55
N LYS B 837 -10.97 -12.40 68.71
CA LYS B 837 -12.00 -13.45 68.74
C LYS B 837 -11.48 -14.79 68.23
N ILE B 838 -10.69 -14.75 67.16
CA ILE B 838 -10.05 -15.95 66.62
C ILE B 838 -8.93 -16.52 67.50
N TYR B 839 -8.38 -15.69 68.38
CA TYR B 839 -7.35 -16.12 69.35
C TYR B 839 -7.90 -17.12 70.37
N ALA B 840 -6.96 -17.73 71.12
CA ALA B 840 -7.26 -18.84 72.04
C ALA B 840 -7.78 -20.10 71.32
N GLN B 841 -7.33 -20.30 70.08
CA GLN B 841 -7.69 -21.46 69.27
C GLN B 841 -6.43 -22.05 68.65
N ILE B 842 -5.47 -22.39 69.51
CA ILE B 842 -4.18 -22.94 69.10
C ILE B 842 -3.62 -23.89 70.16
N GLU B 843 -2.84 -24.87 69.71
CA GLU B 843 -2.25 -25.88 70.58
C GLU B 843 -1.07 -25.31 71.36
N LYS B 844 -0.09 -24.79 70.63
CA LYS B 844 1.14 -24.26 71.22
C LYS B 844 0.99 -22.81 71.67
N LYS B 845 1.56 -22.49 72.83
CA LYS B 845 1.57 -21.12 73.37
C LYS B 845 2.62 -20.21 72.71
N GLU B 846 3.60 -20.81 72.04
CA GLU B 846 4.64 -20.05 71.33
C GLU B 846 4.07 -19.21 70.18
N ILE B 847 3.09 -19.75 69.46
CA ILE B 847 2.38 -19.02 68.41
C ILE B 847 1.50 -17.90 68.99
N LYS B 848 0.90 -18.16 70.16
CA LYS B 848 0.14 -17.14 70.90
C LYS B 848 1.02 -16.01 71.42
N LYS B 849 2.22 -16.34 71.86
CA LYS B 849 3.22 -15.36 72.29
C LYS B 849 3.71 -14.47 71.14
N MET B 850 3.82 -15.07 69.95
CA MET B 850 4.21 -14.32 68.74
C MET B 850 3.14 -13.32 68.29
N ILE B 851 1.88 -13.73 68.37
CA ILE B 851 0.74 -12.87 68.02
C ILE B 851 0.53 -11.74 69.02
N ILE B 852 0.65 -12.05 70.32
CA ILE B 852 0.45 -11.08 71.40
C ILE B 852 1.56 -10.03 71.48
N THR B 853 2.81 -10.46 71.34
CA THR B 853 3.98 -9.58 71.40
C THR B 853 4.05 -8.56 70.26
N ASN B 854 3.55 -8.95 69.08
CA ASN B 854 3.50 -8.05 67.92
C ASN B 854 2.46 -6.93 67.99
N ILE B 855 1.60 -6.95 69.00
CA ILE B 855 0.62 -5.87 69.25
C ILE B 855 1.28 -4.54 69.63
N ASN B 856 0.45 -3.50 69.78
CA ASN B 856 0.90 -2.13 70.02
C ASN B 856 1.58 -1.47 68.80
N ALA B 857 1.22 -1.95 67.60
CA ALA B 857 1.63 -1.32 66.34
C ALA B 857 0.46 -0.61 65.64
N ILE B 858 -0.70 -0.56 66.30
CA ILE B 858 -1.90 0.07 65.75
C ILE B 858 -1.97 1.55 66.11
N PHE B 859 -2.74 2.30 65.33
CA PHE B 859 -2.92 3.74 65.53
C PHE B 859 -4.21 4.02 66.30
N LEU B 860 -4.09 4.25 67.60
CA LEU B 860 -5.22 4.56 68.48
C LEU B 860 -5.36 6.06 68.71
N SER B 861 -6.55 6.49 69.11
CA SER B 861 -6.83 7.90 69.38
C SER B 861 -8.12 8.06 70.20
N GLN B 864 -10.80 7.20 67.52
CA GLN B 864 -12.20 7.59 67.40
C GLN B 864 -13.13 6.37 67.46
N ASP B 865 -14.43 6.65 67.50
CA ASP B 865 -15.49 5.62 67.60
C ASP B 865 -15.45 4.92 68.97
N TYR B 866 -16.26 5.41 69.90
CA TYR B 866 -16.26 4.92 71.29
C TYR B 866 -16.81 3.50 71.45
N SER B 867 -17.76 3.11 70.60
CA SER B 867 -18.37 1.78 70.66
C SER B 867 -17.41 0.66 70.28
N THR B 868 -16.59 0.90 69.25
CA THR B 868 -15.61 -0.09 68.77
C THR B 868 -14.45 -0.31 69.76
N LEU B 869 -13.94 0.79 70.33
CA LEU B 869 -12.82 0.73 71.29
C LEU B 869 -13.21 0.06 72.61
N LYS B 870 -14.44 0.31 73.08
CA LYS B 870 -14.96 -0.32 74.29
C LYS B 870 -15.15 -1.83 74.13
N GLU B 871 -15.58 -2.26 72.94
CA GLU B 871 -15.70 -3.68 72.61
C GLU B 871 -14.33 -4.38 72.54
N LEU B 872 -13.32 -3.66 72.04
CA LEU B 872 -11.94 -4.17 72.01
C LEU B 872 -11.34 -4.32 73.41
N LEU B 873 -11.66 -3.38 74.30
CA LEU B 873 -11.23 -3.44 75.70
C LEU B 873 -11.86 -4.60 76.48
N GLU B 874 -13.10 -4.96 76.13
CA GLU B 874 -13.79 -6.10 76.74
C GLU B 874 -13.13 -7.44 76.40
N TYR B 875 -12.68 -7.58 75.16
CA TYR B 875 -11.95 -8.78 74.71
C TYR B 875 -10.56 -8.88 75.35
N SER B 876 -9.88 -7.75 75.48
CA SER B 876 -8.58 -7.67 76.15
C SER B 876 -8.67 -7.96 77.64
N ASP B 877 -9.76 -7.52 78.26
CA ASP B 877 -10.06 -7.83 79.67
C ASP B 877 -10.37 -9.32 79.89
N ASP B 878 -11.08 -9.92 78.94
CA ASP B 878 -11.36 -11.36 78.95
C ASP B 878 -10.10 -12.21 78.75
N ILE B 879 -9.14 -11.69 77.98
CA ILE B 879 -7.86 -12.36 77.74
C ILE B 879 -6.94 -12.44 78.96
N ALA B 880 -7.18 -11.62 79.99
CA ALA B 880 -6.42 -11.67 81.23
C ALA B 880 -6.67 -12.97 82.01
N GLU B 881 -5.95 -14.02 81.60
CA GLU B 881 -6.05 -15.35 82.21
C GLU B 881 -5.05 -15.48 83.35
N ASN B 887 4.81 -15.75 78.92
CA ASN B 887 4.74 -15.07 80.21
C ASN B 887 4.88 -13.55 80.07
N VAL B 888 5.86 -13.11 79.27
CA VAL B 888 6.09 -11.69 79.00
C VAL B 888 5.00 -11.03 78.14
N SER B 889 4.22 -11.83 77.42
CA SER B 889 3.07 -11.34 76.65
C SER B 889 1.99 -10.67 77.49
N LYS B 890 1.88 -11.05 78.77
CA LYS B 890 1.00 -10.38 79.73
C LYS B 890 1.38 -8.91 79.94
N ASN B 891 2.68 -8.64 79.98
CA ASN B 891 3.20 -7.26 80.06
C ASN B 891 2.92 -6.45 78.78
N ALA B 892 3.02 -7.10 77.63
CA ALA B 892 2.68 -6.48 76.34
C ALA B 892 1.18 -6.19 76.22
N LEU B 893 0.36 -7.13 76.68
CA LEU B 893 -1.10 -6.94 76.74
C LEU B 893 -1.52 -5.89 77.77
N ASP B 894 -0.81 -5.84 78.89
CA ASP B 894 -1.04 -4.83 79.94
C ASP B 894 -0.68 -3.41 79.47
N LYS B 895 0.31 -3.29 78.59
CA LYS B 895 0.69 -2.00 77.99
C LYS B 895 -0.43 -1.44 77.09
N LEU B 896 -1.13 -2.33 76.39
CA LEU B 896 -2.28 -1.95 75.55
C LEU B 896 -3.49 -1.51 76.39
N ARG B 897 -3.74 -2.23 77.48
CA ARG B 897 -4.87 -1.95 78.37
C ARG B 897 -4.74 -0.61 79.13
N ASN B 898 -3.51 -0.28 79.53
CA ASN B 898 -3.23 1.00 80.20
C ASN B 898 -3.45 2.20 79.28
N ASN B 899 -2.99 2.07 78.03
CA ASN B 899 -3.23 3.09 76.99
C ASN B 899 -4.70 3.16 76.56
N LEU B 900 -5.35 2.00 76.49
CA LEU B 900 -6.78 1.91 76.14
C LEU B 900 -7.69 2.49 77.24
N ASN B 901 -7.33 2.25 78.50
CA ASN B 901 -8.08 2.77 79.65
C ASN B 901 -8.05 4.30 79.74
N SER B 902 -6.94 4.91 79.31
CA SER B 902 -6.81 6.37 79.22
C SER B 902 -7.75 6.96 78.16
N LEU B 903 -7.89 6.25 77.03
CA LEU B 903 -8.81 6.65 75.97
C LEU B 903 -10.28 6.55 76.36
N ILE B 904 -10.62 5.57 77.21
CA ILE B 904 -11.98 5.38 77.71
C ILE B 904 -12.42 6.50 78.65
N GLU B 905 -11.54 6.89 79.57
CA GLU B 905 -11.80 7.98 80.51
C GLU B 905 -11.85 9.35 79.82
N GLU B 906 -11.02 9.54 78.79
CA GLU B 906 -11.00 10.78 78.01
C GLU B 906 -12.26 10.97 77.17
N ILE B 907 -12.71 9.90 76.53
CA ILE B 907 -13.93 9.92 75.70
C ILE B 907 -15.20 10.07 76.53
N ASN B 908 -15.25 9.41 77.69
CA ASN B 908 -16.40 9.48 78.60
C ASN B 908 -16.56 10.87 79.24
N GLU B 909 -15.45 11.46 79.68
CA GLU B 909 -15.45 12.79 80.29
C GLU B 909 -15.69 13.94 79.30
N ARG B 910 -15.49 13.69 78.00
CA ARG B 910 -15.68 14.70 76.96
C ARG B 910 -17.13 15.20 76.82
N SER B 911 -18.10 14.32 77.11
CA SER B 911 -19.51 14.68 77.03
C SER B 911 -19.92 15.60 78.19
N MET C 1 -27.85 0.89 -4.92
CA MET C 1 -26.76 0.45 -4.01
C MET C 1 -25.43 1.08 -4.42
N LYS C 2 -24.63 1.47 -3.42
CA LYS C 2 -23.35 2.16 -3.64
C LYS C 2 -22.24 1.60 -2.76
N VAL C 3 -21.01 2.05 -3.02
CA VAL C 3 -19.84 1.67 -2.23
C VAL C 3 -19.61 2.70 -1.13
N GLU C 4 -19.56 2.24 0.12
CA GLU C 4 -19.33 3.11 1.27
C GLU C 4 -17.88 3.58 1.32
N GLU C 5 -16.95 2.62 1.27
CA GLU C 5 -15.51 2.87 1.23
C GLU C 5 -14.92 2.26 -0.04
N LEU C 6 -14.26 3.09 -0.85
CA LEU C 6 -13.68 2.67 -2.13
C LEU C 6 -12.17 2.51 -2.03
N ILE C 7 -11.61 1.73 -2.95
CA ILE C 7 -10.17 1.47 -3.01
C ILE C 7 -9.63 1.59 -4.44
N ILE C 8 -8.34 1.91 -4.54
CA ILE C 8 -7.64 2.01 -5.83
C ILE C 8 -6.17 1.63 -5.64
N ASP C 9 -5.58 0.99 -6.64
CA ASP C 9 -4.21 0.48 -6.53
C ASP C 9 -3.58 0.11 -7.87
N GLY C 10 -2.52 0.82 -8.25
CA GLY C 10 -1.63 0.43 -9.36
C GLY C 10 -2.26 0.36 -10.74
N PHE C 11 -2.20 1.48 -11.46
CA PHE C 11 -2.74 1.56 -12.84
C PHE C 11 -2.04 2.63 -13.66
N LYS C 12 -2.35 2.66 -14.97
CA LYS C 12 -1.76 3.57 -15.97
C LYS C 12 -1.11 4.85 -15.42
N SER C 13 -1.90 5.63 -14.67
CA SER C 13 -1.41 6.85 -14.01
C SER C 13 -1.06 6.62 -12.53
N TYR C 14 -1.83 5.79 -11.85
CA TYR C 14 -1.70 5.59 -10.40
C TYR C 14 -0.48 4.73 -10.00
N ALA C 15 0.46 5.34 -9.27
CA ALA C 15 1.61 4.66 -8.70
C ALA C 15 1.50 4.59 -7.18
N THR C 16 0.32 4.22 -6.68
CA THR C 16 0.05 4.19 -5.23
C THR C 16 -1.25 3.46 -4.90
N ARG C 17 -1.32 2.93 -3.68
CA ARG C 17 -2.48 2.20 -3.18
C ARG C 17 -3.32 3.10 -2.26
N THR C 18 -4.21 3.90 -2.87
CA THR C 18 -5.06 4.84 -2.15
C THR C 18 -6.35 4.19 -1.65
N VAL C 19 -7.12 4.95 -0.87
CA VAL C 19 -8.41 4.49 -0.35
C VAL C 19 -9.33 5.67 0.01
N ILE C 20 -10.40 5.84 -0.78
CA ILE C 20 -11.36 6.94 -0.59
C ILE C 20 -12.60 6.48 0.18
N THR C 21 -13.50 7.41 0.45
CA THR C 21 -14.75 7.13 1.17
C THR C 21 -15.82 8.19 0.88
N ASP C 22 -17.02 7.98 1.45
CA ASP C 22 -18.15 8.89 1.33
C ASP C 22 -18.75 8.89 -0.09
N TRP C 23 -19.77 8.07 -0.30
CA TRP C 23 -20.47 7.97 -1.57
C TRP C 23 -21.92 7.54 -1.36
N ASP C 24 -22.87 8.36 -1.82
CA ASP C 24 -24.30 8.07 -1.67
C ASP C 24 -24.78 7.02 -2.67
N PRO C 25 -25.93 6.40 -2.38
CA PRO C 25 -26.65 5.43 -3.21
C PRO C 25 -27.74 6.11 -4.06
N GLN C 26 -27.33 7.15 -4.80
CA GLN C 26 -28.27 7.96 -5.58
C GLN C 26 -27.53 8.89 -6.55
N PHE C 27 -26.63 9.71 -6.01
CA PHE C 27 -25.80 10.63 -6.80
C PHE C 27 -24.32 10.52 -6.43
N ASN C 28 -23.63 9.58 -7.08
CA ASN C 28 -22.17 9.47 -7.00
C ASN C 28 -21.52 10.32 -8.08
N ALA C 29 -20.19 10.46 -8.05
CA ALA C 29 -19.48 11.29 -9.02
C ALA C 29 -17.98 10.98 -9.13
N ILE C 30 -17.38 11.48 -10.20
CA ILE C 30 -15.93 11.35 -10.45
C ILE C 30 -15.51 12.32 -11.56
N THR C 31 -14.57 13.21 -11.26
CA THR C 31 -14.15 14.27 -12.19
C THR C 31 -12.63 14.35 -12.33
N GLY C 32 -12.18 14.99 -13.42
CA GLY C 32 -10.77 15.20 -13.70
C GLY C 32 -10.09 14.01 -14.35
N LEU C 33 -9.38 14.26 -15.45
CA LEU C 33 -8.62 13.23 -16.15
C LEU C 33 -7.17 13.23 -15.66
N ASN C 34 -6.41 14.25 -16.07
CA ASN C 34 -4.99 14.41 -15.70
C ASN C 34 -4.13 13.17 -15.93
N GLY C 35 -3.78 12.94 -17.20
CA GLY C 35 -3.04 11.74 -17.60
C GLY C 35 -4.00 10.62 -17.95
N SER C 36 -4.34 9.81 -16.94
CA SER C 36 -5.34 8.77 -17.08
C SER C 36 -5.97 8.44 -15.71
N GLY C 37 -6.34 9.47 -14.97
CA GLY C 37 -6.87 9.32 -13.61
C GLY C 37 -8.30 8.82 -13.57
N LYS C 38 -9.17 9.50 -14.30
CA LYS C 38 -10.58 9.10 -14.41
C LYS C 38 -10.77 7.79 -15.17
N SER C 39 -9.92 7.55 -16.17
CA SER C 39 -9.89 6.29 -16.90
C SER C 39 -9.45 5.14 -16.00
N ASN C 40 -8.33 5.31 -15.31
CA ASN C 40 -7.80 4.30 -14.39
C ASN C 40 -8.64 4.13 -13.11
N ILE C 41 -9.35 5.18 -12.70
CA ILE C 41 -10.30 5.09 -11.58
C ILE C 41 -11.50 4.24 -11.95
N LEU C 42 -12.05 4.49 -13.14
CA LEU C 42 -13.11 3.67 -13.71
C LEU C 42 -12.61 2.28 -14.11
N ASP C 43 -11.36 2.18 -14.57
CA ASP C 43 -10.73 0.91 -14.94
C ASP C 43 -10.17 0.11 -13.75
N ALA C 44 -10.06 0.75 -12.58
CA ALA C 44 -9.81 0.04 -11.32
C ALA C 44 -11.07 -0.71 -10.91
N ILE C 45 -12.22 -0.05 -11.06
CA ILE C 45 -13.53 -0.69 -10.93
C ILE C 45 -13.80 -1.67 -12.07
N CYS C 46 -13.40 -1.28 -13.29
CA CYS C 46 -13.52 -2.12 -14.49
C CYS C 46 -12.28 -2.99 -14.77
N PHE C 47 -11.42 -3.19 -13.77
CA PHE C 47 -10.37 -4.20 -13.83
C PHE C 47 -10.99 -5.59 -13.78
N VAL C 48 -12.02 -5.74 -12.94
CA VAL C 48 -12.82 -6.97 -12.89
C VAL C 48 -13.68 -7.15 -14.14
N LEU C 49 -14.24 -6.06 -14.66
CA LEU C 49 -15.09 -6.10 -15.86
C LEU C 49 -14.28 -6.33 -17.13
N GLY C 50 -13.35 -5.43 -17.42
CA GLY C 50 -12.45 -5.52 -18.58
C GLY C 50 -12.91 -4.67 -19.74
N ILE C 51 -11.94 -4.27 -20.58
CA ILE C 51 -12.21 -3.49 -21.79
C ILE C 51 -12.86 -4.35 -22.86
N ALA C 52 -12.29 -5.52 -23.09
CA ALA C 52 -12.82 -6.53 -24.02
C ALA C 52 -12.85 -7.90 -23.33
N SER C 53 -13.20 -8.93 -24.09
CA SER C 53 -13.18 -10.32 -23.58
C SER C 53 -11.76 -10.80 -23.30
N MET C 54 -11.65 -11.83 -22.46
CA MET C 54 -10.36 -12.38 -22.02
C MET C 54 -9.54 -12.99 -23.16
N SER C 55 -10.23 -13.62 -24.12
CA SER C 55 -9.59 -14.22 -25.29
C SER C 55 -8.98 -13.20 -26.25
N THR C 56 -9.56 -11.99 -26.30
CA THR C 56 -9.08 -10.93 -27.18
C THR C 56 -7.73 -10.35 -26.75
N VAL C 57 -7.59 -10.07 -25.46
CA VAL C 57 -6.36 -9.48 -24.92
C VAL C 57 -5.20 -10.47 -24.87
N ARG C 58 -3.98 -9.96 -25.00
CA ARG C 58 -2.76 -10.77 -24.95
C ARG C 58 -2.40 -11.14 -23.51
N ALA C 59 -1.49 -12.11 -23.37
CA ALA C 59 -1.00 -12.54 -22.05
C ALA C 59 -0.15 -11.46 -21.36
N SER C 60 0.58 -10.69 -22.16
CA SER C 60 1.35 -9.55 -21.65
C SER C 60 0.47 -8.44 -21.07
N SER C 61 -0.69 -8.21 -21.70
CA SER C 61 -1.60 -7.11 -21.34
C SER C 61 -2.23 -7.18 -19.93
N LEU C 62 -2.17 -8.34 -19.27
CA LEU C 62 -2.59 -8.47 -17.87
C LEU C 62 -1.69 -7.65 -16.96
N GLN C 63 -0.39 -7.86 -17.08
CA GLN C 63 0.63 -7.06 -16.40
C GLN C 63 0.88 -5.72 -17.10
N ASP C 64 0.75 -5.71 -18.43
CA ASP C 64 1.04 -4.52 -19.26
C ASP C 64 -0.19 -3.62 -19.54
N LEU C 65 -1.08 -3.50 -18.56
CA LEU C 65 -2.15 -2.49 -18.58
C LEU C 65 -2.15 -1.73 -17.24
N ILE C 66 -0.96 -1.50 -16.71
CA ILE C 66 -0.75 -0.88 -15.40
C ILE C 66 0.12 0.38 -15.55
N TYR C 67 0.67 0.87 -14.44
CA TYR C 67 1.45 2.12 -14.42
C TYR C 67 2.56 2.21 -15.47
N LYS C 68 3.57 1.37 -15.34
CA LYS C 68 4.70 1.33 -16.28
C LYS C 68 4.71 -0.01 -17.05
N ARG C 69 3.52 -0.44 -17.48
CA ARG C 69 3.30 -1.78 -18.02
C ARG C 69 3.69 -2.86 -17.00
N GLY C 70 3.29 -2.62 -15.74
CA GLY C 70 3.70 -3.47 -14.60
C GLY C 70 5.19 -3.73 -14.49
N GLN C 71 5.99 -2.71 -14.76
CA GLN C 71 7.46 -2.82 -14.82
C GLN C 71 8.19 -1.74 -14.03
N ALA C 72 7.69 -1.44 -12.83
CA ALA C 72 8.36 -0.56 -11.87
C ALA C 72 9.01 -1.47 -10.81
N GLY C 73 8.98 -1.07 -9.53
CA GLY C 73 9.35 -1.96 -8.42
C GLY C 73 8.15 -2.68 -7.85
N VAL C 74 7.39 -3.36 -8.72
CA VAL C 74 6.14 -4.02 -8.34
C VAL C 74 5.52 -4.76 -9.53
N THR C 75 4.55 -5.62 -9.23
CA THR C 75 3.83 -6.38 -10.27
C THR C 75 2.50 -6.94 -9.74
N LYS C 76 1.72 -6.08 -9.11
CA LYS C 76 0.42 -6.46 -8.54
C LYS C 76 -0.44 -5.26 -8.16
N ALA C 77 -1.68 -5.52 -7.77
CA ALA C 77 -2.62 -4.49 -7.33
C ALA C 77 -3.63 -5.05 -6.32
N SER C 78 -3.87 -4.31 -5.24
CA SER C 78 -4.85 -4.69 -4.22
C SER C 78 -6.14 -3.89 -4.40
N VAL C 79 -6.97 -4.32 -5.34
CA VAL C 79 -8.24 -3.66 -5.65
C VAL C 79 -9.37 -4.25 -4.82
N THR C 80 -10.25 -3.38 -4.32
CA THR C 80 -11.40 -3.82 -3.53
C THR C 80 -12.46 -2.73 -3.39
N ILE C 81 -13.61 -3.12 -2.85
CA ILE C 81 -14.72 -2.21 -2.58
C ILE C 81 -15.33 -2.49 -1.21
N VAL C 82 -16.30 -1.67 -0.83
CA VAL C 82 -17.09 -1.89 0.39
C VAL C 82 -18.55 -1.54 0.10
N PHE C 83 -19.27 -2.50 -0.49
CA PHE C 83 -20.63 -2.28 -0.97
C PHE C 83 -21.62 -2.13 0.18
N ASP C 84 -22.48 -1.12 0.07
CA ASP C 84 -23.51 -0.85 1.08
C ASP C 84 -24.67 -1.82 0.92
N ASN C 85 -24.77 -2.79 1.84
CA ASN C 85 -25.84 -3.79 1.85
C ASN C 85 -26.79 -3.57 3.04
N THR C 86 -27.14 -2.30 3.28
CA THR C 86 -28.08 -1.94 4.35
C THR C 86 -29.51 -2.29 3.94
N ASP C 87 -29.87 -1.92 2.71
CA ASP C 87 -31.15 -2.32 2.12
C ASP C 87 -31.13 -3.82 1.84
N LYS C 88 -31.63 -4.60 2.80
CA LYS C 88 -31.60 -6.07 2.74
C LYS C 88 -32.51 -6.68 1.68
N SER C 89 -33.53 -5.93 1.24
CA SER C 89 -34.40 -6.36 0.14
C SER C 89 -33.65 -6.47 -1.20
N ASN C 90 -32.69 -5.58 -1.43
CA ASN C 90 -31.89 -5.58 -2.65
C ASN C 90 -30.75 -6.62 -2.70
N SER C 91 -30.46 -7.27 -1.59
CA SER C 91 -29.40 -8.28 -1.50
C SER C 91 -29.73 -9.56 -2.28
N PRO C 92 -28.70 -10.36 -2.58
CA PRO C 92 -28.73 -11.61 -3.36
C PRO C 92 -29.41 -12.78 -2.65
N ILE C 93 -29.38 -13.95 -3.29
CA ILE C 93 -30.01 -15.16 -2.76
C ILE C 93 -29.22 -15.73 -1.58
N GLY C 94 -29.77 -15.56 -0.37
CA GLY C 94 -29.14 -16.03 0.86
C GLY C 94 -27.88 -15.28 1.26
N PHE C 95 -27.84 -13.97 0.94
CA PHE C 95 -26.72 -13.10 1.31
C PHE C 95 -27.23 -11.75 1.84
N THR C 96 -28.31 -11.80 2.63
CA THR C 96 -28.94 -10.62 3.21
C THR C 96 -28.42 -10.27 4.61
N ASN C 97 -27.88 -11.27 5.32
CA ASN C 97 -27.37 -11.08 6.68
C ASN C 97 -26.15 -10.14 6.78
N SER C 98 -25.36 -10.07 5.71
CA SER C 98 -24.18 -9.18 5.67
C SER C 98 -24.60 -7.72 5.59
N PRO C 99 -24.27 -6.94 6.63
CA PRO C 99 -24.50 -5.50 6.78
C PRO C 99 -23.81 -4.67 5.71
N GLN C 100 -22.56 -5.02 5.39
CA GLN C 100 -21.81 -4.37 4.31
C GLN C 100 -20.74 -5.31 3.75
N ILE C 101 -20.92 -5.73 2.49
CA ILE C 101 -20.00 -6.65 1.82
C ILE C 101 -18.77 -5.91 1.32
N SER C 102 -17.68 -6.67 1.09
CA SER C 102 -16.42 -6.11 0.59
C SER C 102 -15.66 -7.14 -0.25
N VAL C 103 -15.95 -7.16 -1.55
CA VAL C 103 -15.29 -8.06 -2.50
C VAL C 103 -14.02 -7.43 -3.05
N THR C 104 -13.11 -8.27 -3.54
CA THR C 104 -11.81 -7.82 -4.06
C THR C 104 -11.30 -8.66 -5.23
N ARG C 105 -10.60 -7.99 -6.14
CA ARG C 105 -9.86 -8.62 -7.24
C ARG C 105 -8.42 -8.13 -7.22
N GLN C 106 -7.55 -8.73 -8.03
CA GLN C 106 -6.13 -8.38 -8.02
C GLN C 106 -5.36 -8.85 -9.24
N VAL C 107 -4.45 -8.00 -9.72
CA VAL C 107 -3.43 -8.39 -10.68
C VAL C 107 -2.24 -8.99 -9.91
N VAL C 108 -1.44 -9.80 -10.60
CA VAL C 108 -0.30 -10.47 -9.97
C VAL C 108 0.75 -10.89 -11.00
N LEU C 109 1.84 -11.50 -10.51
CA LEU C 109 2.91 -12.02 -11.38
C LEU C 109 2.40 -13.18 -12.22
N GLY C 110 2.71 -13.15 -13.51
CA GLY C 110 2.22 -14.14 -14.48
C GLY C 110 0.86 -13.83 -15.09
N GLY C 111 0.29 -12.66 -14.77
CA GLY C 111 -1.01 -12.25 -15.28
C GLY C 111 -2.19 -13.09 -14.79
N THR C 112 -2.07 -13.64 -13.59
CA THR C 112 -3.08 -14.53 -13.01
C THR C 112 -4.00 -13.75 -12.07
N SER C 113 -5.21 -13.43 -12.55
CA SER C 113 -6.20 -12.71 -11.76
C SER C 113 -7.10 -13.68 -10.99
N LYS C 114 -7.58 -13.24 -9.83
CA LYS C 114 -8.44 -14.05 -8.96
C LYS C 114 -9.63 -13.24 -8.44
N TYR C 115 -10.76 -13.92 -8.24
CA TYR C 115 -11.99 -13.31 -7.74
C TYR C 115 -12.19 -13.63 -6.25
N LEU C 116 -11.76 -12.71 -5.39
CA LEU C 116 -11.87 -12.86 -3.94
C LEU C 116 -13.19 -12.27 -3.41
N ILE C 117 -13.51 -12.61 -2.16
CA ILE C 117 -14.74 -12.13 -1.52
C ILE C 117 -14.64 -12.19 0.01
N ASN C 118 -13.67 -11.45 0.56
CA ASN C 118 -13.45 -11.35 2.00
C ASN C 118 -13.13 -12.70 2.66
N GLY C 119 -12.13 -13.39 2.12
CA GLY C 119 -11.73 -14.72 2.57
C GLY C 119 -12.12 -15.79 1.58
N HIS C 120 -13.39 -15.79 1.17
CA HIS C 120 -13.91 -16.74 0.18
C HIS C 120 -13.40 -16.43 -1.22
N ARG C 121 -13.22 -17.47 -2.03
CA ARG C 121 -12.72 -17.36 -3.40
C ARG C 121 -13.82 -17.79 -4.39
N ALA C 122 -14.25 -16.87 -5.23
CA ALA C 122 -15.34 -17.10 -6.17
C ALA C 122 -14.84 -17.65 -7.49
N PRO C 123 -15.62 -18.58 -8.10
CA PRO C 123 -15.41 -19.04 -9.47
C PRO C 123 -15.84 -17.97 -10.47
N GLN C 124 -15.28 -18.02 -11.67
CA GLN C 124 -15.58 -17.03 -12.72
C GLN C 124 -17.04 -17.08 -13.19
N GLN C 125 -17.65 -18.27 -13.15
CA GLN C 125 -19.07 -18.44 -13.44
C GLN C 125 -19.95 -17.84 -12.33
N SER C 126 -19.57 -18.05 -11.08
CA SER C 126 -20.27 -17.47 -9.93
C SER C 126 -20.16 -15.95 -9.85
N VAL C 127 -19.01 -15.41 -10.29
CA VAL C 127 -18.82 -13.96 -10.40
C VAL C 127 -19.75 -13.34 -11.46
N LEU C 128 -19.94 -14.05 -12.57
CA LEU C 128 -20.91 -13.65 -13.60
C LEU C 128 -22.36 -13.77 -13.10
N GLN C 129 -22.62 -14.79 -12.29
CA GLN C 129 -23.91 -14.95 -11.60
C GLN C 129 -24.16 -13.82 -10.59
N LEU C 130 -23.09 -13.41 -9.89
CA LEU C 130 -23.14 -12.24 -9.00
C LEU C 130 -23.32 -10.94 -9.78
N PHE C 131 -22.66 -10.84 -10.93
CA PHE C 131 -22.83 -9.70 -11.84
C PHE C 131 -24.24 -9.66 -12.46
N GLN C 132 -24.81 -10.84 -12.72
CA GLN C 132 -26.19 -10.95 -13.22
C GLN C 132 -27.24 -10.75 -12.10
N SER C 133 -26.90 -11.14 -10.88
CA SER C 133 -27.77 -10.93 -9.72
C SER C 133 -27.79 -9.45 -9.32
N VAL C 134 -26.60 -8.88 -9.18
CA VAL C 134 -26.43 -7.43 -8.96
C VAL C 134 -26.77 -6.60 -10.21
N GLN C 135 -26.79 -7.25 -11.37
CA GLN C 135 -27.27 -6.67 -12.64
C GLN C 135 -26.32 -5.63 -13.27
N LEU C 136 -25.05 -5.67 -12.88
CA LEU C 136 -24.01 -4.82 -13.47
C LEU C 136 -23.15 -5.68 -14.39
N ASN C 137 -23.47 -5.65 -15.69
CA ASN C 137 -22.93 -6.61 -16.65
C ASN C 137 -21.49 -6.32 -17.08
N ILE C 138 -20.77 -7.40 -17.40
CA ILE C 138 -19.44 -7.33 -18.00
C ILE C 138 -19.49 -7.56 -19.52
N ASN C 139 -20.27 -8.55 -19.94
CA ASN C 139 -20.45 -8.86 -21.37
C ASN C 139 -21.17 -7.75 -22.14
N ASN C 140 -22.26 -7.26 -21.57
CA ASN C 140 -23.01 -6.12 -22.13
C ASN C 140 -23.51 -5.21 -21.01
N PRO C 141 -22.62 -4.34 -20.51
CA PRO C 141 -22.75 -3.40 -19.40
C PRO C 141 -23.92 -2.44 -19.56
N ASN C 142 -24.76 -2.35 -18.52
CA ASN C 142 -25.91 -1.44 -18.52
C ASN C 142 -25.47 -0.01 -18.22
N PHE C 143 -24.84 0.62 -19.22
CA PHE C 143 -24.28 1.96 -19.08
C PHE C 143 -23.78 2.47 -20.43
N LEU C 144 -24.19 3.69 -20.79
CA LEU C 144 -23.75 4.33 -22.02
C LEU C 144 -22.35 4.93 -21.82
N ILE C 145 -21.36 4.38 -22.52
CA ILE C 145 -20.01 4.93 -22.54
C ILE C 145 -20.07 6.28 -23.24
N MET C 146 -19.90 7.35 -22.47
CA MET C 146 -20.24 8.70 -22.93
C MET C 146 -19.33 9.22 -24.04
N GLN C 147 -18.02 8.98 -23.91
CA GLN C 147 -17.06 9.25 -24.98
C GLN C 147 -16.87 7.98 -25.81
N GLY C 148 -17.28 8.04 -27.08
CA GLY C 148 -17.15 6.92 -28.01
C GLY C 148 -18.47 6.22 -28.28
N LYS C 149 -19.10 5.73 -27.22
CA LYS C 149 -20.39 5.02 -27.33
C LYS C 149 -21.61 5.96 -27.40
N ILE C 150 -21.40 7.27 -27.34
CA ILE C 150 -22.43 8.26 -27.68
C ILE C 150 -22.77 8.18 -29.17
N THR C 151 -21.72 8.07 -29.99
CA THR C 151 -21.86 7.82 -31.43
C THR C 151 -22.35 6.39 -31.70
N LYS C 152 -21.84 5.42 -30.94
CA LYS C 152 -22.29 4.03 -31.03
C LYS C 152 -23.73 3.81 -30.51
N VAL C 153 -24.21 4.73 -29.68
CA VAL C 153 -25.63 4.75 -29.27
C VAL C 153 -26.51 5.29 -30.40
N LEU C 154 -26.00 6.31 -31.10
CA LEU C 154 -26.65 6.84 -32.31
C LEU C 154 -26.62 5.83 -33.45
N ASN C 155 -25.51 5.08 -33.58
CA ASN C 155 -25.39 3.97 -34.51
C ASN C 155 -25.56 2.60 -33.82
N MET C 156 -26.44 2.56 -32.81
CA MET C 156 -26.72 1.33 -32.06
C MET C 156 -27.71 0.50 -32.85
N LYS C 157 -27.22 -0.58 -33.45
CA LYS C 157 -28.07 -1.50 -34.21
C LYS C 157 -29.00 -2.27 -33.28
N PRO C 158 -30.11 -2.77 -33.82
CA PRO C 158 -31.21 -3.50 -33.17
C PRO C 158 -30.75 -4.60 -32.20
N SER C 159 -29.73 -5.35 -32.59
CA SER C 159 -29.12 -6.36 -31.73
C SER C 159 -28.29 -5.74 -30.59
N GLU C 160 -27.57 -4.66 -30.90
CA GLU C 160 -26.77 -3.92 -29.92
C GLU C 160 -27.63 -3.23 -28.86
N ILE C 161 -28.71 -2.58 -29.29
CA ILE C 161 -29.63 -1.88 -28.40
C ILE C 161 -30.64 -2.79 -27.68
N LEU C 162 -30.71 -4.06 -28.07
CA LEU C 162 -31.65 -5.02 -27.45
C LEU C 162 -31.30 -5.35 -26.01
N SER C 163 -30.04 -5.67 -25.76
CA SER C 163 -29.56 -6.03 -24.41
C SER C 163 -29.59 -4.86 -23.41
N LEU C 164 -29.44 -3.64 -23.92
CA LEU C 164 -29.51 -2.43 -23.08
C LEU C 164 -30.94 -2.20 -22.57
N ILE C 165 -31.91 -2.21 -23.49
CA ILE C 165 -33.32 -1.98 -23.15
C ILE C 165 -34.00 -3.16 -22.47
N GLU C 166 -33.51 -4.38 -22.71
CA GLU C 166 -34.06 -5.59 -22.08
C GLU C 166 -33.67 -5.67 -20.60
N GLU C 167 -32.37 -5.56 -20.34
CA GLU C 167 -31.83 -5.57 -18.97
C GLU C 167 -32.15 -4.28 -18.19
N ALA C 168 -32.54 -3.22 -18.90
CA ALA C 168 -32.99 -1.97 -18.27
C ALA C 168 -34.20 -2.11 -17.34
N ALA C 169 -35.02 -3.14 -17.55
CA ALA C 169 -36.13 -3.49 -16.64
C ALA C 169 -35.89 -4.77 -15.84
N GLY C 170 -35.17 -5.74 -16.43
CA GLY C 170 -35.00 -7.07 -15.83
C GLY C 170 -34.83 -8.23 -16.80
N THR C 171 -35.37 -8.08 -18.02
CA THR C 171 -35.29 -9.12 -19.06
C THR C 171 -33.84 -9.45 -19.45
N LYS C 172 -33.34 -10.56 -18.93
CA LYS C 172 -31.96 -11.00 -19.17
C LYS C 172 -31.78 -11.48 -20.61
N MET C 173 -31.27 -10.59 -21.47
CA MET C 173 -30.99 -10.92 -22.87
C MET C 173 -29.80 -11.86 -22.96
N PHE C 174 -28.70 -11.49 -22.31
CA PHE C 174 -27.50 -12.32 -22.19
C PHE C 174 -27.53 -13.11 -20.89
N GLU C 175 -28.49 -14.03 -20.79
CA GLU C 175 -28.70 -14.84 -19.58
C GLU C 175 -27.73 -16.01 -19.54
N ASP C 176 -27.77 -16.83 -20.58
CA ASP C 176 -26.92 -18.02 -20.70
C ASP C 176 -25.45 -17.68 -21.00
N ARG C 177 -25.23 -16.60 -21.76
CA ARG C 177 -23.89 -16.13 -22.15
C ARG C 177 -23.34 -16.86 -23.38
N ARG C 178 -23.27 -18.18 -23.32
CA ARG C 178 -22.82 -19.02 -24.44
C ARG C 178 -23.72 -18.91 -25.68
N GLU C 179 -25.03 -18.74 -25.46
CA GLU C 179 -25.99 -18.63 -26.57
C GLU C 179 -25.80 -17.34 -27.38
N LYS C 180 -25.65 -16.22 -26.68
CA LYS C 180 -25.44 -14.91 -27.32
C LYS C 180 -24.06 -14.80 -27.97
N ALA C 181 -23.04 -15.35 -27.31
CA ALA C 181 -21.67 -15.38 -27.85
C ALA C 181 -21.55 -16.28 -29.08
N GLU C 182 -22.19 -17.45 -29.01
CA GLU C 182 -22.26 -18.37 -30.16
C GLU C 182 -23.12 -17.82 -31.29
N ARG C 183 -24.16 -17.06 -30.96
CA ARG C 183 -25.00 -16.37 -31.94
C ARG C 183 -24.24 -15.26 -32.68
N THR C 184 -23.40 -14.53 -31.94
CA THR C 184 -22.50 -13.53 -32.52
C THR C 184 -21.43 -14.19 -33.41
N MET C 185 -20.91 -15.33 -32.96
CA MET C 185 -19.96 -16.14 -33.74
C MET C 185 -20.62 -16.79 -34.96
N SER C 186 -21.87 -17.21 -34.83
CA SER C 186 -22.63 -17.82 -35.93
C SER C 186 -23.00 -16.81 -37.02
N LYS C 187 -23.38 -15.60 -36.62
CA LYS C 187 -23.65 -14.50 -37.55
C LYS C 187 -22.38 -14.06 -38.29
N LYS C 188 -21.25 -14.08 -37.58
CA LYS C 188 -19.94 -13.83 -38.20
C LYS C 188 -19.52 -14.98 -39.12
N GLU C 189 -19.73 -16.21 -38.66
CA GLU C 189 -19.44 -17.42 -39.47
C GLU C 189 -20.42 -17.62 -40.63
N THR C 190 -21.59 -16.99 -40.57
CA THR C 190 -22.55 -16.97 -41.68
C THR C 190 -21.99 -16.26 -42.92
N LYS C 191 -21.13 -15.26 -42.71
CA LYS C 191 -20.38 -14.62 -43.80
C LYS C 191 -19.36 -15.59 -44.41
N LEU C 192 -18.73 -16.39 -43.57
CA LEU C 192 -17.86 -17.49 -44.02
C LEU C 192 -18.64 -18.56 -44.80
N GLN C 193 -19.86 -18.84 -44.36
CA GLN C 193 -20.79 -19.72 -45.09
C GLN C 193 -21.16 -19.16 -46.47
N GLU C 194 -21.35 -17.83 -46.54
CA GLU C 194 -21.56 -17.13 -47.81
C GLU C 194 -20.33 -17.20 -48.72
N ASN C 195 -19.14 -17.10 -48.12
CA ASN C 195 -17.88 -17.32 -48.84
C ASN C 195 -17.70 -18.75 -49.32
N ARG C 196 -18.11 -19.72 -48.48
CA ARG C 196 -18.11 -21.14 -48.84
C ARG C 196 -19.16 -21.48 -49.91
N THR C 197 -20.29 -20.77 -49.89
CA THR C 197 -21.35 -20.94 -50.90
C THR C 197 -20.89 -20.55 -52.30
N LEU C 198 -20.05 -19.51 -52.40
CA LEU C 198 -19.44 -19.11 -53.67
C LEU C 198 -18.44 -20.16 -54.17
N LEU C 199 -17.69 -20.76 -53.26
CA LEU C 199 -16.76 -21.85 -53.58
C LEU C 199 -17.47 -23.13 -54.05
N THR C 200 -18.67 -23.37 -53.52
CA THR C 200 -19.50 -24.50 -53.95
C THR C 200 -19.98 -24.36 -55.40
N GLU C 201 -20.34 -23.14 -55.79
CA GLU C 201 -20.68 -22.81 -57.19
C GLU C 201 -19.47 -22.95 -58.11
N GLU C 202 -18.29 -22.57 -57.62
CA GLU C 202 -17.03 -22.75 -58.35
C GLU C 202 -16.65 -24.22 -58.51
N ILE C 203 -16.94 -25.03 -57.48
CA ILE C 203 -16.72 -26.47 -57.53
C ILE C 203 -17.66 -27.20 -58.48
N GLU C 204 -18.90 -26.71 -58.59
CA GLU C 204 -19.90 -27.28 -59.51
C GLU C 204 -19.55 -27.04 -60.98
N PRO C 205 -18.97 -25.86 -61.29
CA PRO C 205 -18.50 -25.44 -62.61
C PRO C 205 -17.32 -26.28 -63.11
N LYS C 206 -16.40 -26.63 -62.21
CA LYS C 206 -15.30 -27.55 -62.52
C LYS C 206 -15.81 -28.97 -62.82
N LEU C 207 -16.81 -29.41 -62.06
CA LEU C 207 -17.49 -30.68 -62.31
C LEU C 207 -18.30 -30.67 -63.61
N GLU C 208 -18.91 -29.52 -63.92
CA GLU C 208 -19.62 -29.32 -65.19
C GLU C 208 -18.70 -29.40 -66.40
N LYS C 209 -17.48 -28.88 -66.27
CA LYS C 209 -16.44 -29.01 -67.29
C LYS C 209 -15.95 -30.46 -67.41
N LEU C 210 -15.80 -31.13 -66.26
CA LEU C 210 -15.43 -32.54 -66.22
C LEU C 210 -16.52 -33.47 -66.75
N ARG C 211 -17.78 -33.07 -66.61
CA ARG C 211 -18.92 -33.82 -67.15
C ARG C 211 -18.92 -33.87 -68.68
N ASN C 212 -18.58 -32.74 -69.32
CA ASN C 212 -18.43 -32.67 -70.77
C ASN C 212 -17.23 -33.48 -71.29
N GLU C 213 -16.15 -33.48 -70.51
CA GLU C 213 -14.97 -34.30 -70.81
C GLU C 213 -15.26 -35.79 -70.65
N LYS C 214 -16.04 -36.14 -69.62
CA LYS C 214 -16.46 -37.53 -69.39
C LYS C 214 -17.46 -38.02 -70.45
N ARG C 215 -18.37 -37.13 -70.87
CA ARG C 215 -19.34 -37.42 -71.93
C ARG C 215 -18.68 -37.65 -73.30
N MET C 216 -17.55 -36.98 -73.55
CA MET C 216 -16.77 -37.18 -74.77
C MET C 216 -16.12 -38.57 -74.80
N PHE C 217 -15.46 -38.94 -73.69
CA PHE C 217 -14.81 -40.25 -73.55
C PHE C 217 -15.78 -41.43 -73.66
N LEU C 218 -16.99 -41.25 -73.13
CA LEU C 218 -18.06 -42.25 -73.27
C LEU C 218 -18.55 -42.37 -74.72
N GLU C 219 -18.63 -41.23 -75.41
CA GLU C 219 -19.00 -41.21 -76.83
C GLU C 219 -17.94 -41.84 -77.73
N PHE C 220 -16.66 -41.58 -77.42
CA PHE C 220 -15.54 -42.13 -78.18
C PHE C 220 -15.34 -43.63 -77.94
N GLN C 221 -15.58 -44.08 -76.71
CA GLN C 221 -15.53 -45.50 -76.36
C GLN C 221 -16.62 -46.30 -77.10
N SER C 222 -17.80 -45.70 -77.22
CA SER C 222 -18.89 -46.25 -78.03
C SER C 222 -18.56 -46.19 -79.52
N THR C 223 -17.96 -45.08 -79.95
CA THR C 223 -17.52 -44.87 -81.33
C THR C 223 -16.44 -45.87 -81.76
N GLN C 224 -15.42 -46.05 -80.92
CA GLN C 224 -14.31 -46.97 -81.20
C GLN C 224 -14.70 -48.45 -81.16
N THR C 225 -15.83 -48.77 -80.50
CA THR C 225 -16.39 -50.13 -80.49
C THR C 225 -17.37 -50.34 -81.64
N ASP C 226 -18.26 -49.38 -81.85
CA ASP C 226 -19.26 -49.43 -82.93
C ASP C 226 -18.63 -49.34 -84.32
N LEU C 227 -17.61 -48.48 -84.46
CA LEU C 227 -16.82 -48.40 -85.69
C LEU C 227 -16.01 -49.66 -85.92
N GLU C 228 -15.36 -50.16 -84.87
CA GLU C 228 -14.57 -51.40 -84.95
C GLU C 228 -15.41 -52.64 -85.25
N LYS C 229 -16.70 -52.62 -84.87
CA LYS C 229 -17.62 -53.70 -85.21
C LYS C 229 -17.97 -53.69 -86.70
N THR C 230 -18.37 -52.53 -87.21
CA THR C 230 -18.79 -52.37 -88.60
C THR C 230 -17.62 -52.35 -89.60
N GLU C 231 -16.51 -51.70 -89.22
CA GLU C 231 -15.32 -51.60 -90.07
C GLU C 231 -14.61 -52.95 -90.24
N ARG C 232 -14.53 -53.72 -89.15
CA ARG C 232 -13.99 -55.09 -89.21
C ARG C 232 -14.89 -56.03 -90.03
N ILE C 233 -16.20 -55.82 -89.93
CA ILE C 233 -17.17 -56.53 -90.77
C ILE C 233 -17.04 -56.14 -92.25
N VAL C 234 -16.83 -54.85 -92.50
CA VAL C 234 -16.60 -54.33 -93.86
C VAL C 234 -15.26 -54.78 -94.44
N VAL C 235 -14.22 -54.79 -93.60
CA VAL C 235 -12.89 -55.25 -94.00
C VAL C 235 -12.83 -56.75 -94.29
N SER C 236 -13.62 -57.54 -93.57
CA SER C 236 -13.71 -58.99 -93.78
C SER C 236 -14.34 -59.34 -95.12
N TYR C 237 -15.38 -58.60 -95.51
CA TYR C 237 -16.06 -58.81 -96.79
C TYR C 237 -15.21 -58.31 -97.96
N ASP C 962 -21.82 -54.03 -96.86
CA ASP C 962 -22.38 -52.87 -97.55
C ASP C 962 -21.54 -51.62 -97.31
N THR C 963 -21.57 -50.70 -98.28
CA THR C 963 -20.82 -49.46 -98.20
C THR C 963 -21.42 -48.45 -97.22
N TYR C 964 -22.74 -48.47 -97.07
CA TYR C 964 -23.45 -47.56 -96.14
C TYR C 964 -23.10 -47.84 -94.68
N ARG C 965 -23.04 -49.13 -94.32
CA ARG C 965 -22.60 -49.56 -92.98
C ARG C 965 -21.11 -49.28 -92.75
N GLU C 966 -20.30 -49.44 -93.80
CA GLU C 966 -18.87 -49.13 -93.75
C GLU C 966 -18.60 -47.63 -93.62
N ARG C 967 -19.42 -46.81 -94.27
CA ARG C 967 -19.34 -45.35 -94.17
C ARG C 967 -19.74 -44.84 -92.78
N SER C 968 -20.79 -45.45 -92.21
CA SER C 968 -21.22 -45.16 -90.83
C SER C 968 -20.18 -45.59 -89.78
N LYS C 969 -19.40 -46.63 -90.09
CA LYS C 969 -18.29 -47.06 -89.24
C LYS C 969 -17.16 -46.02 -89.24
N GLN C 970 -16.75 -45.61 -90.43
CA GLN C 970 -15.70 -44.59 -90.59
C GLN C 970 -16.09 -43.23 -90.02
N LEU C 971 -17.38 -42.90 -90.10
CA LEU C 971 -17.93 -41.69 -89.48
C LEU C 971 -17.85 -41.76 -87.94
N ASN C 972 -18.15 -42.94 -87.39
CA ASN C 972 -18.01 -43.19 -85.96
C ASN C 972 -16.56 -43.23 -85.49
N GLU C 973 -15.70 -43.88 -86.27
CA GLU C 973 -14.27 -44.01 -85.94
C GLU C 973 -13.51 -42.68 -85.84
N LYS C 974 -13.98 -41.66 -86.55
CA LYS C 974 -13.47 -40.29 -86.42
C LYS C 974 -13.83 -39.70 -85.04
N PHE C 975 -15.06 -39.95 -84.60
CA PHE C 975 -15.51 -39.56 -83.25
C PHE C 975 -14.80 -40.32 -82.13
N GLN C 976 -14.36 -41.55 -82.42
CA GLN C 976 -13.57 -42.35 -81.49
C GLN C 976 -12.21 -41.72 -81.18
N GLU C 977 -11.50 -41.31 -82.22
CA GLU C 977 -10.20 -40.64 -82.09
C GLU C 977 -10.30 -39.20 -81.56
N LEU C 978 -11.46 -38.57 -81.76
CA LEU C 978 -11.70 -37.19 -81.32
C LEU C 978 -11.61 -37.00 -79.81
N ARG C 979 -12.21 -37.93 -79.06
CA ARG C 979 -12.23 -37.86 -77.60
C ARG C 979 -11.02 -38.56 -76.98
N LYS C 980 -9.87 -37.90 -77.05
CA LYS C 980 -8.75 -38.22 -76.18
C LYS C 980 -9.19 -37.73 -74.80
N LYS C 981 -9.37 -36.41 -74.69
CA LYS C 981 -10.09 -35.73 -73.59
C LYS C 981 -10.04 -36.38 -72.20
N VAL C 982 -8.89 -36.97 -71.87
CA VAL C 982 -8.71 -37.79 -70.67
C VAL C 982 -9.56 -39.07 -70.63
N ASN C 983 -9.12 -40.01 -69.80
CA ASN C 983 -9.80 -41.29 -69.58
C ASN C 983 -9.44 -41.86 -68.21
N PRO C 984 -8.14 -41.80 -67.86
CA PRO C 984 -7.59 -41.91 -66.52
C PRO C 984 -8.08 -40.75 -65.64
N ASN C 985 -8.06 -39.53 -66.19
CA ASN C 985 -8.65 -38.35 -65.54
C ASN C 985 -10.19 -38.40 -65.47
N ILE C 986 -10.82 -39.14 -66.38
CA ILE C 986 -12.23 -39.51 -66.26
C ILE C 986 -12.50 -40.37 -65.02
N MET C 987 -11.58 -41.29 -64.72
CA MET C 987 -11.58 -42.05 -63.47
C MET C 987 -11.30 -41.14 -62.26
N ASN C 988 -10.37 -40.19 -62.44
CA ASN C 988 -10.12 -39.13 -61.45
C ASN C 988 -11.32 -38.18 -61.25
N MET C 989 -12.10 -37.98 -62.32
CA MET C 989 -13.36 -37.24 -62.26
C MET C 989 -14.42 -37.97 -61.44
N ILE C 990 -14.40 -39.31 -61.48
CA ILE C 990 -15.20 -40.14 -60.59
C ILE C 990 -14.83 -39.93 -59.12
N GLU C 991 -13.53 -39.83 -58.86
CA GLU C 991 -13.02 -39.46 -57.53
C GLU C 991 -13.35 -38.01 -57.17
N ASN C 992 -13.23 -37.12 -58.16
CA ASN C 992 -13.60 -35.70 -58.00
C ASN C 992 -15.09 -35.48 -57.75
N VAL C 993 -15.94 -36.33 -58.36
CA VAL C 993 -17.38 -36.28 -58.15
C VAL C 993 -17.76 -36.71 -56.73
N GLU C 994 -17.10 -37.75 -56.23
CA GLU C 994 -17.27 -38.20 -54.84
C GLU C 994 -16.71 -37.19 -53.83
N LYS C 995 -15.58 -36.57 -54.17
CA LYS C 995 -14.96 -35.53 -53.34
C LYS C 995 -15.78 -34.24 -53.30
N LYS C 996 -16.32 -33.84 -54.46
CA LYS C 996 -17.16 -32.65 -54.56
C LYS C 996 -18.52 -32.82 -53.88
N GLU C 997 -19.13 -34.00 -54.05
CA GLU C 997 -20.40 -34.34 -53.40
C GLU C 997 -20.26 -34.44 -51.88
N ALA C 998 -19.13 -34.98 -51.42
CA ALA C 998 -18.82 -35.04 -49.98
C ALA C 998 -18.56 -33.66 -49.38
N ALA C 999 -17.87 -32.79 -50.14
CA ALA C 999 -17.60 -31.42 -49.71
C ALA C 999 -18.86 -30.55 -49.67
N LEU C 1000 -19.74 -30.73 -50.65
CA LEU C 1000 -21.02 -30.01 -50.71
C LEU C 1000 -21.97 -30.42 -49.59
N LYS C 1001 -22.00 -31.72 -49.28
CA LYS C 1001 -22.82 -32.25 -48.18
C LYS C 1001 -22.32 -31.81 -46.80
N THR C 1002 -21.00 -31.70 -46.64
CA THR C 1002 -20.37 -31.24 -45.40
C THR C 1002 -20.66 -29.75 -45.12
N MET C 1003 -20.62 -28.94 -46.17
CA MET C 1003 -20.92 -27.50 -46.07
C MET C 1003 -22.39 -27.24 -45.74
N ILE C 1004 -23.28 -28.03 -46.33
CA ILE C 1004 -24.73 -27.92 -46.06
C ILE C 1004 -25.10 -28.33 -44.63
N LYS C 1005 -24.41 -29.33 -44.10
CA LYS C 1005 -24.61 -29.78 -42.71
C LYS C 1005 -24.20 -28.73 -41.68
N THR C 1006 -23.12 -27.99 -41.97
CA THR C 1006 -22.69 -26.87 -41.13
C THR C 1006 -23.66 -25.71 -41.17
N ILE C 1007 -24.17 -25.39 -42.36
CA ILE C 1007 -25.18 -24.34 -42.54
C ILE C 1007 -26.56 -24.70 -41.95
N GLU C 1008 -26.86 -25.99 -41.86
CA GLU C 1008 -28.12 -26.47 -41.27
C GLU C 1008 -28.21 -26.17 -39.77
N LYS C 1009 -27.10 -26.37 -39.06
CA LYS C 1009 -27.01 -26.04 -37.63
C LYS C 1009 -27.05 -24.52 -37.38
N ASP C 1010 -26.50 -23.75 -38.32
CA ASP C 1010 -26.56 -22.28 -38.28
C ASP C 1010 -27.98 -21.74 -38.41
N LYS C 1011 -28.78 -22.37 -39.26
CA LYS C 1011 -30.18 -21.96 -39.49
C LYS C 1011 -31.17 -22.43 -38.41
N MET C 1012 -30.77 -23.41 -37.60
CA MET C 1012 -31.64 -24.01 -36.56
C MET C 1012 -31.64 -23.24 -35.23
N LYS C 1013 -30.66 -22.37 -35.01
CA LYS C 1013 -30.54 -21.62 -33.75
C LYS C 1013 -31.65 -20.59 -33.53
N ILE C 1014 -32.18 -20.02 -34.61
CA ILE C 1014 -33.29 -19.06 -34.55
C ILE C 1014 -34.64 -19.77 -34.54
N GLN C 1015 -34.91 -20.47 -33.45
CA GLN C 1015 -36.15 -21.26 -33.28
C GLN C 1015 -37.21 -20.49 -32.50
N GLU C 1016 -36.81 -19.86 -31.39
CA GLU C 1016 -37.75 -19.21 -30.47
C GLU C 1016 -37.23 -17.96 -29.73
N THR C 1017 -35.96 -17.96 -29.31
CA THR C 1017 -35.34 -16.87 -28.52
C THR C 1017 -35.87 -15.44 -28.72
N ILE C 1018 -36.08 -15.06 -29.98
CA ILE C 1018 -36.60 -13.73 -30.32
C ILE C 1018 -38.04 -13.49 -29.86
N SER C 1019 -38.87 -14.53 -29.93
CA SER C 1019 -40.29 -14.47 -29.51
C SER C 1019 -40.55 -15.10 -28.13
N LYS C 1020 -39.96 -16.28 -27.88
CA LYS C 1020 -40.11 -17.00 -26.61
C LYS C 1020 -39.59 -16.17 -25.44
N LEU C 1021 -40.41 -16.02 -24.40
CA LEU C 1021 -40.17 -15.09 -23.28
C LEU C 1021 -40.49 -13.64 -23.68
N ASN C 1022 -40.07 -13.23 -24.88
CA ASN C 1022 -40.44 -11.94 -25.46
C ASN C 1022 -41.95 -11.67 -25.61
N GLU C 1023 -42.75 -12.73 -25.72
CA GLU C 1023 -44.21 -12.60 -25.74
C GLU C 1023 -44.80 -12.06 -24.43
N TYR C 1024 -44.15 -12.40 -23.31
CA TYR C 1024 -44.54 -11.91 -21.98
C TYR C 1024 -43.65 -10.75 -21.53
N LYS C 1025 -42.34 -11.00 -21.50
CA LYS C 1025 -41.35 -10.03 -21.00
C LYS C 1025 -41.15 -8.83 -21.92
N ARG C 1026 -41.01 -9.09 -23.21
CA ARG C 1026 -40.73 -8.03 -24.21
C ARG C 1026 -41.99 -7.35 -24.74
N GLU C 1027 -43.15 -7.99 -24.62
CA GLU C 1027 -44.44 -7.33 -24.83
C GLU C 1027 -44.76 -6.42 -23.64
N THR C 1028 -44.45 -6.87 -22.43
CA THR C 1028 -44.49 -6.03 -21.23
C THR C 1028 -43.39 -4.97 -21.23
N LEU C 1029 -42.23 -5.31 -21.81
CA LEU C 1029 -41.15 -4.35 -22.02
C LEU C 1029 -41.40 -3.42 -23.21
N VAL C 1030 -42.27 -3.83 -24.13
CA VAL C 1030 -42.79 -2.97 -25.20
C VAL C 1030 -43.96 -2.11 -24.70
N LYS C 1031 -44.69 -2.61 -23.70
CA LYS C 1031 -45.63 -1.81 -22.93
C LYS C 1031 -44.89 -0.85 -22.00
N THR C 1032 -43.79 -1.33 -21.43
CA THR C 1032 -42.85 -0.49 -20.67
C THR C 1032 -42.08 0.45 -21.59
N TRP C 1033 -41.83 0.03 -22.83
CA TRP C 1033 -41.25 0.88 -23.89
C TRP C 1033 -42.28 1.81 -24.51
N GLU C 1034 -43.56 1.46 -24.43
CA GLU C 1034 -44.65 2.36 -24.78
C GLU C 1034 -44.78 3.45 -23.71
N LYS C 1035 -44.70 3.02 -22.44
CA LYS C 1035 -44.61 3.94 -21.30
C LYS C 1035 -43.28 4.71 -21.31
N VAL C 1036 -42.20 4.05 -21.74
CA VAL C 1036 -40.89 4.68 -21.86
C VAL C 1036 -40.88 5.70 -23.00
N THR C 1037 -41.18 5.25 -24.23
CA THR C 1037 -41.25 6.15 -25.40
C THR C 1037 -42.20 7.33 -25.22
N LEU C 1038 -43.28 7.13 -24.46
CA LEU C 1038 -44.17 8.23 -24.06
C LEU C 1038 -43.48 9.14 -23.05
N ASP C 1039 -42.91 8.54 -22.00
CA ASP C 1039 -42.16 9.28 -20.97
C ASP C 1039 -40.78 9.76 -21.43
N PHE C 1040 -40.23 9.14 -22.49
CA PHE C 1040 -38.94 9.52 -23.06
C PHE C 1040 -39.14 10.61 -24.12
N GLY C 1041 -40.28 10.59 -24.80
CA GLY C 1041 -40.74 11.72 -25.61
C GLY C 1041 -41.05 12.92 -24.72
N ASN C 1042 -41.65 12.65 -23.56
CA ASN C 1042 -41.86 13.67 -22.52
C ASN C 1042 -40.55 14.12 -21.87
N ILE C 1043 -39.63 13.19 -21.65
CA ILE C 1043 -38.29 13.49 -21.11
C ILE C 1043 -37.40 14.17 -22.16
N PHE C 1044 -37.63 13.86 -23.43
CA PHE C 1044 -36.98 14.58 -24.54
C PHE C 1044 -37.56 15.98 -24.67
N ALA C 1045 -38.86 16.11 -24.45
CA ALA C 1045 -39.52 17.42 -24.36
C ALA C 1045 -39.07 18.19 -23.10
N ASP C 1046 -38.78 17.46 -22.03
CA ASP C 1046 -38.19 18.04 -20.81
C ASP C 1046 -36.74 18.48 -21.03
N LEU C 1047 -35.96 17.63 -21.69
CA LEU C 1047 -34.54 17.91 -21.96
C LEU C 1047 -34.38 18.97 -23.06
N LEU C 1048 -34.93 18.66 -24.24
CA LEU C 1048 -34.91 19.56 -25.39
C LEU C 1048 -36.33 19.96 -25.77
N PRO C 1049 -36.87 20.99 -25.10
CA PRO C 1049 -38.21 21.55 -25.33
C PRO C 1049 -38.32 22.15 -26.73
N ASN C 1050 -39.41 21.80 -27.43
CA ASN C 1050 -39.65 22.14 -28.84
C ASN C 1050 -39.94 20.88 -29.65
N SER C 1051 -39.10 19.85 -29.46
CA SER C 1051 -39.17 18.61 -30.24
C SER C 1051 -39.68 17.41 -29.44
N PHE C 1052 -39.99 16.35 -30.18
CA PHE C 1052 -40.43 15.07 -29.61
C PHE C 1052 -39.80 13.91 -30.37
N ALA C 1053 -39.35 12.89 -29.64
CA ALA C 1053 -38.71 11.71 -30.22
C ALA C 1053 -39.42 10.44 -29.75
N LYS C 1054 -39.74 9.56 -30.70
CA LYS C 1054 -40.50 8.33 -30.43
C LYS C 1054 -39.71 7.09 -30.83
N LEU C 1055 -39.36 6.26 -29.85
CA LEU C 1055 -38.67 4.99 -30.09
C LEU C 1055 -39.67 3.93 -30.54
N VAL C 1056 -39.48 3.43 -31.76
CA VAL C 1056 -40.33 2.36 -32.33
C VAL C 1056 -39.49 1.43 -33.20
N PRO C 1057 -40.06 0.26 -33.55
CA PRO C 1057 -39.45 -0.79 -34.37
C PRO C 1057 -38.89 -0.29 -35.69
N CYS C 1058 -37.79 -0.88 -36.14
CA CYS C 1058 -37.08 -0.44 -37.34
C CYS C 1058 -37.92 -0.58 -38.62
N GLU C 1059 -37.51 0.16 -39.66
CA GLU C 1059 -38.27 0.22 -40.93
C GLU C 1059 -38.39 -1.17 -41.57
N GLY C 1060 -39.59 -1.74 -41.47
CA GLY C 1060 -39.84 -3.11 -41.90
C GLY C 1060 -39.25 -4.13 -40.95
N LYS C 1061 -39.51 -3.93 -39.65
CA LYS C 1061 -38.98 -4.79 -38.59
C LYS C 1061 -39.81 -4.69 -37.32
N ASP C 1062 -39.69 -5.71 -36.46
CA ASP C 1062 -40.44 -5.79 -35.21
C ASP C 1062 -39.59 -5.36 -34.01
N VAL C 1063 -40.19 -5.42 -32.81
CA VAL C 1063 -39.49 -5.14 -31.56
C VAL C 1063 -38.42 -6.19 -31.23
N THR C 1064 -38.63 -7.43 -31.68
CA THR C 1064 -37.62 -8.49 -31.59
C THR C 1064 -36.35 -8.15 -32.38
N GLN C 1065 -36.51 -7.43 -33.49
CA GLN C 1065 -35.39 -6.85 -34.24
C GLN C 1065 -35.16 -5.38 -33.86
N GLY C 1066 -35.11 -5.10 -32.56
CA GLY C 1066 -34.77 -3.78 -32.02
C GLY C 1066 -35.72 -2.65 -32.35
N LEU C 1067 -35.18 -1.43 -32.34
CA LEU C 1067 -35.96 -0.22 -32.60
C LEU C 1067 -35.07 0.97 -32.96
N GLU C 1068 -35.69 2.02 -33.49
CA GLU C 1068 -35.00 3.27 -33.88
C GLU C 1068 -35.88 4.49 -33.58
N VAL C 1069 -35.23 5.59 -33.19
CA VAL C 1069 -35.93 6.80 -32.76
C VAL C 1069 -36.42 7.64 -33.95
N LYS C 1070 -37.74 7.68 -34.14
CA LYS C 1070 -38.36 8.54 -35.15
C LYS C 1070 -38.51 9.95 -34.59
N VAL C 1071 -37.46 10.74 -34.78
CA VAL C 1071 -37.36 12.07 -34.16
C VAL C 1071 -38.16 13.13 -34.91
N LYS C 1072 -39.25 13.60 -34.29
CA LYS C 1072 -40.04 14.72 -34.82
C LYS C 1072 -39.41 16.04 -34.36
N LEU C 1073 -38.47 16.54 -35.16
CA LEU C 1073 -37.79 17.81 -34.86
C LEU C 1073 -38.75 18.99 -35.07
N GLY C 1074 -39.51 19.29 -34.01
CA GLY C 1074 -40.61 20.24 -34.08
C GLY C 1074 -41.80 19.58 -34.75
N ASN C 1075 -41.87 19.71 -36.08
CA ASN C 1075 -42.83 18.96 -36.91
C ASN C 1075 -42.18 18.16 -38.05
N ILE C 1076 -40.84 18.10 -38.09
CA ILE C 1076 -40.11 17.41 -39.14
C ILE C 1076 -39.67 16.03 -38.67
N TRP C 1077 -40.30 14.98 -39.21
CA TRP C 1077 -39.98 13.59 -38.85
C TRP C 1077 -38.67 13.16 -39.51
N LYS C 1078 -37.73 12.68 -38.70
CA LYS C 1078 -36.40 12.27 -39.17
C LYS C 1078 -36.32 10.75 -39.30
N GLU C 1079 -35.42 10.30 -40.18
CA GLU C 1079 -35.23 8.87 -40.47
C GLU C 1079 -34.16 8.22 -39.58
N SER C 1080 -33.07 8.94 -39.32
CA SER C 1080 -31.96 8.42 -38.53
C SER C 1080 -31.10 9.51 -37.88
N LEU C 1081 -30.16 9.08 -37.04
CA LEU C 1081 -29.24 9.99 -36.34
C LEU C 1081 -28.19 10.64 -37.26
N ILE C 1082 -27.92 10.02 -38.41
CA ILE C 1082 -26.99 10.57 -39.39
C ILE C 1082 -27.45 11.90 -39.99
N GLU C 1083 -28.77 12.08 -40.12
CA GLU C 1083 -29.36 13.33 -40.60
C GLU C 1083 -29.14 14.52 -39.66
N LEU C 1084 -29.06 14.25 -38.35
CA LEU C 1084 -28.84 15.30 -37.34
C LEU C 1084 -27.41 15.85 -37.37
N SER C 1085 -27.24 17.02 -36.78
CA SER C 1085 -25.93 17.69 -36.71
C SER C 1085 -25.08 17.15 -35.56
N GLY C 1086 -23.97 17.83 -35.25
CA GLY C 1086 -23.03 17.39 -34.21
C GLY C 1086 -23.60 17.33 -32.81
N GLY C 1087 -24.15 18.45 -32.34
CA GLY C 1087 -24.75 18.53 -31.01
C GLY C 1087 -26.08 17.80 -30.84
N GLN C 1088 -26.76 17.52 -31.96
CA GLN C 1088 -28.02 16.77 -31.95
C GLN C 1088 -27.78 15.30 -31.61
N ARG C 1089 -26.73 14.72 -32.22
CA ARG C 1089 -26.26 13.38 -31.88
C ARG C 1089 -25.69 13.29 -30.47
N SER C 1090 -25.05 14.38 -30.01
CA SER C 1090 -24.55 14.49 -28.64
C SER C 1090 -25.69 14.52 -27.62
N LEU C 1091 -26.70 15.35 -27.87
CA LEU C 1091 -27.88 15.44 -27.00
C LEU C 1091 -28.79 14.19 -27.09
N ILE C 1092 -28.75 13.49 -28.21
CA ILE C 1092 -29.53 12.27 -28.41
C ILE C 1092 -29.05 11.12 -27.52
N ALA C 1093 -27.74 10.92 -27.43
CA ALA C 1093 -27.14 9.88 -26.58
C ALA C 1093 -27.36 10.14 -25.09
N LEU C 1094 -27.33 11.41 -24.69
CA LEU C 1094 -27.64 11.81 -23.32
C LEU C 1094 -29.11 11.57 -22.96
N SER C 1095 -30.01 11.93 -23.89
CA SER C 1095 -31.45 11.75 -23.70
C SER C 1095 -31.94 10.31 -23.88
N LEU C 1096 -31.18 9.47 -24.59
CA LEU C 1096 -31.61 8.11 -24.92
C LEU C 1096 -31.62 7.16 -23.71
N ILE C 1097 -30.51 7.13 -22.98
CA ILE C 1097 -30.33 6.21 -21.85
C ILE C 1097 -31.08 6.57 -20.56
N MET C 1098 -31.61 7.79 -20.48
CA MET C 1098 -32.30 8.27 -19.27
C MET C 1098 -33.63 7.55 -18.97
N ALA C 1099 -34.29 7.03 -20.00
CA ALA C 1099 -35.57 6.32 -19.84
C ALA C 1099 -35.44 4.96 -19.13
N LEU C 1100 -34.26 4.35 -19.21
CA LEU C 1100 -34.02 3.00 -18.68
C LEU C 1100 -33.61 2.92 -17.20
N LEU C 1101 -33.49 4.07 -16.53
CA LEU C 1101 -32.91 4.14 -15.17
C LEU C 1101 -33.84 3.66 -14.05
N GLN C 1102 -35.12 4.05 -14.12
CA GLN C 1102 -36.08 3.77 -13.05
C GLN C 1102 -36.44 2.28 -12.92
N PHE C 1103 -36.63 1.62 -14.06
CA PHE C 1103 -36.96 0.19 -14.08
C PHE C 1103 -35.79 -0.73 -13.73
N ARG C 1104 -34.55 -0.22 -13.80
CA ARG C 1104 -33.33 -1.00 -13.56
C ARG C 1104 -33.26 -1.65 -12.18
N PRO C 1105 -33.29 -2.99 -12.15
CA PRO C 1105 -33.01 -3.86 -11.01
C PRO C 1105 -31.55 -3.74 -10.54
N ALA C 1106 -30.65 -3.33 -11.44
CA ALA C 1106 -29.25 -3.05 -11.09
C ALA C 1106 -29.14 -1.87 -10.12
N PRO C 1107 -28.11 -1.91 -9.26
CA PRO C 1107 -27.82 -0.87 -8.28
C PRO C 1107 -27.24 0.38 -8.90
N MET C 1108 -26.14 0.23 -9.65
CA MET C 1108 -25.39 1.36 -10.20
C MET C 1108 -25.67 1.58 -11.70
N TYR C 1109 -25.54 2.84 -12.12
CA TYR C 1109 -25.63 3.23 -13.53
C TYR C 1109 -24.77 4.47 -13.77
N ILE C 1110 -23.61 4.28 -14.41
CA ILE C 1110 -22.58 5.33 -14.51
C ILE C 1110 -22.36 5.84 -15.94
N LEU C 1111 -21.84 7.06 -16.04
CA LEU C 1111 -21.44 7.68 -17.30
C LEU C 1111 -19.91 7.75 -17.40
N ASP C 1112 -19.41 8.16 -18.57
CA ASP C 1112 -17.95 8.24 -18.80
C ASP C 1112 -17.55 9.13 -19.98
N GLU C 1113 -17.43 10.44 -19.72
CA GLU C 1113 -16.76 11.41 -20.60
C GLU C 1113 -17.56 11.89 -21.83
N VAL C 1114 -18.82 12.26 -21.63
CA VAL C 1114 -19.66 12.80 -22.72
C VAL C 1114 -20.11 14.24 -22.48
N ASP C 1115 -20.74 14.48 -21.32
CA ASP C 1115 -21.44 15.73 -21.02
C ASP C 1115 -20.60 17.00 -21.19
N ALA C 1116 -20.47 17.42 -22.44
CA ALA C 1116 -19.83 18.69 -22.82
C ALA C 1116 -20.69 19.41 -23.88
N ALA C 1117 -22.00 19.17 -23.84
CA ALA C 1117 -22.94 19.70 -24.82
C ALA C 1117 -24.07 20.53 -24.17
N LEU C 1118 -23.91 20.89 -22.89
CA LEU C 1118 -24.95 21.59 -22.14
C LEU C 1118 -24.37 22.45 -21.02
N ASP C 1119 -25.12 23.50 -20.66
CA ASP C 1119 -24.75 24.39 -19.57
C ASP C 1119 -25.21 23.83 -18.22
N LEU C 1120 -24.95 24.58 -17.15
CA LEU C 1120 -25.36 24.19 -15.80
C LEU C 1120 -26.88 24.24 -15.55
N SER C 1121 -27.62 24.95 -16.41
CA SER C 1121 -29.09 25.00 -16.34
C SER C 1121 -29.72 23.63 -16.62
N HIS C 1122 -29.24 22.98 -17.67
CA HIS C 1122 -29.68 21.61 -18.01
C HIS C 1122 -29.19 20.58 -16.98
N THR C 1123 -27.97 20.78 -16.48
CA THR C 1123 -27.39 19.90 -15.45
C THR C 1123 -28.05 20.04 -14.07
N GLN C 1124 -28.77 21.13 -13.82
CA GLN C 1124 -29.53 21.31 -12.59
C GLN C 1124 -30.67 20.29 -12.46
N ASN C 1125 -31.47 20.18 -13.52
CA ASN C 1125 -32.58 19.21 -13.58
C ASN C 1125 -32.16 17.78 -13.92
N ILE C 1126 -30.91 17.58 -14.37
CA ILE C 1126 -30.36 16.25 -14.62
C ILE C 1126 -30.20 15.46 -13.33
N GLY C 1127 -29.67 16.12 -12.30
CA GLY C 1127 -29.62 15.55 -10.94
C GLY C 1127 -31.00 15.45 -10.30
N HIS C 1128 -31.83 16.46 -10.54
CA HIS C 1128 -33.21 16.47 -10.05
C HIS C 1128 -34.12 15.42 -10.73
N LEU C 1129 -33.75 14.99 -11.94
CA LEU C 1129 -34.45 13.90 -12.63
C LEU C 1129 -34.24 12.57 -11.90
N ILE C 1130 -32.99 12.27 -11.56
CA ILE C 1130 -32.66 11.08 -10.76
C ILE C 1130 -33.11 11.21 -9.31
N LYS C 1131 -32.99 12.41 -8.74
CA LYS C 1131 -33.40 12.67 -7.36
C LYS C 1131 -34.92 12.61 -7.12
N THR C 1132 -35.71 12.85 -8.17
CA THR C 1132 -37.17 12.82 -8.08
C THR C 1132 -37.78 11.54 -8.67
N ARG C 1133 -37.48 11.27 -9.94
CA ARG C 1133 -38.10 10.17 -10.67
C ARG C 1133 -37.57 8.80 -10.27
N PHE C 1134 -36.28 8.57 -10.52
CA PHE C 1134 -35.63 7.26 -10.29
C PHE C 1134 -34.73 7.26 -9.04
N LYS C 1135 -35.25 7.81 -7.94
CA LYS C 1135 -34.52 7.88 -6.68
C LYS C 1135 -34.68 6.56 -5.92
N GLY C 1136 -33.57 6.02 -5.45
CA GLY C 1136 -33.54 4.72 -4.76
C GLY C 1136 -32.29 3.95 -5.14
N SER C 1137 -32.17 3.65 -6.43
CA SER C 1137 -30.98 3.01 -6.99
C SER C 1137 -29.89 4.05 -7.22
N GLN C 1138 -28.65 3.59 -7.30
CA GLN C 1138 -27.49 4.46 -7.52
C GLN C 1138 -27.42 4.94 -8.97
N PHE C 1139 -27.01 6.20 -9.14
CA PHE C 1139 -26.83 6.80 -10.46
C PHE C 1139 -25.58 7.67 -10.45
N ILE C 1140 -24.48 7.12 -10.96
CA ILE C 1140 -23.20 7.82 -11.01
C ILE C 1140 -23.22 8.94 -12.04
N VAL C 1141 -22.61 10.07 -11.70
CA VAL C 1141 -22.61 11.27 -12.53
C VAL C 1141 -21.19 11.79 -12.71
N VAL C 1142 -20.50 11.27 -13.73
CA VAL C 1142 -19.13 11.65 -14.04
C VAL C 1142 -19.10 13.07 -14.61
N SER C 1143 -18.63 14.02 -13.79
CA SER C 1143 -18.59 15.43 -14.17
C SER C 1143 -17.48 15.70 -15.18
N LEU C 1144 -17.82 15.60 -16.46
CA LEU C 1144 -16.89 15.94 -17.55
C LEU C 1144 -16.67 17.45 -17.60
N LYS C 1145 -17.76 18.20 -17.57
CA LYS C 1145 -17.72 19.66 -17.47
C LYS C 1145 -17.67 20.08 -16.00
N GLU C 1146 -16.59 20.77 -15.61
CA GLU C 1146 -16.40 21.22 -14.23
C GLU C 1146 -17.22 22.45 -13.91
N GLY C 1147 -17.23 22.84 -12.63
CA GLY C 1147 -18.05 23.94 -12.14
C GLY C 1147 -19.54 23.60 -12.14
N MET C 1148 -19.85 22.36 -11.78
CA MET C 1148 -21.22 21.84 -11.77
C MET C 1148 -21.44 21.00 -10.51
N PHE C 1149 -22.67 21.05 -9.99
CA PHE C 1149 -23.04 20.40 -8.73
C PHE C 1149 -22.23 20.97 -7.56
N ALA C 1150 -22.37 22.28 -7.34
CA ALA C 1150 -21.62 23.01 -6.32
C ALA C 1150 -22.05 22.69 -4.89
N ASN C 1151 -23.26 22.13 -4.72
CA ASN C 1151 -23.74 21.66 -3.41
C ASN C 1151 -24.21 20.21 -3.49
N ALA C 1152 -23.32 19.33 -3.99
CA ALA C 1152 -23.61 17.91 -4.14
C ALA C 1152 -23.46 17.16 -2.82
N ASN C 1153 -23.82 15.87 -2.83
CA ASN C 1153 -23.73 15.02 -1.64
C ASN C 1153 -22.29 14.68 -1.27
N ARG C 1154 -21.51 14.22 -2.25
CA ARG C 1154 -20.10 13.88 -2.07
C ARG C 1154 -19.29 14.28 -3.28
N VAL C 1155 -18.30 15.16 -3.08
CA VAL C 1155 -17.45 15.68 -4.16
C VAL C 1155 -16.03 15.14 -4.08
N PHE C 1156 -15.33 15.20 -5.22
CA PHE C 1156 -13.94 14.73 -5.32
C PHE C 1156 -13.26 15.28 -6.57
N ARG C 1157 -11.97 14.97 -6.72
CA ARG C 1157 -11.18 15.42 -7.87
C ARG C 1157 -9.96 14.53 -8.10
N THR C 1158 -9.78 14.09 -9.35
CA THR C 1158 -8.62 13.28 -9.73
C THR C 1158 -7.40 14.18 -9.89
N ARG C 1159 -6.32 13.84 -9.21
CA ARG C 1159 -5.09 14.64 -9.19
C ARG C 1159 -3.84 13.78 -9.38
N PHE C 1160 -2.70 14.46 -9.53
CA PHE C 1160 -1.40 13.81 -9.69
C PHE C 1160 -0.29 14.70 -9.15
N GLN C 1161 0.57 14.15 -8.29
CA GLN C 1161 1.66 14.91 -7.67
C GLN C 1161 2.74 14.00 -7.08
N ASP C 1162 4.00 14.39 -7.27
CA ASP C 1162 5.16 13.67 -6.73
C ASP C 1162 5.31 12.24 -7.25
N GLY C 1163 5.07 12.05 -8.55
CA GLY C 1163 5.20 10.75 -9.21
C GLY C 1163 4.15 9.73 -8.84
N THR C 1164 2.91 10.17 -8.66
CA THR C 1164 1.79 9.29 -8.32
C THR C 1164 0.45 10.02 -8.34
N SER C 1165 -0.63 9.27 -8.58
CA SER C 1165 -1.99 9.83 -8.58
C SER C 1165 -2.46 10.05 -7.15
N VAL C 1166 -2.63 11.32 -6.77
CA VAL C 1166 -3.08 11.72 -5.44
C VAL C 1166 -4.52 12.20 -5.47
N VAL C 1167 -5.07 12.50 -4.29
CA VAL C 1167 -6.45 12.96 -4.13
C VAL C 1167 -6.52 14.43 -3.71
N SER C 1168 -7.50 15.14 -4.26
CA SER C 1168 -7.81 16.52 -3.87
C SER C 1168 -9.29 16.59 -3.50
N ILE C 1169 -9.63 15.98 -2.37
CA ILE C 1169 -11.02 15.85 -1.93
C ILE C 1169 -11.58 17.17 -1.42
N MET C 1170 -12.36 17.85 -2.28
CA MET C 1170 -13.01 19.12 -1.95
C MET C 1170 -14.52 18.98 -2.01
N GLN D 150 5.08 41.73 -49.63
CA GLN D 150 3.93 41.86 -48.68
C GLN D 150 3.28 40.51 -48.38
N GLN D 151 2.75 39.87 -49.42
CA GLN D 151 2.11 38.54 -49.33
C GLN D 151 0.87 38.52 -48.42
N SER D 152 -0.27 38.91 -48.98
CA SER D 152 -1.55 38.91 -48.26
C SER D 152 -2.14 37.50 -48.20
N ARG D 153 -3.10 37.32 -47.28
CA ARG D 153 -3.77 36.03 -47.06
C ARG D 153 -5.22 36.07 -47.52
N LEU D 154 -5.71 34.94 -48.03
CA LEU D 154 -7.07 34.83 -48.56
C LEU D 154 -8.09 34.62 -47.44
N PHE D 155 -9.22 35.32 -47.55
CA PHE D 155 -10.35 35.18 -46.62
C PHE D 155 -11.67 35.16 -47.39
N ILE D 156 -12.75 34.77 -46.71
CA ILE D 156 -14.07 34.71 -47.32
C ILE D 156 -14.71 36.10 -47.39
N ASN D 157 -15.22 36.46 -48.56
CA ASN D 157 -15.94 37.73 -48.74
C ASN D 157 -17.34 37.64 -48.14
N GLU D 158 -18.10 36.64 -48.60
CA GLU D 158 -19.44 36.38 -48.09
C GLU D 158 -19.97 35.02 -48.57
N LEU D 159 -20.81 34.39 -47.75
CA LEU D 159 -21.46 33.12 -48.09
C LEU D 159 -22.98 33.31 -48.19
N VAL D 160 -23.66 32.26 -48.63
CA VAL D 160 -25.12 32.30 -48.80
C VAL D 160 -25.72 30.90 -48.94
N LEU D 161 -26.48 30.49 -47.92
CA LEU D 161 -27.17 29.21 -47.93
C LEU D 161 -28.50 29.33 -48.68
N GLU D 162 -28.75 28.40 -49.59
CA GLU D 162 -30.01 28.34 -50.36
C GLU D 162 -30.39 26.87 -50.58
N ASN D 163 -31.36 26.40 -49.78
CA ASN D 163 -31.72 24.98 -49.73
C ASN D 163 -30.55 24.13 -49.21
N PHE D 164 -30.30 24.26 -47.90
CA PHE D 164 -29.23 23.54 -47.21
C PHE D 164 -29.81 22.76 -46.03
N LYS D 165 -29.11 21.69 -45.63
CA LYS D 165 -29.57 20.71 -44.63
C LYS D 165 -30.42 21.26 -43.47
N SER D 166 -29.94 22.35 -42.87
CA SER D 166 -30.64 23.02 -41.75
C SER D 166 -30.75 24.53 -41.99
N TYR D 167 -31.04 24.92 -43.23
CA TYR D 167 -31.15 26.33 -43.60
C TYR D 167 -31.71 26.51 -45.01
N ALA D 168 -33.02 26.27 -45.16
CA ALA D 168 -33.72 26.43 -46.43
C ALA D 168 -34.06 27.90 -46.69
N GLY D 169 -34.28 28.23 -47.96
CA GLY D 169 -34.60 29.61 -48.37
C GLY D 169 -33.38 30.51 -48.40
N LYS D 170 -33.62 31.79 -48.70
CA LYS D 170 -32.54 32.79 -48.81
C LYS D 170 -31.96 33.14 -47.44
N GLN D 171 -30.80 32.55 -47.13
CA GLN D 171 -30.11 32.76 -45.85
C GLN D 171 -28.71 33.31 -46.10
N VAL D 172 -28.50 34.58 -45.74
CA VAL D 172 -27.19 35.22 -45.85
C VAL D 172 -26.26 34.69 -44.76
N VAL D 173 -25.08 34.23 -45.16
CA VAL D 173 -24.17 33.48 -44.29
C VAL D 173 -22.85 34.21 -44.00
N GLY D 174 -22.74 34.76 -42.80
CA GLY D 174 -21.45 35.12 -42.21
C GLY D 174 -20.87 36.49 -42.50
N PRO D 175 -20.27 36.66 -43.69
CA PRO D 175 -19.23 37.61 -44.08
C PRO D 175 -17.98 37.28 -43.25
N PHE D 176 -17.45 36.09 -43.50
CA PHE D 176 -16.52 35.41 -42.59
C PHE D 176 -15.16 36.09 -42.47
N HIS D 177 -14.59 36.02 -41.27
CA HIS D 177 -13.28 36.59 -40.98
C HIS D 177 -12.17 35.67 -41.48
N THR D 178 -10.99 36.24 -41.68
CA THR D 178 -9.82 35.50 -42.15
C THR D 178 -9.23 34.61 -41.05
N SER D 179 -9.00 35.20 -39.88
CA SER D 179 -8.31 34.51 -38.78
C SER D 179 -9.17 33.45 -38.10
N PHE D 180 -10.24 33.88 -37.41
CA PHE D 180 -11.08 32.97 -36.64
C PHE D 180 -12.42 33.56 -36.23
N SER D 181 -13.41 32.69 -36.08
CA SER D 181 -14.71 33.04 -35.52
C SER D 181 -15.27 31.83 -34.75
N ALA D 182 -15.84 32.08 -33.58
CA ALA D 182 -16.39 31.00 -32.74
C ALA D 182 -17.58 30.33 -33.42
N VAL D 183 -17.38 29.11 -33.91
CA VAL D 183 -18.45 28.31 -34.52
C VAL D 183 -19.44 27.87 -33.44
N VAL D 184 -20.30 28.80 -33.04
CA VAL D 184 -21.20 28.63 -31.91
C VAL D 184 -22.63 28.37 -32.36
N GLY D 185 -23.48 28.00 -31.39
CA GLY D 185 -24.88 27.68 -31.63
C GLY D 185 -25.41 26.67 -30.63
N PRO D 186 -26.67 26.24 -30.79
CA PRO D 186 -27.28 25.22 -29.95
C PRO D 186 -26.79 23.81 -30.29
N ASN D 187 -27.24 22.83 -29.51
CA ASN D 187 -26.87 21.43 -29.72
C ASN D 187 -27.53 20.89 -31.00
N GLY D 188 -26.77 20.88 -32.09
CA GLY D 188 -27.27 20.46 -33.39
C GLY D 188 -28.05 21.55 -34.09
N SER D 189 -27.45 22.75 -34.14
CA SER D 189 -28.06 23.93 -34.78
C SER D 189 -27.52 24.19 -36.19
N GLY D 190 -26.71 23.26 -36.72
CA GLY D 190 -26.03 23.45 -38.01
C GLY D 190 -24.68 24.12 -37.89
N LYS D 191 -24.06 24.07 -36.71
CA LYS D 191 -22.69 24.56 -36.50
C LYS D 191 -21.70 23.58 -37.13
N SER D 192 -21.86 22.30 -36.79
CA SER D 192 -21.10 21.22 -37.43
C SER D 192 -21.59 20.97 -38.86
N ASN D 193 -22.91 21.05 -39.07
CA ASN D 193 -23.51 20.83 -40.39
C ASN D 193 -23.20 21.91 -41.44
N VAL D 194 -22.81 23.10 -40.99
CA VAL D 194 -22.34 24.16 -41.90
C VAL D 194 -21.00 23.79 -42.55
N ILE D 195 -20.09 23.29 -41.73
CA ILE D 195 -18.81 22.73 -42.22
C ILE D 195 -19.01 21.43 -43.00
N ASP D 196 -20.02 20.65 -42.62
CA ASP D 196 -20.43 19.44 -43.36
C ASP D 196 -20.97 19.77 -44.76
N SER D 197 -21.64 20.92 -44.90
CA SER D 197 -22.02 21.44 -46.22
C SER D 197 -20.79 21.85 -47.04
N MET D 198 -19.79 22.42 -46.37
CA MET D 198 -18.49 22.75 -46.98
C MET D 198 -17.69 21.52 -47.46
N LEU D 199 -17.98 20.34 -46.93
CA LEU D 199 -17.39 19.09 -47.42
C LEU D 199 -17.72 18.83 -48.90
N PHE D 200 -18.97 19.04 -49.27
CA PHE D 200 -19.41 18.97 -50.67
C PHE D 200 -18.85 20.12 -51.49
N VAL D 201 -18.81 21.32 -50.90
CA VAL D 201 -18.26 22.51 -51.55
C VAL D 201 -16.74 22.44 -51.79
N PHE D 202 -16.02 21.81 -50.86
CA PHE D 202 -14.54 21.74 -50.90
C PHE D 202 -13.98 20.35 -51.25
N GLY D 203 -14.74 19.56 -52.01
CA GLY D 203 -14.22 18.33 -52.64
C GLY D 203 -14.30 17.01 -51.88
N PHE D 204 -14.52 17.05 -50.57
CA PHE D 204 -14.50 15.83 -49.74
C PHE D 204 -15.75 14.97 -49.91
N ARG D 205 -15.75 13.79 -49.28
CA ARG D 205 -16.94 12.97 -49.15
C ARG D 205 -17.98 13.77 -48.36
N ALA D 206 -19.20 13.84 -48.88
CA ALA D 206 -20.14 14.91 -48.53
C ALA D 206 -20.92 14.77 -47.21
N ASN D 207 -20.51 13.84 -46.33
CA ASN D 207 -21.22 13.58 -45.07
C ASN D 207 -22.69 13.19 -45.29
N LYS D 208 -22.93 12.39 -46.33
CA LYS D 208 -24.27 12.02 -46.77
C LYS D 208 -24.25 10.64 -47.45
N MET D 209 -24.65 9.62 -46.70
CA MET D 209 -24.65 8.24 -47.19
C MET D 209 -25.85 7.98 -48.11
N ARG D 210 -25.83 6.83 -48.77
CA ARG D 210 -26.86 6.40 -49.72
C ARG D 210 -26.87 7.25 -50.98
N GLN D 211 -26.23 6.75 -52.03
CA GLN D 211 -26.21 7.41 -53.35
C GLN D 211 -27.60 7.42 -53.96
N ASP D 212 -27.97 8.55 -54.57
CA ASP D 212 -29.35 8.89 -54.96
C ASP D 212 -29.98 9.87 -53.97
N ARG D 213 -29.61 9.75 -52.69
CA ARG D 213 -29.96 10.73 -51.66
C ARG D 213 -28.80 11.70 -51.35
N LEU D 214 -28.06 12.10 -52.39
CA LEU D 214 -27.04 13.15 -52.28
C LEU D 214 -27.68 14.53 -52.08
N SER D 215 -28.93 14.68 -52.54
CA SER D 215 -29.74 15.88 -52.28
C SER D 215 -30.65 15.72 -51.05
N ASP D 216 -30.17 14.99 -50.03
CA ASP D 216 -30.84 14.91 -48.72
C ASP D 216 -30.18 15.85 -47.69
N LEU D 217 -29.58 16.94 -48.18
CA LEU D 217 -29.02 17.99 -47.33
C LEU D 217 -29.55 19.35 -47.83
N ILE D 218 -30.87 19.43 -48.00
CA ILE D 218 -31.55 20.63 -48.50
C ILE D 218 -32.65 21.19 -47.58
N HIS D 219 -32.83 20.58 -46.39
CA HIS D 219 -33.87 20.97 -45.42
C HIS D 219 -35.29 20.80 -45.96
N LYS D 220 -35.70 19.53 -46.09
CA LYS D 220 -37.06 19.20 -46.52
C LYS D 220 -38.02 19.23 -45.33
N SER D 221 -38.62 20.39 -45.09
CA SER D 221 -39.52 20.61 -43.95
C SER D 221 -40.98 20.34 -44.31
N GLU D 222 -41.88 20.61 -43.36
CA GLU D 222 -43.33 20.52 -43.59
C GLU D 222 -43.82 21.60 -44.58
N ALA D 223 -43.19 22.78 -44.54
CA ALA D 223 -43.51 23.87 -45.46
C ALA D 223 -43.09 23.55 -46.90
N PHE D 224 -41.87 23.03 -47.07
CA PHE D 224 -41.36 22.63 -48.38
C PHE D 224 -40.73 21.23 -48.28
N PRO D 225 -41.55 20.20 -48.50
CA PRO D 225 -41.21 18.77 -48.40
C PRO D 225 -40.73 18.10 -49.69
N SER D 226 -40.55 18.86 -50.78
CA SER D 226 -40.07 18.31 -52.04
C SER D 226 -39.51 19.40 -52.96
N LEU D 227 -38.20 19.59 -52.89
CA LEU D 227 -37.47 20.55 -53.73
C LEU D 227 -36.54 19.83 -54.70
N GLN D 228 -36.27 20.48 -55.84
CA GLN D 228 -35.53 19.85 -56.95
C GLN D 228 -34.07 20.30 -57.09
N SER D 229 -33.59 21.20 -56.23
CA SER D 229 -32.22 21.72 -56.36
C SER D 229 -31.67 22.42 -55.12
N CYS D 230 -30.36 22.62 -55.12
CA CYS D 230 -29.65 23.37 -54.08
C CYS D 230 -28.40 24.03 -54.70
N SER D 231 -27.79 24.95 -53.97
CA SER D 231 -26.63 25.69 -54.49
C SER D 231 -25.80 26.35 -53.39
N VAL D 232 -24.56 25.86 -53.21
CA VAL D 232 -23.59 26.47 -52.30
C VAL D 232 -22.69 27.43 -53.07
N ALA D 233 -22.38 28.58 -52.45
CA ALA D 233 -21.55 29.61 -53.06
C ALA D 233 -20.57 30.16 -52.03
N VAL D 234 -19.28 30.11 -52.34
CA VAL D 234 -18.20 30.53 -51.43
C VAL D 234 -17.25 31.51 -52.11
N HIS D 235 -17.58 32.80 -52.02
CA HIS D 235 -16.72 33.86 -52.55
C HIS D 235 -15.51 34.08 -51.65
N PHE D 236 -14.43 34.61 -52.23
CA PHE D 236 -13.17 34.84 -51.51
C PHE D 236 -12.54 36.17 -51.88
N GLN D 237 -11.67 36.68 -51.00
CA GLN D 237 -10.98 37.96 -51.20
C GLN D 237 -9.77 38.09 -50.29
N TYR D 238 -8.66 38.60 -50.84
CA TYR D 238 -7.40 38.73 -50.11
C TYR D 238 -7.43 39.89 -49.11
N VAL D 239 -6.56 39.81 -48.10
CA VAL D 239 -6.47 40.84 -47.06
C VAL D 239 -5.19 40.72 -46.22
N ILE D 240 -4.60 41.87 -45.90
CA ILE D 240 -3.41 41.94 -45.04
C ILE D 240 -3.76 42.01 -43.56
N ASP D 241 -2.80 41.70 -42.71
CA ASP D 241 -2.99 41.71 -41.25
C ASP D 241 -3.02 43.14 -40.68
N GLU D 242 -3.32 43.25 -39.39
CA GLU D 242 -3.62 44.53 -38.75
C GLU D 242 -2.40 45.32 -38.22
N SER D 243 -1.47 45.63 -39.13
CA SER D 243 -0.53 46.75 -38.94
C SER D 243 -1.10 47.85 -39.83
N SER D 244 -1.86 48.74 -39.22
CA SER D 244 -2.87 49.58 -39.91
C SER D 244 -4.10 48.70 -40.15
N GLY D 245 -5.27 49.18 -39.69
CA GLY D 245 -6.48 48.35 -39.60
C GLY D 245 -7.11 47.91 -40.92
N THR D 246 -8.20 47.16 -40.80
CA THR D 246 -8.91 46.59 -41.95
C THR D 246 -9.50 47.63 -42.92
N SER D 247 -9.84 48.81 -42.40
CA SER D 247 -10.31 49.92 -43.23
C SER D 247 -9.23 50.45 -44.18
N ARG D 248 -7.98 50.48 -43.71
CA ARG D 248 -6.85 50.99 -44.49
C ARG D 248 -6.08 49.89 -45.23
N ILE D 249 -5.78 48.79 -44.54
CA ILE D 249 -4.91 47.73 -45.06
C ILE D 249 -5.64 46.59 -45.80
N ASP D 250 -6.85 46.85 -46.30
CA ASP D 250 -7.61 45.86 -47.06
C ASP D 250 -7.04 45.71 -48.48
N GLU D 251 -6.93 44.47 -48.95
CA GLU D 251 -6.36 44.16 -50.26
C GLU D 251 -7.45 44.14 -51.33
N GLU D 252 -7.60 45.27 -52.03
CA GLU D 252 -8.61 45.41 -53.09
C GLU D 252 -8.19 44.70 -54.37
N LYS D 253 -9.17 44.51 -55.26
CA LYS D 253 -8.96 43.91 -56.60
C LYS D 253 -8.75 42.39 -56.60
N PRO D 254 -8.58 41.79 -55.41
CA PRO D 254 -8.38 40.35 -55.20
C PRO D 254 -9.66 39.56 -54.88
N GLY D 255 -10.83 40.20 -54.98
CA GLY D 255 -12.11 39.53 -54.75
C GLY D 255 -12.50 38.61 -55.90
N LEU D 256 -13.32 37.60 -55.59
CA LEU D 256 -13.78 36.64 -56.58
C LEU D 256 -15.12 36.00 -56.18
N ILE D 257 -15.84 35.51 -57.19
CA ILE D 257 -17.14 34.86 -56.99
C ILE D 257 -17.04 33.36 -57.27
N ILE D 258 -17.87 32.58 -56.58
CA ILE D 258 -17.90 31.12 -56.72
C ILE D 258 -19.32 30.56 -56.54
N THR D 259 -19.57 29.40 -57.13
CA THR D 259 -20.86 28.72 -57.04
C THR D 259 -20.72 27.21 -57.22
N ARG D 260 -21.72 26.47 -56.75
CA ARG D 260 -21.71 25.01 -56.78
C ARG D 260 -23.10 24.42 -56.61
N LYS D 261 -23.79 24.18 -57.74
CA LYS D 261 -25.16 23.67 -57.75
C LYS D 261 -25.22 22.15 -57.57
N ALA D 262 -26.37 21.68 -57.10
CA ALA D 262 -26.65 20.24 -56.95
C ALA D 262 -28.16 19.98 -57.08
N PHE D 263 -28.52 18.89 -57.76
CA PHE D 263 -29.92 18.61 -58.12
C PHE D 263 -30.47 17.38 -57.40
N LYS D 264 -31.80 17.27 -57.39
CA LYS D 264 -32.51 16.14 -56.77
C LYS D 264 -32.37 14.83 -57.54
N ASN D 265 -32.07 14.90 -58.84
CA ASN D 265 -31.88 13.72 -59.69
C ASN D 265 -30.42 13.26 -59.81
N ASN D 266 -29.63 13.46 -58.75
CA ASN D 266 -28.21 13.09 -58.70
C ASN D 266 -27.36 13.77 -59.79
N SER D 267 -27.46 15.10 -59.83
CA SER D 267 -26.73 15.93 -60.80
C SER D 267 -26.09 17.14 -60.12
N SER D 268 -25.29 17.88 -60.87
CA SER D 268 -24.60 19.07 -60.36
C SER D 268 -24.11 19.98 -61.49
N LYS D 269 -23.84 21.24 -61.13
CA LYS D 269 -23.36 22.24 -62.09
C LYS D 269 -22.62 23.37 -61.37
N TYR D 270 -21.29 23.33 -61.40
CA TYR D 270 -20.46 24.33 -60.71
C TYR D 270 -20.43 25.67 -61.45
N TYR D 271 -19.88 26.69 -60.79
CA TYR D 271 -19.77 28.03 -61.37
C TYR D 271 -18.73 28.91 -60.68
N ILE D 272 -18.43 30.04 -61.32
CA ILE D 272 -17.44 31.01 -60.83
C ILE D 272 -17.58 32.33 -61.60
N ASN D 273 -18.11 33.34 -60.92
CA ASN D 273 -18.48 34.63 -61.53
C ASN D 273 -19.53 34.45 -62.64
N GLU D 274 -20.53 33.60 -62.37
CA GLU D 274 -21.60 33.23 -63.31
C GLU D 274 -21.24 32.11 -64.31
N LYS D 275 -20.00 32.13 -64.84
CA LYS D 275 -19.55 31.10 -65.78
C LYS D 275 -19.16 29.81 -65.06
N GLU D 276 -19.18 28.70 -65.80
CA GLU D 276 -18.99 27.34 -65.24
C GLU D 276 -17.60 27.10 -64.64
N SER D 277 -17.50 26.08 -63.79
CA SER D 277 -16.26 25.72 -63.10
C SER D 277 -16.11 24.21 -62.92
N SER D 278 -14.98 23.78 -62.36
CA SER D 278 -14.70 22.36 -62.14
C SER D 278 -13.67 22.15 -61.02
N TYR D 279 -13.34 20.88 -60.76
CA TYR D 279 -12.37 20.51 -59.72
C TYR D 279 -10.93 20.93 -60.07
N THR D 280 -10.57 20.84 -61.34
CA THR D 280 -9.25 21.27 -61.81
C THR D 280 -9.08 22.78 -61.74
N GLU D 281 -10.10 23.53 -62.17
CA GLU D 281 -10.11 24.99 -62.09
C GLU D 281 -10.17 25.52 -60.65
N VAL D 282 -10.83 24.76 -59.76
CA VAL D 282 -10.91 25.11 -58.34
C VAL D 282 -9.54 25.01 -57.65
N THR D 283 -8.83 23.92 -57.93
CA THR D 283 -7.46 23.73 -57.43
C THR D 283 -6.44 24.67 -58.09
N LYS D 284 -6.67 25.01 -59.36
CA LYS D 284 -5.81 25.92 -60.11
C LYS D 284 -5.89 27.36 -59.58
N LEU D 285 -7.12 27.84 -59.36
CA LEU D 285 -7.36 29.15 -58.76
C LEU D 285 -6.92 29.21 -57.29
N LEU D 286 -7.06 28.08 -56.59
CA LEU D 286 -6.53 27.94 -55.23
C LEU D 286 -5.00 28.01 -55.21
N LYS D 287 -4.37 27.41 -56.21
CA LYS D 287 -2.91 27.49 -56.40
C LYS D 287 -2.40 28.93 -56.55
N ASN D 288 -3.18 29.78 -57.22
CA ASN D 288 -2.89 31.22 -57.29
C ASN D 288 -3.22 31.90 -55.96
N GLU D 289 -2.39 31.62 -54.96
CA GLU D 289 -2.63 31.97 -53.55
C GLU D 289 -1.84 31.03 -52.66
N GLY D 290 -2.05 29.72 -52.87
CA GLY D 290 -1.36 28.67 -52.11
C GLY D 290 -2.06 27.34 -52.30
N ILE D 291 -1.33 26.34 -52.80
CA ILE D 291 -1.89 25.03 -53.16
C ILE D 291 -2.68 24.38 -52.02
N ASP D 292 -4.00 24.29 -52.20
CA ASP D 292 -4.89 23.72 -51.19
C ASP D 292 -4.72 22.22 -51.09
N LEU D 293 -4.89 21.53 -52.22
CA LEU D 293 -4.81 20.06 -52.30
C LEU D 293 -5.90 19.42 -51.45
N ASP D 294 -7.06 19.21 -52.07
CA ASP D 294 -8.30 18.79 -51.38
C ASP D 294 -8.11 17.58 -50.45
N HIS D 295 -7.73 17.88 -49.21
CA HIS D 295 -7.56 16.87 -48.15
C HIS D 295 -7.76 17.51 -46.79
N LYS D 296 -7.64 16.72 -45.72
CA LYS D 296 -7.89 17.17 -44.35
C LYS D 296 -6.69 17.88 -43.71
N ARG D 297 -6.25 18.98 -44.32
CA ARG D 297 -5.27 19.89 -43.74
C ARG D 297 -5.98 21.05 -43.06
N PHE D 298 -6.95 21.64 -43.77
CA PHE D 298 -7.81 22.67 -43.23
C PHE D 298 -8.76 22.16 -42.14
N LEU D 299 -9.34 20.98 -42.37
CA LEU D 299 -10.34 20.40 -41.47
C LEU D 299 -9.73 19.87 -40.16
N ILE D 300 -10.32 20.29 -39.04
CA ILE D 300 -10.01 19.76 -37.72
C ILE D 300 -11.32 19.59 -36.95
N LEU D 301 -11.47 18.47 -36.23
CA LEU D 301 -12.73 18.10 -35.59
C LEU D 301 -12.53 17.59 -34.15
N GLN D 302 -13.65 17.33 -33.48
CA GLN D 302 -13.65 16.86 -32.09
C GLN D 302 -13.18 15.41 -31.99
N GLY D 303 -13.78 14.54 -32.78
CA GLY D 303 -13.43 13.11 -32.81
C GLY D 303 -12.34 12.70 -33.78
N GLU D 304 -11.61 13.67 -34.34
CA GLU D 304 -10.50 13.38 -35.26
C GLU D 304 -9.27 12.81 -34.56
N VAL D 305 -9.05 13.19 -33.30
CA VAL D 305 -7.96 12.64 -32.49
C VAL D 305 -8.16 11.15 -32.20
N GLU D 306 -9.39 10.76 -31.89
CA GLU D 306 -9.76 9.36 -31.74
C GLU D 306 -9.70 8.60 -33.07
N ASN D 307 -10.06 9.28 -34.15
CA ASN D 307 -9.88 8.75 -35.52
C ASN D 307 -8.41 8.55 -35.88
N ILE D 308 -7.54 9.46 -35.44
CA ILE D 308 -6.09 9.33 -35.61
C ILE D 308 -5.51 8.20 -34.78
N ALA D 309 -6.04 8.00 -33.57
CA ALA D 309 -5.66 6.87 -32.71
C ALA D 309 -6.14 5.54 -33.29
N GLN D 310 -7.40 5.52 -33.74
CA GLN D 310 -7.99 4.35 -34.41
C GLN D 310 -7.38 4.09 -35.80
N MET D 311 -6.83 5.13 -36.43
CA MET D 311 -6.10 4.99 -37.69
C MET D 311 -4.86 4.11 -37.53
N LYS D 312 -4.89 2.96 -38.19
CA LYS D 312 -3.80 1.97 -38.09
C LYS D 312 -2.58 2.36 -38.92
N PRO D 313 -1.61 1.44 -39.02
CA PRO D 313 -0.38 1.57 -39.80
C PRO D 313 -0.64 1.61 -41.30
N LYS D 314 -1.50 0.73 -41.80
CA LYS D 314 -1.85 0.66 -43.21
C LYS D 314 -3.16 -0.11 -43.44
N ALA D 315 -3.45 -0.43 -44.70
CA ALA D 315 -4.63 -1.23 -45.06
C ALA D 315 -4.57 -2.69 -44.58
N GLU D 316 -3.36 -3.18 -44.27
CA GLU D 316 -3.17 -4.52 -43.70
C GLU D 316 -3.83 -4.72 -42.33
N LYS D 317 -4.02 -3.63 -41.57
CA LYS D 317 -4.69 -3.69 -40.26
C LYS D 317 -6.20 -3.42 -40.31
N GLU D 318 -6.86 -3.86 -41.38
CA GLU D 318 -8.33 -3.86 -41.51
C GLU D 318 -9.00 -2.55 -41.97
N SER D 319 -8.40 -1.40 -41.63
CA SER D 319 -8.98 -0.10 -41.98
C SER D 319 -8.78 0.26 -43.45
N ASP D 320 -9.54 1.25 -43.91
CA ASP D 320 -9.44 1.76 -45.29
C ASP D 320 -8.24 2.69 -45.50
N ASP D 321 -7.79 3.34 -44.42
CA ASP D 321 -6.67 4.30 -44.46
C ASP D 321 -5.54 3.86 -43.53
N GLY D 322 -4.46 4.65 -43.50
CA GLY D 322 -3.29 4.38 -42.67
C GLY D 322 -2.55 5.62 -42.19
N LEU D 323 -1.49 5.41 -41.43
CA LEU D 323 -0.70 6.49 -40.82
C LEU D 323 0.35 7.05 -41.78
N LEU D 324 1.11 6.16 -42.40
CA LEU D 324 2.21 6.55 -43.32
C LEU D 324 1.76 7.40 -44.50
N GLU D 325 0.58 7.11 -45.03
CA GLU D 325 0.00 7.88 -46.14
C GLU D 325 -0.42 9.30 -45.74
N TYR D 326 -0.86 9.47 -44.50
CA TYR D 326 -1.26 10.79 -43.97
C TYR D 326 -0.07 11.75 -43.86
N LEU D 327 1.06 11.24 -43.37
CA LEU D 327 2.31 12.02 -43.31
C LEU D 327 2.88 12.30 -44.70
N GLU D 328 2.70 11.37 -45.63
CA GLU D 328 3.12 11.54 -47.03
C GLU D 328 2.35 12.64 -47.77
N ASP D 329 1.08 12.82 -47.41
CA ASP D 329 0.22 13.86 -48.00
C ASP D 329 0.68 15.27 -47.64
N ILE D 330 1.06 15.48 -46.38
CA ILE D 330 1.56 16.77 -45.91
C ILE D 330 2.95 17.09 -46.46
N ILE D 331 3.84 16.10 -46.44
CA ILE D 331 5.20 16.24 -46.97
C ILE D 331 5.26 16.44 -48.48
N GLY D 332 4.26 15.92 -49.21
CA GLY D 332 4.18 16.02 -50.66
C GLY D 332 4.63 14.79 -51.43
N THR D 333 4.82 13.67 -50.72
CA THR D 333 5.27 12.41 -51.32
C THR D 333 4.15 11.37 -51.50
N ALA D 334 2.89 11.76 -51.26
CA ALA D 334 1.75 10.85 -51.34
C ALA D 334 1.50 10.36 -52.77
N ASN D 335 1.22 11.30 -53.67
CA ASN D 335 0.96 10.98 -55.07
C ASN D 335 2.26 10.78 -55.86
N TYR D 336 2.92 9.66 -55.60
CA TYR D 336 4.23 9.36 -56.21
C TYR D 336 4.70 7.94 -55.90
N LYS D 337 4.87 7.63 -54.62
CA LYS D 337 5.47 6.36 -54.17
C LYS D 337 4.59 5.15 -54.44
N PRO D 338 3.28 5.26 -54.11
CA PRO D 338 2.26 4.23 -54.32
C PRO D 338 2.06 3.90 -55.81
N LEU D 339 1.99 4.94 -56.65
CA LEU D 339 1.90 4.77 -58.10
C LEU D 339 3.20 4.24 -58.71
N ILE D 340 4.35 4.68 -58.18
CA ILE D 340 5.66 4.21 -58.61
C ILE D 340 5.89 2.75 -58.25
N GLU D 341 5.55 2.39 -57.01
CA GLU D 341 5.69 1.00 -56.53
C GLU D 341 4.72 0.03 -57.21
N GLU D 342 3.50 0.50 -57.50
CA GLU D 342 2.50 -0.30 -58.24
C GLU D 342 2.92 -0.52 -59.69
N ARG D 343 3.41 0.54 -60.34
CA ARG D 343 3.96 0.46 -61.69
C ARG D 343 5.26 -0.34 -61.74
N MET D 344 6.07 -0.25 -60.68
CA MET D 344 7.32 -1.00 -60.57
C MET D 344 7.05 -2.50 -60.37
N GLY D 345 6.13 -2.81 -59.45
CA GLY D 345 5.70 -4.18 -59.20
C GLY D 345 5.00 -4.82 -60.39
N GLN D 346 4.22 -4.02 -61.13
CA GLN D 346 3.60 -4.46 -62.38
C GLN D 346 4.63 -4.69 -63.49
N ILE D 347 5.61 -3.79 -63.58
CA ILE D 347 6.71 -3.92 -64.55
C ILE D 347 7.63 -5.10 -64.23
N GLU D 348 7.90 -5.31 -62.94
CA GLU D 348 8.71 -6.46 -62.49
C GLU D 348 7.98 -7.78 -62.66
N ASN D 349 6.68 -7.79 -62.37
CA ASN D 349 5.84 -8.97 -62.58
C ASN D 349 5.62 -9.30 -64.06
N LEU D 350 5.42 -8.27 -64.87
CA LEU D 350 5.38 -8.40 -66.33
C LEU D 350 6.73 -8.85 -66.90
N ASN D 351 7.81 -8.40 -66.28
CA ASN D 351 9.16 -8.88 -66.59
C ASN D 351 9.33 -10.36 -66.29
N GLU D 352 8.84 -10.80 -65.13
CA GLU D 352 8.90 -12.22 -64.73
C GLU D 352 8.03 -13.11 -65.61
N VAL D 353 6.85 -12.61 -66.01
CA VAL D 353 5.94 -13.32 -66.90
C VAL D 353 6.48 -13.41 -68.34
N CYS D 354 6.98 -12.29 -68.85
CA CYS D 354 7.50 -12.22 -70.22
C CYS D 354 8.83 -12.94 -70.40
N LEU D 355 9.74 -12.77 -69.44
CA LEU D 355 11.06 -13.43 -69.47
C LEU D 355 10.97 -14.94 -69.31
N GLU D 356 10.02 -15.41 -68.52
CA GLU D 356 9.75 -16.85 -68.38
C GLU D 356 9.20 -17.45 -69.68
N LYS D 357 8.32 -16.70 -70.35
CA LYS D 357 7.81 -17.09 -71.68
C LYS D 357 8.88 -16.99 -72.76
N GLU D 358 9.77 -15.99 -72.66
CA GLU D 358 10.88 -15.83 -73.59
C GLU D 358 11.93 -16.93 -73.42
N ASN D 359 12.31 -17.19 -72.17
CA ASN D 359 13.27 -18.26 -71.85
C ASN D 359 12.76 -19.66 -72.18
N ARG D 360 11.45 -19.86 -72.04
CA ARG D 360 10.79 -21.12 -72.46
C ARG D 360 10.83 -21.30 -73.98
N PHE D 361 10.60 -20.21 -74.71
CA PHE D 361 10.72 -20.19 -76.17
C PHE D 361 12.18 -20.35 -76.63
N GLU D 362 13.10 -19.74 -75.88
CA GLU D 362 14.54 -19.84 -76.15
C GLU D 362 15.13 -21.24 -75.89
N ILE D 363 14.45 -22.04 -75.06
CA ILE D 363 14.86 -23.43 -74.80
C ILE D 363 14.72 -24.32 -76.04
N VAL D 364 13.63 -24.15 -76.78
CA VAL D 364 13.43 -24.81 -78.06
C VAL D 364 14.44 -24.37 -79.13
N ASP D 365 14.89 -23.11 -79.02
CA ASP D 365 15.95 -22.56 -79.87
C ASP D 365 17.28 -23.30 -79.70
N ARG D 366 17.66 -23.54 -78.44
CA ARG D 366 18.86 -24.29 -78.10
C ARG D 366 18.79 -25.76 -78.54
N GLU D 367 17.59 -26.33 -78.50
CA GLU D 367 17.34 -27.69 -78.98
C GLU D 367 17.49 -27.81 -80.50
N LYS D 368 17.00 -26.81 -81.23
CA LYS D 368 17.11 -26.76 -82.69
C LYS D 368 18.55 -26.55 -83.17
N ASN D 369 19.31 -25.73 -82.44
CA ASN D 369 20.73 -25.51 -82.73
C ASN D 369 21.58 -26.75 -82.50
N SER D 370 21.28 -27.50 -81.45
CA SER D 370 21.95 -28.78 -81.16
C SER D 370 21.60 -29.87 -82.17
N LEU D 371 20.35 -29.90 -82.63
CA LEU D 371 19.89 -30.87 -83.62
C LEU D 371 20.45 -30.56 -85.00
N VAL D 1224 21.57 -31.87 -94.81
CA VAL D 1224 22.60 -31.26 -93.98
C VAL D 1224 22.47 -29.74 -93.98
N LEU D 1225 22.49 -29.15 -95.17
CA LEU D 1225 22.41 -27.69 -95.33
C LEU D 1225 20.98 -27.18 -95.13
N GLU D 1226 20.09 -27.54 -96.04
CA GLU D 1226 18.72 -27.00 -96.05
C GLU D 1226 17.78 -27.60 -94.99
N GLU D 1227 18.16 -28.72 -94.38
CA GLU D 1227 17.32 -29.40 -93.39
C GLU D 1227 17.21 -28.63 -92.08
N TYR D 1228 18.36 -28.33 -91.47
CA TYR D 1228 18.44 -27.71 -90.15
C TYR D 1228 18.76 -26.21 -90.13
N ALA D 1229 19.09 -25.62 -91.29
CA ALA D 1229 19.47 -24.20 -91.35
C ALA D 1229 18.29 -23.26 -91.08
N ARG D 1230 17.17 -23.51 -91.75
CA ARG D 1230 15.95 -22.70 -91.58
C ARG D 1230 15.34 -22.86 -90.18
N ARG D 1231 15.37 -24.08 -89.65
CA ARG D 1231 14.85 -24.37 -88.31
C ARG D 1231 15.73 -23.75 -87.22
N LEU D 1232 17.05 -23.94 -87.32
CA LEU D 1232 18.00 -23.43 -86.33
C LEU D 1232 18.18 -21.90 -86.36
N ALA D 1233 18.14 -21.31 -87.56
CA ALA D 1233 18.23 -19.85 -87.70
C ALA D 1233 16.97 -19.14 -87.19
N GLU D 1234 15.81 -19.71 -87.51
CA GLU D 1234 14.53 -19.25 -86.93
C GLU D 1234 14.47 -19.50 -85.43
N PHE D 1235 15.10 -20.59 -84.98
CA PHE D 1235 15.29 -20.87 -83.56
C PHE D 1235 16.14 -19.80 -82.89
N LYS D 1236 17.34 -19.57 -83.43
CA LYS D 1236 18.28 -18.57 -82.93
C LYS D 1236 17.72 -17.14 -82.95
N ARG D 1237 16.87 -16.85 -83.94
CA ARG D 1237 16.14 -15.58 -83.99
C ARG D 1237 15.14 -15.43 -82.85
N ARG D 1238 14.46 -16.54 -82.52
CA ARG D 1238 13.56 -16.59 -81.36
C ARG D 1238 14.29 -16.41 -80.02
N LYS D 1239 15.50 -16.96 -79.93
CA LYS D 1239 16.36 -16.77 -78.75
C LYS D 1239 16.84 -15.32 -78.62
N LEU D 1240 17.14 -14.69 -79.76
CA LEU D 1240 17.50 -13.27 -79.79
C LEU D 1240 16.33 -12.35 -79.42
N ASP D 1241 15.13 -12.72 -79.87
CA ASP D 1241 13.89 -12.02 -79.49
C ASP D 1241 13.58 -12.18 -77.99
N LEU D 1242 13.88 -13.35 -77.44
CA LEU D 1242 13.75 -13.61 -76.00
C LEU D 1242 14.74 -12.79 -75.18
N ASN D 1243 15.97 -12.67 -75.68
CA ASN D 1243 17.00 -11.83 -75.05
C ASN D 1243 16.65 -10.34 -75.09
N ASN D 1244 16.06 -9.90 -76.20
CA ASN D 1244 15.55 -8.52 -76.32
C ASN D 1244 14.37 -8.24 -75.39
N ALA D 1245 13.52 -9.23 -75.18
CA ALA D 1245 12.41 -9.14 -74.22
C ALA D 1245 12.91 -9.08 -72.77
N VAL D 1246 13.97 -9.82 -72.47
CA VAL D 1246 14.62 -9.78 -71.16
C VAL D 1246 15.31 -8.43 -70.89
N GLN D 1247 15.90 -7.83 -71.93
CA GLN D 1247 16.52 -6.51 -71.83
C GLN D 1247 15.48 -5.40 -71.61
N LYS D 1248 14.32 -5.52 -72.28
CA LYS D 1248 13.19 -4.61 -72.07
C LYS D 1248 12.58 -4.76 -70.67
N ARG D 1249 12.58 -5.98 -70.16
CA ARG D 1249 12.15 -6.27 -68.78
C ARG D 1249 13.08 -5.63 -67.74
N ASP D 1250 14.39 -5.70 -68.00
CA ASP D 1250 15.40 -5.06 -67.14
C ASP D 1250 15.32 -3.53 -67.19
N GLU D 1251 15.02 -2.98 -68.38
CA GLU D 1251 14.81 -1.55 -68.55
C GLU D 1251 13.56 -1.06 -67.82
N VAL D 1252 12.52 -1.89 -67.78
CA VAL D 1252 11.32 -1.62 -66.99
C VAL D 1252 11.60 -1.62 -65.48
N LYS D 1253 12.44 -2.56 -65.04
CA LYS D 1253 12.90 -2.63 -63.65
C LYS D 1253 13.78 -1.44 -63.26
N GLU D 1254 14.57 -0.94 -64.20
CA GLU D 1254 15.39 0.27 -64.00
C GLU D 1254 14.53 1.53 -63.85
N GLN D 1255 13.51 1.65 -64.71
CA GLN D 1255 12.51 2.71 -64.59
C GLN D 1255 11.65 2.56 -63.33
N LEU D 1256 11.42 1.31 -62.93
CA LEU D 1256 10.79 0.97 -61.65
C LEU D 1256 11.59 1.51 -60.46
N GLY D 1257 12.90 1.29 -60.50
CA GLY D 1257 13.82 1.79 -59.47
C GLY D 1257 13.95 3.30 -59.45
N ILE D 1258 13.91 3.92 -60.63
CA ILE D 1258 13.92 5.38 -60.77
C ILE D 1258 12.66 6.03 -60.21
N LEU D 1259 11.51 5.38 -60.42
CA LEU D 1259 10.23 5.80 -59.84
C LEU D 1259 10.21 5.65 -58.32
N LYS D 1260 10.81 4.56 -57.83
CA LYS D 1260 10.95 4.33 -56.38
C LYS D 1260 11.94 5.31 -55.74
N LYS D 1261 13.03 5.61 -56.44
CA LYS D 1261 14.05 6.55 -55.93
C LYS D 1261 13.55 7.99 -55.79
N LYS D 1262 12.64 8.40 -56.68
CA LYS D 1262 12.05 9.74 -56.63
C LYS D 1262 11.16 9.98 -55.40
N ARG D 1263 10.45 8.94 -54.97
CA ARG D 1263 9.49 9.03 -53.86
C ARG D 1263 10.04 8.58 -52.50
N PHE D 1264 10.85 7.51 -52.50
CA PHE D 1264 11.40 6.96 -51.25
C PHE D 1264 12.34 7.93 -50.53
N ASP D 1265 13.21 8.58 -51.29
CA ASP D 1265 14.09 9.63 -50.76
C ASP D 1265 13.30 10.88 -50.36
N GLU D 1266 12.26 11.20 -51.13
CA GLU D 1266 11.36 12.32 -50.82
C GLU D 1266 10.55 12.09 -49.53
N PHE D 1267 10.13 10.84 -49.32
CA PHE D 1267 9.44 10.45 -48.08
C PHE D 1267 10.35 10.51 -46.85
N MET D 1268 11.63 10.15 -47.04
CA MET D 1268 12.63 10.24 -45.98
C MET D 1268 12.96 11.69 -45.59
N ALA D 1269 12.93 12.59 -46.57
CA ALA D 1269 13.17 14.03 -46.33
C ALA D 1269 12.03 14.66 -45.52
N GLY D 1270 10.79 14.34 -45.89
CA GLY D 1270 9.60 14.88 -45.22
C GLY D 1270 9.33 14.36 -43.82
N PHE D 1271 9.69 13.09 -43.57
CA PHE D 1271 9.36 12.42 -42.31
C PHE D 1271 10.19 12.91 -41.11
N ASN D 1272 11.50 13.02 -41.31
CA ASN D 1272 12.43 13.40 -40.24
C ASN D 1272 12.27 14.86 -39.75
N ILE D 1273 11.99 15.77 -40.69
CA ILE D 1273 11.78 17.18 -40.36
C ILE D 1273 10.47 17.42 -39.62
N ILE D 1274 9.40 16.73 -40.04
CA ILE D 1274 8.10 16.76 -39.36
C ILE D 1274 8.15 16.14 -37.96
N SER D 1275 9.06 15.20 -37.74
CA SER D 1275 9.28 14.59 -36.43
C SER D 1275 9.84 15.60 -35.43
N MET D 1276 11.02 16.15 -35.77
CA MET D 1276 11.74 17.10 -34.90
C MET D 1276 10.93 18.33 -34.48
N THR D 1277 10.05 18.79 -35.37
CA THR D 1277 9.10 19.87 -35.07
C THR D 1277 8.08 19.46 -34.00
N LEU D 1278 7.61 18.22 -34.08
CA LEU D 1278 6.71 17.65 -33.07
C LEU D 1278 7.37 17.50 -31.69
N LYS D 1279 8.66 17.18 -31.69
CA LYS D 1279 9.44 17.08 -30.43
C LYS D 1279 9.60 18.43 -29.75
N GLU D 1280 9.92 19.46 -30.53
CA GLU D 1280 10.05 20.83 -30.02
C GLU D 1280 8.72 21.40 -29.53
N MET D 1281 7.63 21.06 -30.22
CA MET D 1281 6.28 21.47 -29.82
C MET D 1281 5.82 20.74 -28.55
N TYR D 1282 6.08 19.44 -28.49
CA TYR D 1282 5.74 18.61 -27.32
C TYR D 1282 6.56 18.96 -26.08
N GLN D 1283 7.83 19.31 -26.29
CA GLN D 1283 8.72 19.71 -25.19
C GLN D 1283 8.31 21.04 -24.56
N MET D 1284 7.95 22.01 -25.40
CA MET D 1284 7.50 23.33 -24.93
C MET D 1284 6.12 23.32 -24.29
N ILE D 1285 5.21 22.49 -24.81
CA ILE D 1285 3.83 22.42 -24.32
C ILE D 1285 3.73 21.79 -22.94
N THR D 1286 4.27 20.57 -22.81
CA THR D 1286 4.21 19.79 -21.56
C THR D 1286 5.16 20.27 -20.47
N MET D 1287 6.25 20.95 -20.85
CA MET D 1287 7.33 21.34 -19.94
C MET D 1287 8.04 20.09 -19.40
N GLY D 1288 8.99 19.59 -20.20
CA GLY D 1288 9.62 18.29 -19.95
C GLY D 1288 8.87 17.19 -20.67
N GLY D 1289 8.68 17.37 -21.98
CA GLY D 1289 7.99 16.41 -22.84
C GLY D 1289 8.97 15.34 -23.30
N ASN D 1290 8.85 14.95 -24.59
CA ASN D 1290 9.85 14.08 -25.26
C ASN D 1290 9.37 13.40 -26.53
N ALA D 1291 10.30 13.30 -27.51
CA ALA D 1291 10.38 12.23 -28.54
C ALA D 1291 10.17 12.72 -30.00
N GLU D 1292 9.00 12.47 -30.62
CA GLU D 1292 8.72 12.81 -32.04
C GLU D 1292 8.05 11.66 -32.80
N LEU D 1293 7.64 11.96 -34.04
CA LEU D 1293 7.14 10.94 -34.96
C LEU D 1293 8.27 10.01 -35.39
N GLU D 1294 8.19 8.74 -34.97
CA GLU D 1294 9.23 7.74 -35.23
C GLU D 1294 8.82 6.79 -36.35
N LEU D 1295 9.65 5.77 -36.58
CA LEU D 1295 9.33 4.68 -37.51
C LEU D 1295 9.39 3.34 -36.77
N VAL D 1296 8.79 2.32 -37.37
CA VAL D 1296 8.86 0.95 -36.85
C VAL D 1296 10.30 0.45 -36.88
N ASP D 1297 10.99 0.72 -37.98
CA ASP D 1297 12.43 0.53 -38.11
C ASP D 1297 13.00 1.57 -39.06
N SER D 1298 14.32 1.52 -39.27
CA SER D 1298 14.98 2.34 -40.30
C SER D 1298 14.37 1.98 -41.65
N LEU D 1299 14.16 3.00 -42.49
CA LEU D 1299 13.16 2.97 -43.58
C LEU D 1299 13.32 1.87 -44.65
N ASP D 1300 12.29 1.77 -45.50
CA ASP D 1300 11.91 0.57 -46.26
C ASP D 1300 10.70 -0.02 -45.53
N PRO D 1301 9.62 0.77 -45.46
CA PRO D 1301 8.40 0.62 -44.66
C PRO D 1301 7.21 -0.02 -45.38
N PHE D 1302 7.47 -0.96 -46.30
CA PHE D 1302 6.42 -1.61 -47.07
C PHE D 1302 5.75 -2.80 -46.36
N SER D 1303 6.32 -3.22 -45.22
CA SER D 1303 5.72 -4.29 -44.40
C SER D 1303 6.04 -4.13 -42.91
N GLU D 1304 6.07 -2.88 -42.43
CA GLU D 1304 6.41 -2.55 -41.04
C GLU D 1304 5.49 -1.46 -40.48
N GLY D 1305 5.56 -0.27 -41.08
CA GLY D 1305 4.72 0.87 -40.68
C GLY D 1305 5.51 1.96 -39.98
N VAL D 1306 4.79 2.81 -39.24
CA VAL D 1306 5.36 3.93 -38.49
C VAL D 1306 5.03 3.81 -37.00
N THR D 1307 5.62 4.70 -36.21
CA THR D 1307 5.43 4.72 -34.75
C THR D 1307 5.32 6.15 -34.22
N PHE D 1308 4.42 6.35 -33.26
CA PHE D 1308 4.20 7.66 -32.64
C PHE D 1308 4.84 7.72 -31.26
N SER D 1309 6.12 8.12 -31.23
CA SER D 1309 6.84 8.28 -29.97
C SER D 1309 6.38 9.57 -29.29
N VAL D 1310 5.70 9.44 -28.15
CA VAL D 1310 5.17 10.58 -27.42
C VAL D 1310 5.11 10.31 -25.92
N MET D 1311 6.22 10.61 -25.25
CA MET D 1311 6.31 10.51 -23.78
C MET D 1311 6.00 11.87 -23.17
N PRO D 1312 4.81 12.01 -22.56
CA PRO D 1312 4.34 13.24 -21.93
C PRO D 1312 5.04 13.53 -20.60
N PRO D 1313 4.65 14.64 -19.94
CA PRO D 1313 5.18 15.11 -18.66
C PRO D 1313 4.94 14.13 -17.51
N LYS D 1314 6.03 13.55 -16.99
CA LYS D 1314 5.99 12.51 -15.96
C LYS D 1314 5.13 11.32 -16.39
N LYS D 1315 5.62 10.57 -17.38
CA LYS D 1315 4.89 9.43 -17.94
C LYS D 1315 5.79 8.51 -18.76
N SER D 1316 5.42 7.23 -18.82
CA SER D 1316 6.12 6.25 -19.65
C SER D 1316 5.83 6.51 -21.13
N TRP D 1317 6.79 6.14 -21.98
CA TRP D 1317 6.68 6.34 -23.43
C TRP D 1317 6.10 5.12 -24.19
N ARG D 1318 5.43 4.21 -23.47
CA ARG D 1318 4.86 3.00 -24.06
C ARG D 1318 3.64 3.30 -24.95
N ASN D 1319 3.18 2.29 -25.66
CA ASN D 1319 2.10 2.43 -26.64
C ASN D 1319 0.73 2.67 -26.01
N ILE D 1320 -0.14 3.35 -26.76
CA ILE D 1320 -1.51 3.64 -26.34
C ILE D 1320 -2.44 2.52 -26.82
N THR D 1321 -2.36 1.38 -26.13
CA THR D 1321 -3.17 0.20 -26.48
C THR D 1321 -4.62 0.38 -26.04
N ASN D 1322 -4.80 0.67 -24.75
CA ASN D 1322 -6.11 1.00 -24.18
C ASN D 1322 -5.99 2.30 -23.37
N LEU D 1323 -5.53 3.35 -24.06
CA LEU D 1323 -5.07 4.59 -23.42
C LEU D 1323 -6.08 5.75 -23.48
N SER D 1324 -7.14 5.63 -22.68
CA SER D 1324 -8.01 6.75 -22.25
C SER D 1324 -8.50 7.79 -23.29
N GLY D 1325 -7.55 8.51 -23.92
CA GLY D 1325 -7.86 9.56 -24.90
C GLY D 1325 -7.26 10.92 -24.58
N GLY D 1326 -6.98 11.17 -23.29
CA GLY D 1326 -6.45 12.45 -22.82
C GLY D 1326 -5.15 12.91 -23.44
N GLU D 1327 -4.21 11.97 -23.60
CA GLU D 1327 -2.93 12.26 -24.26
C GLU D 1327 -3.08 12.51 -25.76
N LYS D 1328 -4.02 11.80 -26.40
CA LYS D 1328 -4.28 11.95 -27.84
C LYS D 1328 -4.97 13.26 -28.24
N THR D 1329 -5.58 13.95 -27.27
CA THR D 1329 -6.22 15.25 -27.53
C THR D 1329 -5.21 16.32 -27.94
N LEU D 1330 -4.15 16.46 -27.14
CA LEU D 1330 -3.06 17.38 -27.44
C LEU D 1330 -2.14 16.89 -28.57
N SER D 1331 -2.06 15.57 -28.75
CA SER D 1331 -1.18 14.96 -29.77
C SER D 1331 -1.61 15.28 -31.20
N SER D 1332 -2.91 15.15 -31.48
CA SER D 1332 -3.46 15.45 -32.81
C SER D 1332 -3.39 16.95 -33.14
N LEU D 1333 -3.58 17.80 -32.14
CA LEU D 1333 -3.43 19.25 -32.30
C LEU D 1333 -1.97 19.66 -32.51
N ALA D 1334 -1.08 19.07 -31.70
CA ALA D 1334 0.37 19.32 -31.83
C ALA D 1334 0.97 18.76 -33.12
N LEU D 1335 0.38 17.68 -33.64
CA LEU D 1335 0.79 17.10 -34.92
C LEU D 1335 0.48 18.01 -36.11
N VAL D 1336 -0.72 18.60 -36.10
CA VAL D 1336 -1.16 19.52 -37.16
C VAL D 1336 -0.81 20.99 -36.92
N PHE D 1337 -0.23 21.32 -35.76
CA PHE D 1337 0.15 22.70 -35.43
C PHE D 1337 1.34 23.20 -36.25
N ALA D 1338 2.39 22.37 -36.35
CA ALA D 1338 3.59 22.70 -37.12
C ALA D 1338 3.49 22.38 -38.63
N LEU D 1339 2.34 21.85 -39.07
CA LEU D 1339 2.10 21.58 -40.49
C LEU D 1339 2.05 22.84 -41.36
N HIS D 1340 1.61 23.97 -40.79
CA HIS D 1340 1.58 25.25 -41.48
C HIS D 1340 2.96 25.76 -41.91
N LYS D 1341 3.99 25.38 -41.16
CA LYS D 1341 5.38 25.73 -41.51
C LYS D 1341 5.84 25.01 -42.80
N TYR D 1342 5.49 23.73 -42.93
CA TYR D 1342 5.87 22.93 -44.09
C TYR D 1342 4.85 23.03 -45.22
N LYS D 1343 3.63 22.55 -44.96
CA LYS D 1343 2.55 22.49 -45.95
C LYS D 1343 1.37 23.34 -45.53
N PRO D 1344 1.36 24.61 -45.95
CA PRO D 1344 0.32 25.60 -45.68
C PRO D 1344 -0.82 25.56 -46.70
N THR D 1345 -2.00 25.99 -46.27
CA THR D 1345 -3.19 26.08 -47.13
C THR D 1345 -3.81 27.48 -47.03
N PRO D 1346 -4.90 27.71 -47.78
CA PRO D 1346 -5.69 28.93 -47.81
C PRO D 1346 -6.30 29.28 -46.45
N LEU D 1347 -6.81 28.26 -45.75
CA LEU D 1347 -7.35 28.43 -44.40
C LEU D 1347 -7.43 27.10 -43.65
N TYR D 1348 -7.78 27.19 -42.37
CA TYR D 1348 -8.02 26.02 -41.52
C TYR D 1348 -9.25 26.25 -40.64
N VAL D 1349 -9.68 25.20 -39.94
CA VAL D 1349 -10.88 25.26 -39.10
C VAL D 1349 -10.95 24.11 -38.09
N MET D 1350 -11.05 24.47 -36.81
CA MET D 1350 -11.21 23.50 -35.72
C MET D 1350 -12.70 23.24 -35.45
N ASP D 1351 -12.96 22.29 -34.54
CA ASP D 1351 -14.34 21.96 -34.15
C ASP D 1351 -14.38 21.21 -32.81
N GLU D 1352 -14.50 21.98 -31.71
CA GLU D 1352 -14.68 21.44 -30.36
C GLU D 1352 -13.53 20.56 -29.89
N ILE D 1353 -12.42 21.20 -29.51
CA ILE D 1353 -11.23 20.51 -29.00
C ILE D 1353 -11.32 20.09 -27.53
N ASP D 1354 -12.36 20.57 -26.82
CA ASP D 1354 -12.60 20.20 -25.42
C ASP D 1354 -13.23 18.79 -25.30
N ALA D 1355 -13.73 18.48 -24.10
CA ALA D 1355 -14.34 17.17 -23.79
C ALA D 1355 -13.28 16.05 -23.81
N ALA D 1356 -12.73 15.77 -22.63
CA ALA D 1356 -11.53 14.93 -22.41
C ALA D 1356 -10.21 15.73 -22.45
N LEU D 1357 -10.24 16.94 -23.00
CA LEU D 1357 -9.15 17.91 -22.82
C LEU D 1357 -9.50 18.76 -21.61
N ASP D 1358 -8.55 18.90 -20.68
CA ASP D 1358 -8.78 19.62 -19.42
C ASP D 1358 -8.91 21.12 -19.63
N PHE D 1359 -9.39 21.82 -18.59
CA PHE D 1359 -9.59 23.27 -18.62
C PHE D 1359 -8.28 24.05 -18.79
N ARG D 1360 -7.22 23.57 -18.14
CA ARG D 1360 -5.88 24.16 -18.28
C ARG D 1360 -5.28 23.87 -19.66
N ASN D 1361 -5.46 22.64 -20.15
CA ASN D 1361 -4.99 22.24 -21.48
C ASN D 1361 -5.72 22.95 -22.62
N VAL D 1362 -7.04 23.05 -22.50
CA VAL D 1362 -7.88 23.73 -23.50
C VAL D 1362 -7.74 25.26 -23.48
N SER D 1363 -7.29 25.82 -22.36
CA SER D 1363 -7.10 27.28 -22.22
C SER D 1363 -5.98 27.82 -23.11
N ILE D 1364 -4.83 27.15 -23.08
CA ILE D 1364 -3.64 27.58 -23.84
C ILE D 1364 -3.47 26.93 -25.22
N VAL D 1365 -4.48 26.20 -25.69
CA VAL D 1365 -4.44 25.55 -27.01
C VAL D 1365 -4.59 26.57 -28.14
N ALA D 1366 -5.63 27.40 -28.03
CA ALA D 1366 -5.87 28.50 -28.99
C ALA D 1366 -4.88 29.66 -28.85
N ASN D 1367 -4.24 29.78 -27.68
CA ASN D 1367 -3.24 30.82 -27.44
C ASN D 1367 -1.99 30.73 -28.33
N TYR D 1368 -1.65 29.52 -28.77
CA TYR D 1368 -0.57 29.30 -29.75
C TYR D 1368 -0.93 29.89 -31.12
N ILE D 1369 -2.18 29.67 -31.54
CA ILE D 1369 -2.67 30.17 -32.84
C ILE D 1369 -3.17 31.62 -32.82
N LYS D 1370 -3.41 32.17 -31.64
CA LYS D 1370 -3.98 33.52 -31.51
C LYS D 1370 -2.98 34.62 -31.91
N GLU D 1371 -1.88 34.71 -31.17
CA GLU D 1371 -0.87 35.74 -31.39
C GLU D 1371 0.12 35.36 -32.51
N ARG D 1372 0.59 34.11 -32.47
CA ARG D 1372 1.63 33.64 -33.40
C ARG D 1372 1.13 33.38 -34.82
N THR D 1373 -0.07 32.80 -34.96
CA THR D 1373 -0.58 32.34 -36.26
C THR D 1373 -1.38 33.38 -37.05
N LYS D 1374 -1.00 34.66 -36.95
CA LYS D 1374 -1.44 35.67 -37.91
C LYS D 1374 -0.71 35.38 -39.23
N ASN D 1375 -1.49 35.28 -40.31
CA ASN D 1375 -1.08 34.66 -41.60
C ASN D 1375 -1.52 33.19 -41.72
N ALA D 1376 -2.35 32.73 -40.77
CA ALA D 1376 -2.98 31.41 -40.84
C ALA D 1376 -4.40 31.49 -40.27
N GLN D 1377 -5.34 30.77 -40.90
CA GLN D 1377 -6.75 30.77 -40.50
C GLN D 1377 -7.06 29.62 -39.54
N PHE D 1378 -8.15 29.76 -38.79
CA PHE D 1378 -8.58 28.75 -37.82
C PHE D 1378 -10.01 29.01 -37.32
N ILE D 1379 -10.99 28.75 -38.19
CA ILE D 1379 -12.40 28.88 -37.83
C ILE D 1379 -12.80 27.76 -36.87
N VAL D 1380 -12.58 28.01 -35.58
CA VAL D 1380 -12.69 27.00 -34.52
C VAL D 1380 -13.98 27.11 -33.71
N ILE D 1381 -14.59 25.97 -33.41
CA ILE D 1381 -15.71 25.89 -32.48
C ILE D 1381 -15.17 25.78 -31.06
N SER D 1382 -15.67 26.63 -30.16
CA SER D 1382 -15.18 26.71 -28.78
C SER D 1382 -16.35 26.64 -27.78
N LEU D 1383 -16.53 25.47 -27.18
CA LEU D 1383 -17.59 25.25 -26.18
C LEU D 1383 -17.18 25.64 -24.75
N ARG D 1384 -15.87 25.76 -24.50
CA ARG D 1384 -15.36 26.11 -23.16
C ARG D 1384 -15.62 27.57 -22.79
N ASN D 1385 -15.39 27.89 -21.52
CA ASN D 1385 -15.64 29.23 -20.99
C ASN D 1385 -14.62 30.25 -21.49
N ASN D 1386 -13.34 29.98 -21.24
CA ASN D 1386 -12.24 30.85 -21.68
C ASN D 1386 -12.05 30.89 -23.20
N MET D 1387 -12.37 29.78 -23.87
CA MET D 1387 -12.32 29.71 -25.33
C MET D 1387 -13.40 30.58 -25.99
N PHE D 1388 -14.62 30.52 -25.44
CA PHE D 1388 -15.74 31.36 -25.91
C PHE D 1388 -15.59 32.82 -25.48
N GLU D 1389 -15.13 33.04 -24.25
CA GLU D 1389 -14.92 34.39 -23.72
C GLU D 1389 -13.80 35.15 -24.43
N LEU D 1390 -12.73 34.43 -24.80
CA LEU D 1390 -11.61 35.00 -25.58
C LEU D 1390 -11.71 34.63 -27.07
N ALA D 1391 -12.93 34.55 -27.60
CA ALA D 1391 -13.15 34.24 -29.02
C ALA D 1391 -12.96 35.48 -29.89
N GLN D 1392 -12.59 35.25 -31.14
CA GLN D 1392 -12.34 36.34 -32.10
C GLN D 1392 -13.63 36.97 -32.64
N GLN D 1393 -14.64 36.13 -32.88
CA GLN D 1393 -15.95 36.60 -33.36
C GLN D 1393 -17.07 35.65 -32.96
N LEU D 1394 -18.24 36.20 -32.63
CA LEU D 1394 -19.40 35.41 -32.20
C LEU D 1394 -20.23 34.90 -33.37
N VAL D 1395 -20.97 33.82 -33.14
CA VAL D 1395 -21.87 33.24 -34.14
C VAL D 1395 -23.13 32.68 -33.47
N GLY D 1396 -24.07 33.58 -33.18
CA GLY D 1396 -25.31 33.23 -32.49
C GLY D 1396 -26.36 32.63 -33.38
N VAL D 1397 -26.32 31.31 -33.54
CA VAL D 1397 -27.32 30.57 -34.31
C VAL D 1397 -28.59 30.39 -33.48
N TYR D 1398 -29.74 30.65 -34.11
CA TYR D 1398 -31.04 30.57 -33.44
C TYR D 1398 -32.11 29.96 -34.36
N LYS D 1399 -32.78 28.92 -33.88
CA LYS D 1399 -33.82 28.24 -34.65
C LYS D 1399 -35.15 29.00 -34.56
N ARG D 1400 -35.72 29.35 -35.71
CA ARG D 1400 -37.01 30.03 -35.80
C ARG D 1400 -37.80 29.49 -36.99
N ASP D 1401 -39.04 29.05 -36.73
CA ASP D 1401 -39.89 28.39 -37.72
C ASP D 1401 -39.27 27.11 -38.27
N ASN D 1402 -38.65 26.33 -37.38
CA ASN D 1402 -37.91 25.11 -37.72
C ASN D 1402 -36.78 25.33 -38.75
N ARG D 1403 -36.04 26.43 -38.56
CA ARG D 1403 -34.94 26.81 -39.46
C ARG D 1403 -33.97 27.76 -38.77
N THR D 1404 -32.67 27.51 -38.94
CA THR D 1404 -31.63 28.27 -38.25
C THR D 1404 -31.37 29.62 -38.92
N LYS D 1405 -31.34 30.68 -38.11
CA LYS D 1405 -30.97 32.02 -38.54
C LYS D 1405 -29.85 32.55 -37.63
N SER D 1406 -28.75 33.00 -38.24
CA SER D 1406 -27.53 33.35 -37.51
C SER D 1406 -27.45 34.82 -37.13
N THR D 1407 -26.52 35.12 -36.21
CA THR D 1407 -26.23 36.49 -35.80
C THR D 1407 -24.76 36.62 -35.36
N THR D 1408 -24.25 37.85 -35.37
CA THR D 1408 -22.84 38.10 -35.05
C THR D 1408 -22.57 39.59 -34.78
N ILE D 1409 -21.50 39.85 -34.04
CA ILE D 1409 -21.07 41.21 -33.68
C ILE D 1409 -19.58 41.26 -33.37
N LYS D 1410 -19.07 42.46 -33.09
CA LYS D 1410 -17.65 42.66 -32.77
C LYS D 1410 -17.31 42.08 -31.40
N ASN D 1411 -16.09 41.59 -31.25
CA ASN D 1411 -15.60 40.97 -30.02
C ASN D 1411 -14.61 41.88 -29.27
N ILE D 1412 -15.07 43.09 -28.96
CA ILE D 1412 -14.29 44.07 -28.20
C ILE D 1412 -14.44 43.82 -26.69
N ASP D 1413 -13.86 44.71 -25.88
CA ASP D 1413 -13.98 44.63 -24.42
C ASP D 1413 -15.42 44.88 -23.97
N ILE D 1414 -16.02 43.89 -23.33
CA ILE D 1414 -17.43 43.94 -22.91
C ILE D 1414 -17.53 43.96 -21.37
N LEU D 1415 -17.95 45.10 -20.83
CA LEU D 1415 -18.12 45.26 -19.39
C LEU D 1415 -18.97 46.48 -19.05
#